data_3CRP
# 
_entry.id   3CRP 
# 
_audit_conform.dict_name       mmcif_pdbx.dic 
_audit_conform.dict_version    5.377 
_audit_conform.dict_location   http://mmcif.pdb.org/dictionaries/ascii/mmcif_pdbx.dic 
# 
loop_
_database_2.database_id 
_database_2.database_code 
_database_2.pdbx_database_accession 
_database_2.pdbx_DOI 
PDB   3CRP         pdb_00003crp 10.2210/pdb3crp/pdb 
RCSB  RCSB047131   ?            ?                   
WWPDB D_1000047131 ?            ?                   
# 
loop_
_pdbx_database_related.db_name 
_pdbx_database_related.db_id 
_pdbx_database_related.details 
_pdbx_database_related.content_type 
PDB 2ZTA 'wild-type protein'                                unspecified 
PDB 2NRN 'one component of the title protein complex'       unspecified 
PDB 2B1F 'the other component of the title protein complex' unspecified 
PDB 3CK4 'A heterospecific leucine zipper tetramer'         unspecified 
# 
_pdbx_database_status.status_code                     REL 
_pdbx_database_status.entry_id                        3CRP 
_pdbx_database_status.recvd_initial_deposition_date   2008-04-07 
_pdbx_database_status.deposit_site                    RCSB 
_pdbx_database_status.process_site                    RCSB 
_pdbx_database_status.status_code_sf                  REL 
_pdbx_database_status.status_code_mr                  ? 
_pdbx_database_status.SG_entry                        ? 
_pdbx_database_status.pdb_format_compatible           Y 
_pdbx_database_status.status_code_cs                  ? 
_pdbx_database_status.status_code_nmr_data            ? 
_pdbx_database_status.methods_development_category    ? 
# 
_audit_author.name           'Liu, J.' 
_audit_author.pdbx_ordinal   1 
# 
_citation.id                        primary 
_citation.title                     'A heterospecific leucine zipper tetramer.' 
_citation.journal_abbrev            Chem.Biol. 
_citation.journal_volume            15 
_citation.page_first                908 
_citation.page_last                 919 
_citation.year                      2008 
_citation.journal_id_ASTM           CBOLE2 
_citation.country                   UK 
_citation.journal_id_ISSN           1074-5521 
_citation.journal_id_CSD            2050 
_citation.book_publisher            ? 
_citation.pdbx_database_id_PubMed   18804028 
_citation.pdbx_database_id_DOI      10.1016/j.chembiol.2008.07.008 
# 
loop_
_citation_author.citation_id 
_citation_author.name 
_citation_author.ordinal 
_citation_author.identifier_ORCID 
primary 'Deng, Y.'         1 ? 
primary 'Liu, J.'          2 ? 
primary 'Zheng, Q.'        3 ? 
primary 'Li, Q.'           4 ? 
primary 'Kallenbach, N.R.' 5 ? 
primary 'Lu, M.'           6 ? 
# 
_cell.entry_id           3CRP 
_cell.length_a           79.473 
_cell.length_b           79.473 
_cell.length_c           54.947 
_cell.angle_alpha        90.00 
_cell.angle_beta         90.00 
_cell.angle_gamma        90.00 
_cell.Z_PDB              24 
_cell.pdbx_unique_axis   ? 
_cell.length_a_esd       ? 
_cell.length_b_esd       ? 
_cell.length_c_esd       ? 
_cell.angle_alpha_esd    ? 
_cell.angle_beta_esd     ? 
_cell.angle_gamma_esd    ? 
# 
_symmetry.entry_id                         3CRP 
_symmetry.space_group_name_H-M             'P 4 21 2' 
_symmetry.pdbx_full_space_group_name_H-M   ? 
_symmetry.cell_setting                     ? 
_symmetry.Int_Tables_number                90 
_symmetry.space_group_name_Hall            ? 
# 
loop_
_entity.id 
_entity.type 
_entity.src_method 
_entity.pdbx_description 
_entity.formula_weight 
_entity.pdbx_number_of_molecules 
_entity.pdbx_ec 
_entity.pdbx_mutation 
_entity.pdbx_fragment 
_entity.details 
1 polymer     man 'GCN4 leucine zipper' 3902.606 2   ? ? 'UNP residues 251-281' ? 
2 polymer     man 'GCN4 leucine zipper' 3902.540 3   ? ? 'UNP residues 251-281' ? 
3 non-polymer syn 'SODIUM ION'          22.990   1   ? ? ?                      ? 
4 water       nat water                 18.015   130 ? ? ?                      ? 
# 
loop_
_entity_name_com.entity_id 
_entity_name_com.name 
1 'Amino acid biosynthesis regulatory protein' 
2 'Amino acid biosynthesis regulatory protein' 
# 
loop_
_entity_poly.entity_id 
_entity_poly.type 
_entity_poly.nstd_linkage 
_entity_poly.nstd_monomer 
_entity_poly.pdbx_seq_one_letter_code 
_entity_poly.pdbx_seq_one_letter_code_can 
_entity_poly.pdbx_strand_id 
_entity_poly.pdbx_target_identifier 
1 'polypeptide(L)' no no MKVKQLADKVEELLSKNYHLANEVARLAKLVGER MKVKQLADKVEELLSKNYHLANEVARLAKLVGER A,D   ? 
2 'polypeptide(L)' no no MKVKQLEDAVEELLSANYHLENAVARLKKLVGER MKVKQLEDAVEELLSANYHLENAVARLKKLVGER B,C,E ? 
# 
loop_
_entity_poly_seq.entity_id 
_entity_poly_seq.num 
_entity_poly_seq.mon_id 
_entity_poly_seq.hetero 
1 1  MET n 
1 2  LYS n 
1 3  VAL n 
1 4  LYS n 
1 5  GLN n 
1 6  LEU n 
1 7  ALA n 
1 8  ASP n 
1 9  LYS n 
1 10 VAL n 
1 11 GLU n 
1 12 GLU n 
1 13 LEU n 
1 14 LEU n 
1 15 SER n 
1 16 LYS n 
1 17 ASN n 
1 18 TYR n 
1 19 HIS n 
1 20 LEU n 
1 21 ALA n 
1 22 ASN n 
1 23 GLU n 
1 24 VAL n 
1 25 ALA n 
1 26 ARG n 
1 27 LEU n 
1 28 ALA n 
1 29 LYS n 
1 30 LEU n 
1 31 VAL n 
1 32 GLY n 
1 33 GLU n 
1 34 ARG n 
2 1  MET n 
2 2  LYS n 
2 3  VAL n 
2 4  LYS n 
2 5  GLN n 
2 6  LEU n 
2 7  GLU n 
2 8  ASP n 
2 9  ALA n 
2 10 VAL n 
2 11 GLU n 
2 12 GLU n 
2 13 LEU n 
2 14 LEU n 
2 15 SER n 
2 16 ALA n 
2 17 ASN n 
2 18 TYR n 
2 19 HIS n 
2 20 LEU n 
2 21 GLU n 
2 22 ASN n 
2 23 ALA n 
2 24 VAL n 
2 25 ALA n 
2 26 ARG n 
2 27 LEU n 
2 28 LYS n 
2 29 LYS n 
2 30 LEU n 
2 31 VAL n 
2 32 GLY n 
2 33 GLU n 
2 34 ARG n 
# 
loop_
_entity_src_gen.entity_id 
_entity_src_gen.pdbx_src_id 
_entity_src_gen.pdbx_alt_source_flag 
_entity_src_gen.pdbx_seq_type 
_entity_src_gen.pdbx_beg_seq_num 
_entity_src_gen.pdbx_end_seq_num 
_entity_src_gen.gene_src_common_name 
_entity_src_gen.gene_src_genus 
_entity_src_gen.pdbx_gene_src_gene 
_entity_src_gen.gene_src_species 
_entity_src_gen.gene_src_strain 
_entity_src_gen.gene_src_tissue 
_entity_src_gen.gene_src_tissue_fraction 
_entity_src_gen.gene_src_details 
_entity_src_gen.pdbx_gene_src_fragment 
_entity_src_gen.pdbx_gene_src_scientific_name 
_entity_src_gen.pdbx_gene_src_ncbi_taxonomy_id 
_entity_src_gen.pdbx_gene_src_variant 
_entity_src_gen.pdbx_gene_src_cell_line 
_entity_src_gen.pdbx_gene_src_atcc 
_entity_src_gen.pdbx_gene_src_organ 
_entity_src_gen.pdbx_gene_src_organelle 
_entity_src_gen.pdbx_gene_src_cell 
_entity_src_gen.pdbx_gene_src_cellular_location 
_entity_src_gen.host_org_common_name 
_entity_src_gen.pdbx_host_org_scientific_name 
_entity_src_gen.pdbx_host_org_ncbi_taxonomy_id 
_entity_src_gen.host_org_genus 
_entity_src_gen.pdbx_host_org_gene 
_entity_src_gen.pdbx_host_org_organ 
_entity_src_gen.host_org_species 
_entity_src_gen.pdbx_host_org_tissue 
_entity_src_gen.pdbx_host_org_tissue_fraction 
_entity_src_gen.pdbx_host_org_strain 
_entity_src_gen.pdbx_host_org_variant 
_entity_src_gen.pdbx_host_org_cell_line 
_entity_src_gen.pdbx_host_org_atcc 
_entity_src_gen.pdbx_host_org_culture_collection 
_entity_src_gen.pdbx_host_org_cell 
_entity_src_gen.pdbx_host_org_organelle 
_entity_src_gen.pdbx_host_org_cellular_location 
_entity_src_gen.pdbx_host_org_vector_type 
_entity_src_gen.pdbx_host_org_vector 
_entity_src_gen.host_org_details 
_entity_src_gen.expression_system_id 
_entity_src_gen.plasmid_name 
_entity_src_gen.plasmid_details 
_entity_src_gen.pdbx_description 
1 1 sample ? ? ? 
;Baker's yeast
;
? 'GCN4, AAS3, ARG9' ? ? ? ? ? ? 'Saccharomyces cerevisiae' ? ? ? ? ? ? ? ? ? 'Escherichia coli' ? ? ? ? ? ? ? BL21 ? ? ? ? ? ? ? 
'T7 expression vector' ? ? ? pAE4 ? ? 
2 1 sample ? ? ? 
;Baker's yeast
;
? 'GCN4, AAS3, ARG9' ? ? ? ? ? ? 'Saccharomyces cerevisiae' ? ? ? ? ? ? ? ? ? 'Escherichia coli' ? ? ? ? ? ? ? BL21 ? ? ? ? ? ? ? 
'T7 expression vector' ? ? ? pAE4 ? ? 
# 
loop_
_struct_ref.id 
_struct_ref.db_name 
_struct_ref.db_code 
_struct_ref.pdbx_db_accession 
_struct_ref.entity_id 
_struct_ref.pdbx_seq_one_letter_code 
_struct_ref.pdbx_align_begin 
_struct_ref.pdbx_db_isoform 
1 UNP GCN4_YEAST P03069 1 KQLEDKVEELLSKNYHLENEVARLKKLVGER 251 ? 
2 UNP GCN4_YEAST P03069 2 KQLEDKVEELLSKNYHLENEVARLKKLVGER 251 ? 
# 
loop_
_struct_ref_seq.align_id 
_struct_ref_seq.ref_id 
_struct_ref_seq.pdbx_PDB_id_code 
_struct_ref_seq.pdbx_strand_id 
_struct_ref_seq.seq_align_beg 
_struct_ref_seq.pdbx_seq_align_beg_ins_code 
_struct_ref_seq.seq_align_end 
_struct_ref_seq.pdbx_seq_align_end_ins_code 
_struct_ref_seq.pdbx_db_accession 
_struct_ref_seq.db_align_beg 
_struct_ref_seq.pdbx_db_align_beg_ins_code 
_struct_ref_seq.db_align_end 
_struct_ref_seq.pdbx_db_align_end_ins_code 
_struct_ref_seq.pdbx_auth_seq_align_beg 
_struct_ref_seq.pdbx_auth_seq_align_end 
1 1 3CRP A 4 ? 34 ? P03069 251 ? 281 ? 4 34 
2 2 3CRP B 4 ? 34 ? P03069 251 ? 281 ? 4 34 
3 2 3CRP C 4 ? 34 ? P03069 251 ? 281 ? 4 34 
4 1 3CRP D 4 ? 34 ? P03069 251 ? 281 ? 4 34 
5 2 3CRP E 4 ? 34 ? P03069 251 ? 281 ? 4 34 
# 
loop_
_struct_ref_seq_dif.align_id 
_struct_ref_seq_dif.pdbx_pdb_id_code 
_struct_ref_seq_dif.mon_id 
_struct_ref_seq_dif.pdbx_pdb_strand_id 
_struct_ref_seq_dif.seq_num 
_struct_ref_seq_dif.pdbx_pdb_ins_code 
_struct_ref_seq_dif.pdbx_seq_db_name 
_struct_ref_seq_dif.pdbx_seq_db_accession_code 
_struct_ref_seq_dif.db_mon_id 
_struct_ref_seq_dif.pdbx_seq_db_seq_num 
_struct_ref_seq_dif.details 
_struct_ref_seq_dif.pdbx_auth_seq_num 
_struct_ref_seq_dif.pdbx_ordinal 
1 3CRP MET A 1  ? UNP P03069 ?   ?   'expression tag'      1  1  
1 3CRP LYS A 2  ? UNP P03069 ?   ?   'expression tag'      2  2  
1 3CRP VAL A 3  ? UNP P03069 ?   ?   'expression tag'      3  3  
1 3CRP ALA A 7  ? UNP P03069 GLU 254 'engineered mutation' 7  4  
1 3CRP ALA A 21 ? UNP P03069 GLU 268 'engineered mutation' 21 5  
1 3CRP ALA A 28 ? UNP P03069 LYS 275 'engineered mutation' 28 6  
2 3CRP MET B 1  ? UNP P03069 ?   ?   'expression tag'      1  7  
2 3CRP LYS B 2  ? UNP P03069 ?   ?   'expression tag'      2  8  
2 3CRP VAL B 3  ? UNP P03069 ?   ?   'expression tag'      3  9  
2 3CRP ALA B 9  ? UNP P03069 LYS 256 'engineered mutation' 9  10 
2 3CRP ALA B 16 ? UNP P03069 LYS 263 'engineered mutation' 16 11 
2 3CRP ALA B 23 ? UNP P03069 GLU 270 'engineered mutation' 23 12 
3 3CRP MET C 1  ? UNP P03069 ?   ?   'expression tag'      1  13 
3 3CRP LYS C 2  ? UNP P03069 ?   ?   'expression tag'      2  14 
3 3CRP VAL C 3  ? UNP P03069 ?   ?   'expression tag'      3  15 
3 3CRP ALA C 9  ? UNP P03069 LYS 256 'engineered mutation' 9  16 
3 3CRP ALA C 16 ? UNP P03069 LYS 263 'engineered mutation' 16 17 
3 3CRP ALA C 23 ? UNP P03069 GLU 270 'engineered mutation' 23 18 
4 3CRP MET D 1  ? UNP P03069 ?   ?   'expression tag'      1  19 
4 3CRP LYS D 2  ? UNP P03069 ?   ?   'expression tag'      2  20 
4 3CRP VAL D 3  ? UNP P03069 ?   ?   'expression tag'      3  21 
4 3CRP ALA D 7  ? UNP P03069 GLU 254 'engineered mutation' 7  22 
4 3CRP ALA D 21 ? UNP P03069 GLU 268 'engineered mutation' 21 23 
4 3CRP ALA D 28 ? UNP P03069 LYS 275 'engineered mutation' 28 24 
5 3CRP MET E 1  ? UNP P03069 ?   ?   'expression tag'      1  25 
5 3CRP LYS E 2  ? UNP P03069 ?   ?   'expression tag'      2  26 
5 3CRP VAL E 3  ? UNP P03069 ?   ?   'expression tag'      3  27 
5 3CRP ALA E 9  ? UNP P03069 LYS 256 'engineered mutation' 9  28 
5 3CRP ALA E 16 ? UNP P03069 LYS 263 'engineered mutation' 16 29 
5 3CRP ALA E 23 ? UNP P03069 GLU 270 'engineered mutation' 23 30 
# 
loop_
_chem_comp.id 
_chem_comp.type 
_chem_comp.mon_nstd_flag 
_chem_comp.name 
_chem_comp.pdbx_synonyms 
_chem_comp.formula 
_chem_comp.formula_weight 
ALA 'L-peptide linking' y ALANINE         ? 'C3 H7 N O2'     89.093  
ARG 'L-peptide linking' y ARGININE        ? 'C6 H15 N4 O2 1' 175.209 
ASN 'L-peptide linking' y ASPARAGINE      ? 'C4 H8 N2 O3'    132.118 
ASP 'L-peptide linking' y 'ASPARTIC ACID' ? 'C4 H7 N O4'     133.103 
GLN 'L-peptide linking' y GLUTAMINE       ? 'C5 H10 N2 O3'   146.144 
GLU 'L-peptide linking' y 'GLUTAMIC ACID' ? 'C5 H9 N O4'     147.129 
GLY 'peptide linking'   y GLYCINE         ? 'C2 H5 N O2'     75.067  
HIS 'L-peptide linking' y HISTIDINE       ? 'C6 H10 N3 O2 1' 156.162 
HOH non-polymer         . WATER           ? 'H2 O'           18.015  
LEU 'L-peptide linking' y LEUCINE         ? 'C6 H13 N O2'    131.173 
LYS 'L-peptide linking' y LYSINE          ? 'C6 H15 N2 O2 1' 147.195 
MET 'L-peptide linking' y METHIONINE      ? 'C5 H11 N O2 S'  149.211 
NA  non-polymer         . 'SODIUM ION'    ? 'Na 1'           22.990  
SER 'L-peptide linking' y SERINE          ? 'C3 H7 N O3'     105.093 
TYR 'L-peptide linking' y TYROSINE        ? 'C9 H11 N O3'    181.189 
VAL 'L-peptide linking' y VALINE          ? 'C5 H11 N O2'    117.146 
# 
_exptl.entry_id          3CRP 
_exptl.method            'X-RAY DIFFRACTION' 
_exptl.crystals_number   1 
# 
_exptl_crystal.id                    1 
_exptl_crystal.density_meas          ? 
_exptl_crystal.density_Matthews      2.22 
_exptl_crystal.density_percent_sol   44.67 
_exptl_crystal.description           ? 
_exptl_crystal.F_000                 ? 
_exptl_crystal.preparation           ? 
# 
_exptl_crystal_grow.crystal_id      1 
_exptl_crystal_grow.method          'VAPOR DIFFUSION, HANGING DROP' 
_exptl_crystal_grow.temp            295.0 
_exptl_crystal_grow.temp_details    ? 
_exptl_crystal_grow.pH              9.8 
_exptl_crystal_grow.pdbx_details    
'0.1M Tris-HCl, 0.05M magnesium chloride, 13% PEG 4000, pH 9.8, VAPOR DIFFUSION, HANGING DROP, temperature 295.0K' 
_exptl_crystal_grow.pdbx_pH_range   . 
# 
_diffrn.id                     1 
_diffrn.ambient_temp           100 
_diffrn.ambient_temp_details   ? 
_diffrn.crystal_id             1 
# 
_diffrn_detector.diffrn_id              1 
_diffrn_detector.detector               'IMAGE PLATE' 
_diffrn_detector.type                   'MAR scanner 345 mm plate' 
_diffrn_detector.pdbx_collection_date   2006-05-18 
_diffrn_detector.details                ? 
# 
_diffrn_radiation.diffrn_id                        1 
_diffrn_radiation.wavelength_id                    1 
_diffrn_radiation.pdbx_monochromatic_or_laue_m_l   M 
_diffrn_radiation.monochromator                    GRAPHITE 
_diffrn_radiation.pdbx_diffrn_protocol             'SINGLE WAVELENGTH' 
_diffrn_radiation.pdbx_scattering_type             x-ray 
# 
_diffrn_radiation_wavelength.id           1 
_diffrn_radiation_wavelength.wavelength   0.9795 
_diffrn_radiation_wavelength.wt           1.0 
# 
_diffrn_source.diffrn_id                   1 
_diffrn_source.source                      SYNCHROTRON 
_diffrn_source.type                        'NSLS BEAMLINE X4A' 
_diffrn_source.pdbx_synchrotron_site       NSLS 
_diffrn_source.pdbx_synchrotron_beamline   X4A 
_diffrn_source.pdbx_wavelength             ? 
_diffrn_source.pdbx_wavelength_list        0.9795 
# 
_reflns.entry_id                     3CRP 
_reflns.observed_criterion_sigma_F   0.0 
_reflns.observed_criterion_sigma_I   0.0 
_reflns.d_resolution_high            1.70 
_reflns.d_resolution_low             25.1 
_reflns.number_all                   19756 
_reflns.number_obs                   19756 
_reflns.percent_possible_obs         99.4 
_reflns.pdbx_Rmerge_I_obs            0.055 
_reflns.pdbx_Rsym_value              ? 
_reflns.pdbx_netI_over_sigmaI        15.2 
_reflns.B_iso_Wilson_estimate        24.2 
_reflns.pdbx_redundancy              9.2 
_reflns.R_free_details               ? 
_reflns.limit_h_max                  ? 
_reflns.limit_h_min                  ? 
_reflns.limit_k_max                  ? 
_reflns.limit_k_min                  ? 
_reflns.limit_l_max                  ? 
_reflns.limit_l_min                  ? 
_reflns.observed_criterion_F_max     ? 
_reflns.observed_criterion_F_min     ? 
_reflns.pdbx_chi_squared             ? 
_reflns.pdbx_scaling_rejects         ? 
_reflns.pdbx_ordinal                 1 
_reflns.pdbx_diffrn_id               1 
# 
_reflns_shell.d_res_high             1.70 
_reflns_shell.d_res_low              1.74 
_reflns_shell.percent_possible_all   99.9 
_reflns_shell.Rmerge_I_obs           0.556 
_reflns_shell.pdbx_Rsym_value        ? 
_reflns_shell.meanI_over_sigI_obs    4.9 
_reflns_shell.pdbx_redundancy        9.0 
_reflns_shell.percent_possible_obs   ? 
_reflns_shell.number_unique_all      1281 
_reflns_shell.number_measured_all    ? 
_reflns_shell.number_measured_obs    ? 
_reflns_shell.number_unique_obs      ? 
_reflns_shell.pdbx_chi_squared       ? 
_reflns_shell.pdbx_ordinal           1 
_reflns_shell.pdbx_diffrn_id         1 
# 
_refine.entry_id                                 3CRP 
_refine.ls_number_reflns_obs                     19756 
_refine.ls_number_reflns_all                     19756 
_refine.pdbx_ls_sigma_I                          0.0 
_refine.pdbx_ls_sigma_F                          0.0 
_refine.pdbx_data_cutoff_high_absF               ? 
_refine.pdbx_data_cutoff_low_absF                ? 
_refine.pdbx_data_cutoff_high_rms_absF           ? 
_refine.ls_d_res_low                             25.1 
_refine.ls_d_res_high                            1.70 
_refine.ls_percent_reflns_obs                    99.4 
_refine.ls_R_factor_obs                          0.20419 
_refine.ls_R_factor_all                          0.20419 
_refine.ls_R_factor_R_work                       0.20274 
_refine.ls_R_factor_R_free                       0.23045 
_refine.ls_R_factor_R_free_error                 ? 
_refine.ls_R_factor_R_free_error_details         ? 
_refine.ls_percent_reflns_R_free                 5.1 
_refine.ls_number_reflns_R_free                  1012 
_refine.ls_number_parameters                     ? 
_refine.ls_number_restraints                     ? 
_refine.occupancy_min                            ? 
_refine.occupancy_max                            ? 
_refine.correlation_coeff_Fo_to_Fc               0.950 
_refine.correlation_coeff_Fo_to_Fc_free          0.939 
_refine.B_iso_mean                               37.345 
_refine.aniso_B[1][1]                            -0.44 
_refine.aniso_B[2][2]                            -0.44 
_refine.aniso_B[3][3]                            0.89 
_refine.aniso_B[1][2]                            0.00 
_refine.aniso_B[1][3]                            0.00 
_refine.aniso_B[2][3]                            0.00 
_refine.solvent_model_details                    'BABINET MODEL WITH MASK' 
_refine.solvent_model_param_ksol                 ? 
_refine.solvent_model_param_bsol                 ? 
_refine.pdbx_solvent_vdw_probe_radii             1.40 
_refine.pdbx_solvent_ion_probe_radii             0.80 
_refine.pdbx_solvent_shrinkage_radii             0.80 
_refine.pdbx_ls_cross_valid_method               THROUGHOUT 
_refine.details                                  ? 
_refine.pdbx_starting_model                      'PDB ENTRY 2NRN' 
_refine.pdbx_method_to_determine_struct          'MOLECULAR REPLACEMENT' 
_refine.pdbx_isotropic_thermal_model             'Isotropic with TLS group assigned for each peptide chain' 
_refine.pdbx_stereochemistry_target_values       'MAXIMUM LIKELIHOOD' 
_refine.pdbx_stereochem_target_val_spec_case     ? 
_refine.pdbx_R_Free_selection_details            RANDOM 
_refine.pdbx_overall_ESU_R                       0.114 
_refine.pdbx_overall_ESU_R_Free                  0.109 
_refine.overall_SU_ML                            0.069 
_refine.overall_SU_B                             4.122 
_refine.ls_redundancy_reflns_obs                 ? 
_refine.B_iso_min                                ? 
_refine.B_iso_max                                ? 
_refine.overall_SU_R_Cruickshank_DPI             ? 
_refine.overall_SU_R_free                        ? 
_refine.ls_wR_factor_R_free                      ? 
_refine.ls_wR_factor_R_work                      ? 
_refine.overall_FOM_free_R_set                   ? 
_refine.overall_FOM_work_R_set                   ? 
_refine.pdbx_overall_phase_error                 ? 
_refine.pdbx_refine_id                           'X-RAY DIFFRACTION' 
_refine.pdbx_TLS_residual_ADP_flag               'LIKELY RESIDUAL' 
_refine.pdbx_diffrn_id                           1 
_refine.pdbx_overall_SU_R_free_Cruickshank_DPI   ? 
_refine.pdbx_overall_SU_R_Blow_DPI               ? 
_refine.pdbx_overall_SU_R_free_Blow_DPI          ? 
# 
_refine_hist.pdbx_refine_id                   'X-RAY DIFFRACTION' 
_refine_hist.cycle_id                         LAST 
_refine_hist.pdbx_number_atoms_protein        1256 
_refine_hist.pdbx_number_atoms_nucleic_acid   0 
_refine_hist.pdbx_number_atoms_ligand         1 
_refine_hist.number_atoms_solvent             130 
_refine_hist.number_atoms_total               1387 
_refine_hist.d_res_high                       1.70 
_refine_hist.d_res_low                        25.1 
# 
loop_
_refine_ls_restr.type 
_refine_ls_restr.dev_ideal 
_refine_ls_restr.dev_ideal_target 
_refine_ls_restr.weight 
_refine_ls_restr.number 
_refine_ls_restr.pdbx_refine_id 
_refine_ls_restr.pdbx_restraint_function 
r_bond_refined_d             0.017  0.022  ? 1261 'X-RAY DIFFRACTION' ? 
r_bond_other_d               ?      ?      ? ?    'X-RAY DIFFRACTION' ? 
r_angle_refined_deg          1.534  2.004  ? 1685 'X-RAY DIFFRACTION' ? 
r_angle_other_deg            ?      ?      ? ?    'X-RAY DIFFRACTION' ? 
r_dihedral_angle_1_deg       3.664  5.000  ? 153  'X-RAY DIFFRACTION' ? 
r_dihedral_angle_2_deg       38.153 26.000 ? 55   'X-RAY DIFFRACTION' ? 
r_dihedral_angle_3_deg       15.461 15.000 ? 272  'X-RAY DIFFRACTION' ? 
r_dihedral_angle_4_deg       19.252 15.000 ? 6    'X-RAY DIFFRACTION' ? 
r_chiral_restr               0.103  0.200  ? 205  'X-RAY DIFFRACTION' ? 
r_gen_planes_refined         0.007  0.020  ? 872  'X-RAY DIFFRACTION' ? 
r_gen_planes_other           ?      ?      ? ?    'X-RAY DIFFRACTION' ? 
r_nbd_refined                0.243  0.200  ? 640  'X-RAY DIFFRACTION' ? 
r_nbd_other                  ?      ?      ? ?    'X-RAY DIFFRACTION' ? 
r_nbtor_refined              0.300  0.200  ? 889  'X-RAY DIFFRACTION' ? 
r_nbtor_other                ?      ?      ? ?    'X-RAY DIFFRACTION' ? 
r_xyhbond_nbd_refined        0.177  0.200  ? 90   'X-RAY DIFFRACTION' ? 
r_xyhbond_nbd_other          ?      ?      ? ?    'X-RAY DIFFRACTION' ? 
r_metal_ion_refined          0.295  0.200  ? 3    'X-RAY DIFFRACTION' ? 
r_metal_ion_other            ?      ?      ? ?    'X-RAY DIFFRACTION' ? 
r_symmetry_vdw_refined       0.235  0.200  ? 45   'X-RAY DIFFRACTION' ? 
r_symmetry_vdw_other         ?      ?      ? ?    'X-RAY DIFFRACTION' ? 
r_symmetry_hbond_refined     0.199  0.200  ? 14   'X-RAY DIFFRACTION' ? 
r_symmetry_hbond_other       ?      ?      ? ?    'X-RAY DIFFRACTION' ? 
r_symmetry_metal_ion_refined 0.495  0.200  ? 1    'X-RAY DIFFRACTION' ? 
r_symmetry_metal_ion_other   ?      ?      ? ?    'X-RAY DIFFRACTION' ? 
r_mcbond_it                  0.873  1.500  ? 783  'X-RAY DIFFRACTION' ? 
r_mcbond_other               ?      ?      ? ?    'X-RAY DIFFRACTION' ? 
r_mcangle_it                 1.526  2.000  ? 1242 'X-RAY DIFFRACTION' ? 
r_scbond_it                  2.941  3.000  ? 483  'X-RAY DIFFRACTION' ? 
r_scangle_it                 4.938  4.500  ? 443  'X-RAY DIFFRACTION' ? 
r_rigid_bond_restr           ?      ?      ? ?    'X-RAY DIFFRACTION' ? 
r_sphericity_free            ?      ?      ? ?    'X-RAY DIFFRACTION' ? 
r_sphericity_bonded          ?      ?      ? ?    'X-RAY DIFFRACTION' ? 
# 
_refine_ls_shell.pdbx_total_number_of_bins_used   20 
_refine_ls_shell.d_res_high                       1.702 
_refine_ls_shell.d_res_low                        1.746 
_refine_ls_shell.number_reflns_R_work             1288 
_refine_ls_shell.R_factor_R_work                  0.195 
_refine_ls_shell.percent_reflns_obs               94.8 
_refine_ls_shell.R_factor_R_free                  0.285 
_refine_ls_shell.R_factor_R_free_error            ? 
_refine_ls_shell.percent_reflns_R_free            ? 
_refine_ls_shell.number_reflns_R_free             70 
_refine_ls_shell.number_reflns_all                ? 
_refine_ls_shell.R_factor_all                     ? 
_refine_ls_shell.number_reflns_obs                1358 
_refine_ls_shell.redundancy_reflns_obs            ? 
_refine_ls_shell.pdbx_refine_id                   'X-RAY DIFFRACTION' 
# 
_struct.entry_id                  3CRP 
_struct.title                     'A heterospecific leucine zipper tetramer' 
_struct.pdbx_model_details        ? 
_struct.pdbx_CASP_flag            ? 
_struct.pdbx_model_type_details   ? 
# 
_struct_keywords.entry_id        3CRP 
_struct_keywords.pdbx_keywords   'PROTEIN BINDING' 
_struct_keywords.text            
;Coiled coils, anti-parallel tetramer, protein complex, heterospecific interaction, Activator, Amino-acid biosynthesis, DNA-binding, Nucleus, Phosphoprotein, Transcription, Transcription regulation, PROTEIN BINDING
;
# 
loop_
_struct_asym.id 
_struct_asym.pdbx_blank_PDB_chainid_flag 
_struct_asym.pdbx_modified 
_struct_asym.entity_id 
_struct_asym.details 
A N N 1 ? 
B N N 2 ? 
C N N 2 ? 
D N N 1 ? 
E N N 2 ? 
F N N 3 ? 
G N N 4 ? 
H N N 4 ? 
I N N 4 ? 
J N N 4 ? 
K N N 4 ? 
# 
_struct_biol.id        1 
_struct_biol.details   
;The biological assemblies are a hetero-tetramer,  
and a homo-tetramer generated by symmtry element.
;
# 
loop_
_struct_conf.conf_type_id 
_struct_conf.id 
_struct_conf.pdbx_PDB_helix_id 
_struct_conf.beg_label_comp_id 
_struct_conf.beg_label_asym_id 
_struct_conf.beg_label_seq_id 
_struct_conf.pdbx_beg_PDB_ins_code 
_struct_conf.end_label_comp_id 
_struct_conf.end_label_asym_id 
_struct_conf.end_label_seq_id 
_struct_conf.pdbx_end_PDB_ins_code 
_struct_conf.beg_auth_comp_id 
_struct_conf.beg_auth_asym_id 
_struct_conf.beg_auth_seq_id 
_struct_conf.end_auth_comp_id 
_struct_conf.end_auth_asym_id 
_struct_conf.end_auth_seq_id 
_struct_conf.pdbx_PDB_helix_class 
_struct_conf.details 
_struct_conf.pdbx_PDB_helix_length 
HELX_P HELX_P1 1 MET A 1 ? LYS A 29 ? MET A 1 LYS A 29 1 ? 29 
HELX_P HELX_P2 2 MET B 1 ? GLY B 32 ? MET B 1 GLY B 32 1 ? 32 
HELX_P HELX_P3 3 MET C 1 ? VAL C 31 ? MET C 1 VAL C 31 1 ? 31 
HELX_P HELX_P4 4 MET D 1 ? GLY D 32 ? MET D 1 GLY D 32 1 ? 32 
HELX_P HELX_P5 5 VAL E 3 ? VAL E 31 ? VAL E 3 VAL E 31 1 ? 29 
# 
_struct_conf_type.id          HELX_P 
_struct_conf_type.criteria    ? 
_struct_conf_type.reference   ? 
# 
loop_
_struct_conn.id 
_struct_conn.conn_type_id 
_struct_conn.pdbx_leaving_atom_flag 
_struct_conn.pdbx_PDB_id 
_struct_conn.ptnr1_label_asym_id 
_struct_conn.ptnr1_label_comp_id 
_struct_conn.ptnr1_label_seq_id 
_struct_conn.ptnr1_label_atom_id 
_struct_conn.pdbx_ptnr1_label_alt_id 
_struct_conn.pdbx_ptnr1_PDB_ins_code 
_struct_conn.pdbx_ptnr1_standard_comp_id 
_struct_conn.ptnr1_symmetry 
_struct_conn.ptnr2_label_asym_id 
_struct_conn.ptnr2_label_comp_id 
_struct_conn.ptnr2_label_seq_id 
_struct_conn.ptnr2_label_atom_id 
_struct_conn.pdbx_ptnr2_label_alt_id 
_struct_conn.pdbx_ptnr2_PDB_ins_code 
_struct_conn.ptnr1_auth_asym_id 
_struct_conn.ptnr1_auth_comp_id 
_struct_conn.ptnr1_auth_seq_id 
_struct_conn.ptnr2_auth_asym_id 
_struct_conn.ptnr2_auth_comp_id 
_struct_conn.ptnr2_auth_seq_id 
_struct_conn.ptnr2_symmetry 
_struct_conn.pdbx_ptnr3_label_atom_id 
_struct_conn.pdbx_ptnr3_label_seq_id 
_struct_conn.pdbx_ptnr3_label_comp_id 
_struct_conn.pdbx_ptnr3_label_asym_id 
_struct_conn.pdbx_ptnr3_label_alt_id 
_struct_conn.pdbx_ptnr3_PDB_ins_code 
_struct_conn.details 
_struct_conn.pdbx_dist_value 
_struct_conn.pdbx_value_order 
_struct_conn.pdbx_role 
metalc1 metalc ? ? B HIS 19 NE2 ? ? ? 1_555 F NA  .  NA  ? ? B HIS 19 B NA  35 1_555 ? ? ? ? ? ? ? 2.167 ? ? 
metalc2 metalc ? ? F NA  .  NA  ? ? ? 1_555 C HIS 19 NE2 ? ? B NA  35 C HIS 19 1_555 ? ? ? ? ? ? ? 2.281 ? ? 
metalc3 metalc ? ? F NA  .  NA  ? ? ? 1_555 I HOH .  O   ? ? B NA  35 C HOH 35 1_555 ? ? ? ? ? ? ? 2.020 ? ? 
# 
_struct_conn_type.id          metalc 
_struct_conn_type.criteria    ? 
_struct_conn_type.reference   ? 
# 
_struct_site.id                   AC1 
_struct_site.pdbx_evidence_code   Software 
_struct_site.pdbx_auth_asym_id    B 
_struct_site.pdbx_auth_comp_id    NA 
_struct_site.pdbx_auth_seq_id     35 
_struct_site.pdbx_auth_ins_code   ? 
_struct_site.pdbx_num_residues    3 
_struct_site.details              'BINDING SITE FOR RESIDUE NA B 35' 
# 
loop_
_struct_site_gen.id 
_struct_site_gen.site_id 
_struct_site_gen.pdbx_num_res 
_struct_site_gen.label_comp_id 
_struct_site_gen.label_asym_id 
_struct_site_gen.label_seq_id 
_struct_site_gen.pdbx_auth_ins_code 
_struct_site_gen.auth_comp_id 
_struct_site_gen.auth_asym_id 
_struct_site_gen.auth_seq_id 
_struct_site_gen.label_atom_id 
_struct_site_gen.label_alt_id 
_struct_site_gen.symmetry 
_struct_site_gen.details 
1 AC1 3 HIS B 19 ? HIS B 19 . ? 1_555 ? 
2 AC1 3 LYS C 4  ? LYS C 4  . ? 7_556 ? 
3 AC1 3 HIS C 19 ? HIS C 19 . ? 1_555 ? 
# 
_atom_sites.entry_id                    3CRP 
_atom_sites.fract_transf_matrix[1][1]   -0.00210267 
_atom_sites.fract_transf_matrix[1][2]   0.01239378 
_atom_sites.fract_transf_matrix[1][3]   0.00055228 
_atom_sites.fract_transf_matrix[2][1]   -0.01080136 
_atom_sites.fract_transf_matrix[2][2]   -0.00155333 
_atom_sites.fract_transf_matrix[2][3]   -0.00626495 
_atom_sites.fract_transf_matrix[3][1]   -0.00882624 
_atom_sites.fract_transf_matrix[3][2]   -0.00219982 
_atom_sites.fract_transf_matrix[3][3]   0.01576267 
_atom_sites.fract_transf_vector[1]      0.242815 
_atom_sites.fract_transf_vector[2]      0.428835 
_atom_sites.fract_transf_vector[3]      0.272269 
# 
loop_
_atom_type.symbol 
C  
N  
NA 
O  
S  
# 
loop_
_atom_site.group_PDB 
_atom_site.id 
_atom_site.type_symbol 
_atom_site.label_atom_id 
_atom_site.label_alt_id 
_atom_site.label_comp_id 
_atom_site.label_asym_id 
_atom_site.label_entity_id 
_atom_site.label_seq_id 
_atom_site.pdbx_PDB_ins_code 
_atom_site.Cartn_x 
_atom_site.Cartn_y 
_atom_site.Cartn_z 
_atom_site.occupancy 
_atom_site.B_iso_or_equiv 
_atom_site.pdbx_formal_charge 
_atom_site.auth_seq_id 
_atom_site.auth_comp_id 
_atom_site.auth_asym_id 
_atom_site.auth_atom_id 
_atom_site.pdbx_PDB_model_num 
ATOM   1    N  N   . MET A 1 1  ? 18.346  -4.045  -16.356 1.00 43.61 ? 1   MET A N   1 
ATOM   2    C  CA  . MET A 1 1  ? 17.732  -2.792  -16.834 1.00 43.51 ? 1   MET A CA  1 
ATOM   3    C  C   . MET A 1 1  ? 16.953  -2.191  -15.671 1.00 41.77 ? 1   MET A C   1 
ATOM   4    O  O   . MET A 1 1  ? 16.657  -2.885  -14.685 1.00 42.50 ? 1   MET A O   1 
ATOM   5    C  CB  . MET A 1 1  ? 16.728  -3.073  -17.956 1.00 44.73 ? 1   MET A CB  1 
ATOM   6    C  CG  . MET A 1 1  ? 15.364  -3.415  -17.328 1.00 46.47 ? 1   MET A CG  1 
ATOM   7    S  SD  . MET A 1 1  ? 13.848  -3.634  -18.266 1.00 53.61 ? 1   MET A SD  1 
ATOM   8    C  CE  . MET A 1 1  ? 13.834  -2.090  -19.189 1.00 50.61 ? 1   MET A CE  1 
ATOM   9    N  N   . LYS A 1 2  ? 16.569  -0.931  -15.838 1.00 40.27 ? 2   LYS A N   1 
ATOM   10   C  CA  . LYS A 1 2  ? 15.820  -0.160  -14.839 1.00 39.63 ? 2   LYS A CA  1 
ATOM   11   C  C   . LYS A 1 2  ? 14.416  -0.684  -14.589 1.00 39.22 ? 2   LYS A C   1 
ATOM   12   O  O   . LYS A 1 2  ? 14.008  -0.857  -13.420 1.00 38.68 ? 2   LYS A O   1 
ATOM   13   C  CB  . LYS A 1 2  ? 15.740  1.311   -15.266 1.00 40.45 ? 2   LYS A CB  1 
ATOM   14   C  CG  . LYS A 1 2  ? 15.234  2.234   -14.168 1.00 43.68 ? 2   LYS A CG  1 
ATOM   15   C  CD  . LYS A 1 2  ? 16.160  2.239   -12.968 1.00 48.44 ? 2   LYS A CD  1 
ATOM   16   C  CE  . LYS A 1 2  ? 15.794  3.364   -12.002 1.00 50.16 ? 2   LYS A CE  1 
ATOM   17   N  NZ  . LYS A 1 2  ? 16.203  3.027   -10.607 1.00 50.42 ? 2   LYS A NZ  1 
ATOM   18   N  N   . VAL A 1 3  ? 13.660  -0.941  -15.653 1.00 37.91 ? 3   VAL A N   1 
ATOM   19   C  CA  . VAL A 1 3  ? 12.264  -1.383  -15.470 1.00 37.08 ? 3   VAL A CA  1 
ATOM   20   C  C   . VAL A 1 3  ? 12.243  -2.751  -14.803 1.00 37.11 ? 3   VAL A C   1 
ATOM   21   O  O   . VAL A 1 3  ? 11.454  -2.966  -13.890 1.00 36.20 ? 3   VAL A O   1 
ATOM   22   C  CB  . VAL A 1 3  ? 11.451  -1.377  -16.803 1.00 38.54 ? 3   VAL A CB  1 
ATOM   23   C  CG1 . VAL A 1 3  ? 10.136  -2.133  -16.645 1.00 36.52 ? 3   VAL A CG1 1 
ATOM   24   C  CG2 . VAL A 1 3  ? 11.115  0.073   -17.196 1.00 37.29 ? 3   VAL A CG2 1 
ATOM   25   N  N   . LYS A 1 4  ? 13.114  -3.661  -15.245 1.00 38.04 ? 4   LYS A N   1 
ATOM   26   C  CA  . LYS A 1 4  ? 13.221  -4.981  -14.584 1.00 37.48 ? 4   LYS A CA  1 
ATOM   27   C  C   . LYS A 1 4  ? 13.596  -4.860  -13.112 1.00 37.69 ? 4   LYS A C   1 
ATOM   28   O  O   . LYS A 1 4  ? 13.023  -5.556  -12.259 1.00 36.13 ? 4   LYS A O   1 
ATOM   29   C  CB  . LYS A 1 4  ? 14.198  -5.891  -15.358 1.00 38.69 ? 4   LYS A CB  1 
ATOM   30   C  CG  . LYS A 1 4  ? 14.362  -7.306  -14.783 1.00 42.17 ? 4   LYS A CG  1 
ATOM   31   C  CD  . LYS A 1 4  ? 13.029  -8.073  -14.708 1.00 46.78 ? 4   LYS A CD  1 
ATOM   32   C  CE  . LYS A 1 4  ? 13.259  -9.583  -14.579 1.00 48.39 ? 4   LYS A CE  1 
ATOM   33   N  NZ  . LYS A 1 4  ? 13.725  -10.006 -13.223 1.00 48.08 ? 4   LYS A NZ  1 
ATOM   34   N  N   . GLN A 1 5  ? 14.553  -3.995  -12.792 1.00 36.91 ? 5   GLN A N   1 
ATOM   35   C  CA  . GLN A 1 5  ? 14.939  -3.805  -11.381 1.00 36.66 ? 5   GLN A CA  1 
ATOM   36   C  C   . GLN A 1 5  ? 13.770  -3.328  -10.544 1.00 34.81 ? 5   GLN A C   1 
ATOM   37   O  O   . GLN A 1 5  ? 13.588  -3.790  -9.435  1.00 35.15 ? 5   GLN A O   1 
ATOM   38   C  CB  . GLN A 1 5  ? 16.072  -2.800  -11.254 1.00 36.95 ? 5   GLN A CB  1 
ATOM   39   C  CG  . GLN A 1 5  ? 17.431  -3.423  -11.502 1.00 42.33 ? 5   GLN A CG  1 
ATOM   40   C  CD  . GLN A 1 5  ? 18.529  -2.402  -11.676 1.00 47.57 ? 5   GLN A CD  1 
ATOM   41   O  OE1 . GLN A 1 5  ? 18.274  -1.242  -12.006 1.00 51.06 ? 5   GLN A OE1 1 
ATOM   42   N  NE2 . GLN A 1 5  ? 19.770  -2.836  -11.483 1.00 50.15 ? 5   GLN A NE2 1 
ATOM   43   N  N   . LEU A 1 6  ? 12.995  -2.402  -11.099 1.00 33.56 ? 6   LEU A N   1 
ATOM   44   C  CA  . LEU A 1 6  ? 11.860  -1.853  -10.353 1.00 32.52 ? 6   LEU A CA  1 
ATOM   45   C  C   . LEU A 1 6  ? 10.768  -2.892  -10.264 1.00 33.34 ? 6   LEU A C   1 
ATOM   46   O  O   . LEU A 1 6  ? 10.096  -2.969  -9.237  1.00 33.49 ? 6   LEU A O   1 
ATOM   47   C  CB  . LEU A 1 6  ? 11.335  -0.582  -11.035 1.00 34.67 ? 6   LEU A CB  1 
ATOM   48   C  CG  . LEU A 1 6  ? 12.268  0.610   -10.824 1.00 32.82 ? 6   LEU A CG  1 
ATOM   49   C  CD1 . LEU A 1 6  ? 11.983  1.633   -11.877 1.00 33.76 ? 6   LEU A CD1 1 
ATOM   50   C  CD2 . LEU A 1 6  ? 12.129  1.226   -9.448  1.00 36.98 ? 6   LEU A CD2 1 
ATOM   51   N  N   . ALA A 1 7  ? 10.543  -3.654  -11.346 1.00 32.72 ? 7   ALA A N   1 
ATOM   52   C  CA  . ALA A 1 7  ? 9.521   -4.734  -11.255 1.00 33.44 ? 7   ALA A CA  1 
ATOM   53   C  C   . ALA A 1 7  ? 9.916   -5.736  -10.175 1.00 32.56 ? 7   ALA A C   1 
ATOM   54   O  O   . ALA A 1 7  ? 9.080   -6.207  -9.377  1.00 33.22 ? 7   ALA A O   1 
ATOM   55   C  CB  . ALA A 1 7  ? 9.393   -5.425  -12.632 1.00 32.96 ? 7   ALA A CB  1 
ATOM   56   N  N   . ASP A 1 8  ? 11.206  -6.050  -10.100 1.00 32.98 ? 8   ASP A N   1 
ATOM   57   C  CA  . ASP A 1 8  ? 11.707  -6.969  -9.056  1.00 33.18 ? 8   ASP A CA  1 
ATOM   58   C  C   . ASP A 1 8  ? 11.570  -6.376  -7.675  1.00 32.89 ? 8   ASP A C   1 
ATOM   59   O  O   . ASP A 1 8  ? 11.205  -7.072  -6.721  1.00 33.51 ? 8   ASP A O   1 
ATOM   60   C  CB  . ASP A 1 8  ? 13.179  -7.340  -9.329  1.00 34.02 ? 8   ASP A CB  1 
ATOM   61   C  CG  . ASP A 1 8  ? 13.330  -8.274  -10.522 1.00 35.72 ? 8   ASP A CG  1 
ATOM   62   O  OD1 . ASP A 1 8  ? 12.347  -8.983  -10.856 1.00 38.72 ? 8   ASP A OD1 1 
ATOM   63   O  OD2 . ASP A 1 8  ? 14.444  -8.345  -11.083 1.00 36.66 ? 8   ASP A OD2 1 
ATOM   64   N  N   . LYS A 1 9  ? 11.806  -5.076  -7.552  1.00 33.23 ? 9   LYS A N   1 
ATOM   65   C  CA  . LYS A 1 9  ? 11.637  -4.427  -6.268  1.00 33.00 ? 9   LYS A CA  1 
ATOM   66   C  C   . LYS A 1 9  ? 10.169  -4.486  -5.809  1.00 33.22 ? 9   LYS A C   1 
ATOM   67   O  O   . LYS A 1 9  ? 9.885   -4.709  -4.623  1.00 33.41 ? 9   LYS A O   1 
ATOM   68   C  CB  . LYS A 1 9  ? 12.067  -2.969  -6.344  1.00 32.99 ? 9   LYS A CB  1 
ATOM   69   C  CG  . LYS A 1 9  ? 11.919  -2.209  -4.999  1.00 35.47 ? 9   LYS A CG  1 
ATOM   70   C  CD  . LYS A 1 9  ? 12.794  -2.740  -3.883  1.00 35.42 ? 9   LYS A CD  1 
ATOM   71   C  CE  . LYS A 1 9  ? 14.297  -2.704  -4.075  1.00 40.96 ? 9   LYS A CE  1 
ATOM   72   N  NZ  . LYS A 1 9  ? 14.853  -3.236  -2.735  1.00 46.37 ? 9   LYS A NZ  1 
ATOM   73   N  N   . VAL A 1 10 ? 9.244   -4.221  -6.721  1.00 32.36 ? 10  VAL A N   1 
ATOM   74   C  CA  . VAL A 1 10 ? 7.780   -4.355  -6.417  1.00 31.72 ? 10  VAL A CA  1 
ATOM   75   C  C   . VAL A 1 10 ? 7.499   -5.745  -5.865  1.00 33.76 ? 10  VAL A C   1 
ATOM   76   O  O   . VAL A 1 10 ? 6.820   -5.909  -4.840  1.00 33.37 ? 10  VAL A O   1 
ATOM   77   C  CB  . VAL A 1 10 ? 6.888   -4.064  -7.626  1.00 31.65 ? 10  VAL A CB  1 
ATOM   78   C  CG1 . VAL A 1 10 ? 5.408   -4.433  -7.330  1.00 32.44 ? 10  VAL A CG1 1 
ATOM   79   C  CG2 . VAL A 1 10 ? 6.962   -2.570  -7.963  1.00 32.67 ? 10  VAL A CG2 1 
ATOM   80   N  N   . GLU A 1 11 ? 7.975   -6.772  -6.550  1.00 32.78 ? 11  GLU A N   1 
ATOM   81   C  CA  . GLU A 1 11 ? 7.722   -8.154  -6.038  1.00 33.13 ? 11  GLU A CA  1 
ATOM   82   C  C   . GLU A 1 11 ? 8.359   -8.402  -4.677  1.00 34.03 ? 11  GLU A C   1 
ATOM   83   O  O   . GLU A 1 11 ? 7.762   -9.068  -3.824  1.00 34.51 ? 11  GLU A O   1 
ATOM   84   C  CB  . GLU A 1 11 ? 8.156   -9.166  -7.126  1.00 34.39 ? 11  GLU A CB  1 
ATOM   85   C  CG  . GLU A 1 11 ? 7.249   -9.042  -8.377  1.00 39.06 ? 11  GLU A CG  1 
ATOM   86   C  CD  . GLU A 1 11 ? 5.797   -9.581  -8.200  1.00 50.14 ? 11  GLU A CD  1 
ATOM   87   O  OE1 . GLU A 1 11 ? 4.955   -8.857  -7.610  1.00 55.07 ? 11  GLU A OE1 1 
ATOM   88   O  OE2 . GLU A 1 11 ? 5.474   -10.702 -8.695  1.00 53.77 ? 11  GLU A OE2 1 
ATOM   89   N  N   . GLU A 1 12 ? 9.545   -7.829  -4.437  1.00 33.73 ? 12  GLU A N   1 
ATOM   90   C  CA  . GLU A 1 12 ? 10.236  -7.981  -3.125  1.00 32.80 ? 12  GLU A CA  1 
ATOM   91   C  C   . GLU A 1 12 ? 9.384   -7.347  -2.030  1.00 33.84 ? 12  GLU A C   1 
ATOM   92   O  O   . GLU A 1 12 ? 9.071   -7.977  -0.985  1.00 34.25 ? 12  GLU A O   1 
ATOM   93   C  CB  . GLU A 1 12 ? 11.588  -7.261  -3.230  1.00 34.30 ? 12  GLU A CB  1 
ATOM   94   C  CG  . GLU A 1 12 ? 12.302  -7.245  -1.905  1.00 33.85 ? 12  GLU A CG  1 
ATOM   95   C  CD  . GLU A 1 12 ? 13.502  -6.337  -1.878  1.00 38.53 ? 12  GLU A CD  1 
ATOM   96   O  OE1 . GLU A 1 12 ? 13.985  -5.894  -2.933  1.00 38.79 ? 12  GLU A OE1 1 
ATOM   97   O  OE2 . GLU A 1 12 ? 13.976  -6.101  -0.744  1.00 45.35 ? 12  GLU A OE2 1 
ATOM   98   N  N   . LEU A 1 13 ? 8.884   -6.153  -2.328  1.00 33.66 ? 13  LEU A N   1 
ATOM   99   C  CA  . LEU A 1 13 ? 8.084   -5.414  -1.306  1.00 32.51 ? 13  LEU A CA  1 
ATOM   100  C  C   . LEU A 1 13 ? 6.735   -6.081  -1.107  1.00 34.55 ? 13  LEU A C   1 
ATOM   101  O  O   . LEU A 1 13 ? 6.198   -6.068  0.060   1.00 35.57 ? 13  LEU A O   1 
ATOM   102  C  CB  . LEU A 1 13 ? 7.933   -3.936  -1.667  1.00 33.58 ? 13  LEU A CB  1 
ATOM   103  C  CG  . LEU A 1 13 ? 9.277   -3.202  -1.719  1.00 32.81 ? 13  LEU A CG  1 
ATOM   104  C  CD1 . LEU A 1 13 ? 9.137   -1.753  -2.141  1.00 34.34 ? 13  LEU A CD1 1 
ATOM   105  C  CD2 . LEU A 1 13 ? 9.952   -3.294  -0.357  1.00 33.70 ? 13  LEU A CD2 1 
ATOM   106  N  N   . LEU A 1 14 ? 6.163   -6.675  -2.161  1.00 34.12 ? 14  LEU A N   1 
ATOM   107  C  CA  . LEU A 1 14 ? 4.891   -7.374  -2.005  1.00 34.06 ? 14  LEU A CA  1 
ATOM   108  C  C   . LEU A 1 14 ? 5.026   -8.640  -1.185  1.00 34.41 ? 14  LEU A C   1 
ATOM   109  O  O   . LEU A 1 14 ? 4.095   -9.007  -0.438  1.00 36.30 ? 14  LEU A O   1 
ATOM   110  C  CB  . LEU A 1 14 ? 4.208   -7.671  -3.335  1.00 34.25 ? 14  LEU A CB  1 
ATOM   111  C  CG  . LEU A 1 14 ? 3.646   -6.441  -4.058  1.00 35.41 ? 14  LEU A CG  1 
ATOM   112  C  CD1 . LEU A 1 14 ? 3.299   -6.886  -5.488  1.00 36.83 ? 14  LEU A CD1 1 
ATOM   113  C  CD2 . LEU A 1 14 ? 2.392   -5.835  -3.357  1.00 41.14 ? 14  LEU A CD2 1 
ATOM   114  N  N   . SER A 1 15 ? 6.152   -9.342  -1.335  1.00 33.76 ? 15  SER A N   1 
ATOM   115  C  CA  . SER A 1 15 ? 6.417   -10.526 -0.516  1.00 33.08 ? 15  SER A CA  1 
ATOM   116  C  C   . SER A 1 15 ? 6.448   -10.116 0.947   1.00 34.67 ? 15  SER A C   1 
ATOM   117  O  O   . SER A 1 15 ? 5.828   -10.766 1.785   1.00 34.36 ? 15  SER A O   1 
ATOM   118  C  CB  . SER A 1 15 ? 7.764   -11.153 -0.896  1.00 34.69 ? 15  SER A CB  1 
ATOM   119  O  OG  . SER A 1 15 ? 8.020   -12.278 -0.052  1.00 34.34 ? 15  SER A OG  1 
ATOM   120  N  N   . LYS A 1 16 ? 7.148   -9.021  1.248   1.00 34.56 ? 16  LYS A N   1 
ATOM   121  C  CA  . LYS A 1 16 ? 7.182   -8.541  2.677   1.00 34.07 ? 16  LYS A CA  1 
ATOM   122  C  C   . LYS A 1 16 ? 5.758   -8.144  3.118   1.00 34.67 ? 16  LYS A C   1 
ATOM   123  O  O   . LYS A 1 16 ? 5.332   -8.476  4.214   1.00 34.72 ? 16  LYS A O   1 
ATOM   124  C  CB  . LYS A 1 16 ? 8.146   -7.332  2.788   1.00 33.72 ? 16  LYS A CB  1 
ATOM   125  C  CG  . LYS A 1 16 ? 8.290   -6.796  4.261   1.00 35.48 ? 16  LYS A CG  1 
ATOM   126  C  CD  . LYS A 1 16 ? 9.268   -5.633  4.342   1.00 42.93 ? 16  LYS A CD  1 
ATOM   127  C  CE  . LYS A 1 16 ? 9.070   -4.777  5.621   1.00 42.18 ? 16  LYS A CE  1 
ATOM   128  N  NZ  . LYS A 1 16 ? 10.201  -3.818  5.705   1.00 45.78 ? 16  LYS A NZ  1 
ATOM   129  N  N   . ASN A 1 17 ? 5.011   -7.437  2.270   1.00 33.12 ? 17  ASN A N   1 
ATOM   130  C  CA  . ASN A 1 17 ? 3.611   -7.066  2.619   1.00 32.62 ? 17  ASN A CA  1 
ATOM   131  C  C   . ASN A 1 17 ? 2.759   -8.274  2.999   1.00 34.40 ? 17  ASN A C   1 
ATOM   132  O  O   . ASN A 1 17 ? 2.002   -8.238  3.968   1.00 34.10 ? 17  ASN A O   1 
ATOM   133  C  CB  . ASN A 1 17 ? 2.981   -6.369  1.409   1.00 33.31 ? 17  ASN A CB  1 
ATOM   134  C  CG  . ASN A 1 17 ? 1.776   -5.569  1.780   1.00 35.15 ? 17  ASN A CG  1 
ATOM   135  O  OD1 . ASN A 1 17 ? 1.854   -4.343  2.011   1.00 42.04 ? 17  ASN A OD1 1 
ATOM   136  N  ND2 . ASN A 1 17 ? 0.644   -6.225  1.797   1.00 33.74 ? 17  ASN A ND2 1 
ATOM   137  N  N   . TYR A 1 18 ? 2.842   -9.352  2.215   1.00 33.87 ? 18  TYR A N   1 
ATOM   138  C  CA  . TYR A 1 18 ? 2.023   -10.545 2.456   1.00 33.04 ? 18  TYR A CA  1 
ATOM   139  C  C   . TYR A 1 18 ? 2.408   -11.096 3.827   1.00 33.62 ? 18  TYR A C   1 
ATOM   140  O  O   . TYR A 1 18 ? 1.500   -11.466 4.610   1.00 34.50 ? 18  TYR A O   1 
ATOM   141  C  CB  . TYR A 1 18 ? 2.348   -11.565 1.336   1.00 34.21 ? 18  TYR A CB  1 
ATOM   142  C  CG  . TYR A 1 18 ? 1.608   -12.869 1.367   1.00 37.20 ? 18  TYR A CG  1 
ATOM   143  C  CD1 . TYR A 1 18 ? 0.223   -12.917 1.217   1.00 40.17 ? 18  TYR A CD1 1 
ATOM   144  C  CD2 . TYR A 1 18 ? 2.306   -14.081 1.449   1.00 42.80 ? 18  TYR A CD2 1 
ATOM   145  C  CE1 . TYR A 1 18 ? -0.468  -14.148 1.249   1.00 40.16 ? 18  TYR A CE1 1 
ATOM   146  C  CE2 . TYR A 1 18 ? 1.636   -15.289 1.475   1.00 42.47 ? 18  TYR A CE2 1 
ATOM   147  C  CZ  . TYR A 1 18 ? 0.257   -15.310 1.356   1.00 42.20 ? 18  TYR A CZ  1 
ATOM   148  O  OH  . TYR A 1 18 ? -0.384  -16.513 1.352   1.00 40.83 ? 18  TYR A OH  1 
ATOM   149  N  N   . HIS A 1 19 ? 3.714   -11.172 4.134   1.00 34.82 ? 19  HIS A N   1 
ATOM   150  C  CA  . HIS A 1 19 ? 4.167   -11.667 5.465   1.00 34.25 ? 19  HIS A CA  1 
ATOM   151  C  C   . HIS A 1 19 ? 3.583   -10.793 6.572   1.00 35.23 ? 19  HIS A C   1 
ATOM   152  O  O   . HIS A 1 19 ? 3.043   -11.300 7.578   1.00 34.30 ? 19  HIS A O   1 
ATOM   153  C  CB  . HIS A 1 19 ? 5.694   -11.705 5.593   1.00 34.27 ? 19  HIS A CB  1 
ATOM   154  C  CG  . HIS A 1 19 ? 6.166   -12.078 6.972   1.00 33.77 ? 19  HIS A CG  1 
ATOM   155  N  ND1 . HIS A 1 19 ? 5.722   -13.208 7.635   1.00 33.78 ? 19  HIS A ND1 1 
ATOM   156  C  CD2 . HIS A 1 19 ? 7.053   -11.478 7.803   1.00 35.98 ? 19  HIS A CD2 1 
ATOM   157  C  CE1 . HIS A 1 19 ? 6.320   -13.294 8.812   1.00 32.47 ? 19  HIS A CE1 1 
ATOM   158  N  NE2 . HIS A 1 19 ? 7.122   -12.249 8.946   1.00 34.34 ? 19  HIS A NE2 1 
ATOM   159  N  N   . LEU A 1 20 ? 3.739   -9.484  6.430   1.00 33.98 ? 20  LEU A N   1 
ATOM   160  C  CA  . LEU A 1 20 ? 3.287   -8.572  7.505   1.00 33.23 ? 20  LEU A CA  1 
ATOM   161  C  C   . LEU A 1 20 ? 1.796   -8.690  7.709   1.00 34.03 ? 20  LEU A C   1 
ATOM   162  O  O   . LEU A 1 20 ? 1.324   -8.675  8.858   1.00 32.77 ? 20  LEU A O   1 
ATOM   163  C  CB  . LEU A 1 20 ? 3.669   -7.113  7.205   1.00 32.86 ? 20  LEU A CB  1 
ATOM   164  C  CG  . LEU A 1 20 ? 5.203   -6.860  7.199   1.00 32.41 ? 20  LEU A CG  1 
ATOM   165  C  CD1 . LEU A 1 20 ? 5.445   -5.438  6.610   1.00 34.09 ? 20  LEU A CD1 1 
ATOM   166  C  CD2 . LEU A 1 20 ? 5.850   -7.008  8.566   1.00 36.39 ? 20  LEU A CD2 1 
ATOM   167  N  N   . ALA A 1 21 ? 1.039   -8.766  6.614   1.00 33.44 ? 21  ALA A N   1 
ATOM   168  C  CA  . ALA A 1 21 ? -0.428  -8.983  6.744   1.00 33.24 ? 21  ALA A CA  1 
ATOM   169  C  C   . ALA A 1 21 ? -0.740  -10.313 7.472   1.00 33.07 ? 21  ALA A C   1 
ATOM   170  O  O   . ALA A 1 21 ? -1.646  -10.406 8.284   1.00 32.70 ? 21  ALA A O   1 
ATOM   171  C  CB  . ALA A 1 21 ? -1.061  -8.993  5.361   1.00 33.92 ? 21  ALA A CB  1 
ATOM   172  N  N   . ASN A 1 22 ? 0.041   -11.340 7.153   1.00 32.83 ? 22  ASN A N   1 
ATOM   173  C  CA  . ASN A 1 22 ? -0.145  -12.643 7.794   1.00 33.71 ? 22  ASN A CA  1 
ATOM   174  C  C   . ASN A 1 22 ? 0.117   -12.540 9.289   1.00 34.13 ? 22  ASN A C   1 
ATOM   175  O  O   . ASN A 1 22 ? -0.570  -13.198 10.101  1.00 32.84 ? 22  ASN A O   1 
ATOM   176  C  CB  . ASN A 1 22 ? 0.789   -13.679 7.153   1.00 34.09 ? 22  ASN A CB  1 
ATOM   177  C  CG  . ASN A 1 22 ? 0.319   -14.148 5.750   1.00 40.50 ? 22  ASN A CG  1 
ATOM   178  O  OD1 . ASN A 1 22 ? -0.843  -13.953 5.343   1.00 44.21 ? 22  ASN A OD1 1 
ATOM   179  N  ND2 . ASN A 1 22 ? 1.248   -14.774 5.001   1.00 46.27 ? 22  ASN A ND2 1 
ATOM   180  N  N   . GLU A 1 23 ? 1.086   -11.720 9.661   1.00 33.24 ? 23  GLU A N   1 
ATOM   181  C  CA  . GLU A 1 23 ? 1.430   -11.540 11.096  1.00 33.16 ? 23  GLU A CA  1 
ATOM   182  C  C   . GLU A 1 23 ? 0.318   -10.777 11.792  1.00 32.97 ? 23  GLU A C   1 
ATOM   183  O  O   . GLU A 1 23 ? -0.082  -11.122 12.901  1.00 33.70 ? 23  GLU A O   1 
ATOM   184  C  CB  . GLU A 1 23 ? 2.743   -10.793 11.194  1.00 33.14 ? 23  GLU A CB  1 
ATOM   185  C  CG  . GLU A 1 23 ? 3.973   -11.665 10.828  1.00 32.53 ? 23  GLU A CG  1 
ATOM   186  C  CD  . GLU A 1 23 ? 4.199   -12.739 11.864  1.00 34.42 ? 23  GLU A CD  1 
ATOM   187  O  OE1 . GLU A 1 23 ? 4.951   -12.467 12.811  1.00 35.20 ? 23  GLU A OE1 1 
ATOM   188  O  OE2 . GLU A 1 23 ? 3.555   -13.817 11.772  1.00 35.60 ? 23  GLU A OE2 1 
ATOM   189  N  N   . VAL A 1 24 ? -0.228  -9.742  11.150  1.00 32.34 ? 24  VAL A N   1 
ATOM   190  C  CA  . VAL A 1 24 ? -1.352  -9.009  11.759  1.00 32.30 ? 24  VAL A CA  1 
ATOM   191  C  C   . VAL A 1 24 ? -2.486  -9.991  11.968  1.00 32.77 ? 24  VAL A C   1 
ATOM   192  O  O   . VAL A 1 24 ? -3.117  -9.992  13.060  1.00 33.06 ? 24  VAL A O   1 
ATOM   193  C  CB  . VAL A 1 24 ? -1.823  -7.799  10.875  1.00 31.16 ? 24  VAL A CB  1 
ATOM   194  C  CG1 . VAL A 1 24 ? -3.069  -7.133  11.464  1.00 31.58 ? 24  VAL A CG1 1 
ATOM   195  C  CG2 . VAL A 1 24 ? -0.702  -6.780  10.742  1.00 32.62 ? 24  VAL A CG2 1 
ATOM   196  N  N   . ALA A 1 25 ? -2.746  -10.836 10.967  1.00 32.43 ? 25  ALA A N   1 
ATOM   197  C  CA  . ALA A 1 25 ? -3.846  -11.832 11.092  1.00 33.87 ? 25  ALA A CA  1 
ATOM   198  C  C   . ALA A 1 25 ? -3.645  -12.799 12.256  1.00 34.05 ? 25  ALA A C   1 
ATOM   199  O  O   . ALA A 1 25 ? -4.570  -13.065 13.034  1.00 34.40 ? 25  ALA A O   1 
ATOM   200  C  CB  . ALA A 1 25 ? -4.011  -12.593 9.786   1.00 34.03 ? 25  ALA A CB  1 
ATOM   201  N  N   . ARG A 1 26 ? -2.429  -13.335 12.351  1.00 33.49 ? 26  ARG A N   1 
ATOM   202  C  CA  . ARG A 1 26 ? -2.027  -14.234 13.422  1.00 33.48 ? 26  ARG A CA  1 
ATOM   203  C  C   . ARG A 1 26 ? -2.253  -13.609 14.807  1.00 33.57 ? 26  ARG A C   1 
ATOM   204  O  O   . ARG A 1 26 ? -2.833  -14.247 15.741  1.00 34.50 ? 26  ARG A O   1 
ATOM   205  C  CB  . ARG A 1 26 ? -0.533  -14.609 13.244  1.00 33.93 ? 26  ARG A CB  1 
ATOM   206  C  CG  . ARG A 1 26 ? -0.014  -15.591 14.319  1.00 33.94 ? 26  ARG A CG  1 
ATOM   207  C  CD  . ARG A 1 26 ? 1.463   -15.912 14.127  1.00 33.56 ? 26  ARG A CD  1 
ATOM   208  N  NE  . ARG A 1 26 ? 2.352   -14.738 14.196  1.00 34.04 ? 26  ARG A NE  1 
ATOM   209  C  CZ  . ARG A 1 26 ? 2.755   -14.195 15.346  1.00 34.68 ? 26  ARG A CZ  1 
ATOM   210  N  NH1 . ARG A 1 26 ? 2.332   -14.687 16.513  1.00 33.90 ? 26  ARG A NH1 1 
ATOM   211  N  NH2 . ARG A 1 26 ? 3.574   -13.150 15.342  1.00 35.08 ? 26  ARG A NH2 1 
ATOM   212  N  N   . LEU A 1 27 ? -1.744  -12.394 14.953  1.00 33.02 ? 27  LEU A N   1 
ATOM   213  C  CA  . LEU A 1 27 ? -1.767  -11.696 16.258  1.00 32.64 ? 27  LEU A CA  1 
ATOM   214  C  C   . LEU A 1 27 ? -3.183  -11.271 16.550  1.00 33.58 ? 27  LEU A C   1 
ATOM   215  O  O   . LEU A 1 27 ? -3.574  -11.287 17.705  1.00 34.25 ? 27  LEU A O   1 
ATOM   216  C  CB  . LEU A 1 27 ? -0.852  -10.452 16.248  1.00 33.56 ? 27  LEU A CB  1 
ATOM   217  C  CG  . LEU A 1 27 ? 0.669   -10.777 16.155  1.00 32.40 ? 27  LEU A CG  1 
ATOM   218  C  CD1 . LEU A 1 27 ? 1.504   -9.613  15.568  1.00 33.13 ? 27  LEU A CD1 1 
ATOM   219  C  CD2 . LEU A 1 27 ? 1.169   -11.208 17.550  1.00 33.44 ? 27  LEU A CD2 1 
ATOM   220  N  N   . ALA A 1 28 ? -3.954  -10.856 15.537  1.00 33.83 ? 28  ALA A N   1 
ATOM   221  C  CA  . ALA A 1 28 ? -5.383  -10.467 15.805  1.00 35.30 ? 28  ALA A CA  1 
ATOM   222  C  C   . ALA A 1 28 ? -6.195  -11.587 16.462  1.00 35.45 ? 28  ALA A C   1 
ATOM   223  O  O   . ALA A 1 28 ? -7.114  -11.360 17.321  1.00 35.55 ? 28  ALA A O   1 
ATOM   224  C  CB  . ALA A 1 28 ? -6.064  -9.988  14.487  1.00 34.85 ? 28  ALA A CB  1 
ATOM   225  N  N   . LYS A 1 29 ? -5.883  -12.816 16.068  1.00 36.25 ? 29  LYS A N   1 
ATOM   226  C  CA  . LYS A 1 29 ? -6.601  -13.973 16.603  1.00 37.67 ? 29  LYS A CA  1 
ATOM   227  C  C   . LYS A 1 29 ? -6.297  -14.235 18.077  1.00 38.98 ? 29  LYS A C   1 
ATOM   228  O  O   . LYS A 1 29 ? -7.053  -14.941 18.751  1.00 37.85 ? 29  LYS A O   1 
ATOM   229  C  CB  . LYS A 1 29 ? -6.314  -15.229 15.775  1.00 38.59 ? 29  LYS A CB  1 
ATOM   230  C  CG  . LYS A 1 29 ? -7.046  -15.263 14.431  1.00 39.39 ? 29  LYS A CG  1 
ATOM   231  C  CD  . LYS A 1 29 ? -6.345  -16.252 13.493  1.00 46.38 ? 29  LYS A CD  1 
ATOM   232  C  CE  . LYS A 1 29 ? -7.087  -16.444 12.160  1.00 47.37 ? 29  LYS A CE  1 
ATOM   233  N  NZ  . LYS A 1 29 ? -6.804  -15.402 11.145  1.00 49.18 ? 29  LYS A NZ  1 
ATOM   234  N  N   . LEU A 1 30 ? -5.183  -13.685 18.561  1.00 40.16 ? 30  LEU A N   1 
ATOM   235  C  CA  . LEU A 1 30 ? -4.725  -13.892 19.948  1.00 40.67 ? 30  LEU A CA  1 
ATOM   236  C  C   . LEU A 1 30 ? -5.178  -12.773 20.880  1.00 41.24 ? 30  LEU A C   1 
ATOM   237  O  O   . LEU A 1 30 ? -4.970  -12.889 22.099  1.00 41.48 ? 30  LEU A O   1 
ATOM   238  C  CB  . LEU A 1 30 ? -3.203  -13.871 19.979  1.00 41.38 ? 30  LEU A CB  1 
ATOM   239  C  CG  . LEU A 1 30 ? -2.339  -15.129 19.962  1.00 44.66 ? 30  LEU A CG  1 
ATOM   240  C  CD1 . LEU A 1 30 ? -3.025  -16.374 19.368  1.00 46.01 ? 30  LEU A CD1 1 
ATOM   241  C  CD2 . LEU A 1 30 ? -1.044  -14.764 19.321  1.00 41.35 ? 30  LEU A CD2 1 
ATOM   242  N  N   . VAL A 1 31 ? -5.776  -11.676 20.314  1.00 41.47 ? 31  VAL A N   1 
ATOM   243  C  CA  . VAL A 1 31 ? -6.025  -10.453 21.136  1.00 44.20 ? 31  VAL A CA  1 
ATOM   244  C  C   . VAL A 1 31 ? -7.046  -10.703 22.281  1.00 44.79 ? 31  VAL A C   1 
ATOM   245  O  O   . VAL A 1 31 ? -7.170  -9.897  23.192  1.00 46.51 ? 31  VAL A O   1 
ATOM   246  C  CB  . VAL A 1 31 ? -6.363  -9.207  20.305  1.00 43.34 ? 31  VAL A CB  1 
ATOM   247  C  CG1 . VAL A 1 31 ? -5.286  -8.974  19.302  1.00 43.51 ? 31  VAL A CG1 1 
ATOM   248  C  CG2 . VAL A 1 31 ? -7.763  -9.311  19.685  1.00 45.58 ? 31  VAL A CG2 1 
ATOM   249  N  N   . GLY A 1 32 ? -7.751  -11.843 22.217  1.00 46.24 ? 32  GLY A N   1 
ATOM   250  C  CA  . GLY A 1 32 ? -8.600  -12.320 23.303  1.00 46.63 ? 32  GLY A CA  1 
ATOM   251  C  C   . GLY A 1 32 ? -10.051 -12.007 22.980  1.00 48.31 ? 32  GLY A C   1 
ATOM   252  O  O   . GLY A 1 32 ? -10.318 -10.759 22.643  1.00 49.11 ? 32  GLY A O   1 
ATOM   253  N  N   . MET B 2 1  ? 7.369   7.305   -19.236 1.00 41.14 ? 1   MET B N   1 
ATOM   254  C  CA  . MET B 2 1  ? 6.694   7.445   -17.907 1.00 40.65 ? 1   MET B CA  1 
ATOM   255  C  C   . MET B 2 1  ? 6.727   6.188   -17.035 1.00 39.92 ? 1   MET B C   1 
ATOM   256  O  O   . MET B 2 1  ? 6.517   6.280   -15.804 1.00 38.40 ? 1   MET B O   1 
ATOM   257  C  CB  . MET B 2 1  ? 5.241   7.915   -18.070 1.00 41.96 ? 1   MET B CB  1 
ATOM   258  C  CG  . MET B 2 1  ? 4.735   8.816   -16.918 1.00 45.13 ? 1   MET B CG  1 
ATOM   259  S  SD  . MET B 2 1  ? 5.096   10.555  -17.287 1.00 50.18 ? 1   MET B SD  1 
ATOM   260  C  CE  . MET B 2 1  ? 6.863   10.675  -17.048 1.00 47.89 ? 1   MET B CE  1 
ATOM   261  N  N   . LYS B 2 2  ? 6.986   5.023   -17.634 1.00 38.45 ? 2   LYS B N   1 
ATOM   262  C  CA  . LYS B 2 2  ? 6.864   3.778   -16.850 1.00 37.60 ? 2   LYS B CA  1 
ATOM   263  C  C   . LYS B 2 2  ? 7.874   3.664   -15.728 1.00 36.30 ? 2   LYS B C   1 
ATOM   264  O  O   . LYS B 2 2  ? 7.574   3.080   -14.709 1.00 34.63 ? 2   LYS B O   1 
ATOM   265  C  CB  . LYS B 2 2  ? 6.798   2.512   -17.718 1.00 39.10 ? 2   LYS B CB  1 
ATOM   266  C  CG  . LYS B 2 2  ? 8.036   2.114   -18.422 1.00 41.35 ? 2   LYS B CG  1 
ATOM   267  C  CD  . LYS B 2 2  ? 7.939   0.664   -18.902 1.00 44.30 ? 2   LYS B CD  1 
ATOM   268  C  CE  . LYS B 2 2  ? 7.013   0.489   -20.088 1.00 45.54 ? 2   LYS B CE  1 
ATOM   269  N  NZ  . LYS B 2 2  ? 7.186   -0.862  -20.696 1.00 45.76 ? 2   LYS B NZ  1 
ATOM   270  N  N   . VAL B 2 3  ? 9.064   4.237   -15.892 1.00 35.31 ? 3   VAL B N   1 
ATOM   271  C  CA  . VAL B 2 3  ? 10.044  4.239   -14.794 1.00 34.72 ? 3   VAL B CA  1 
ATOM   272  C  C   . VAL B 2 3  ? 9.539   5.113   -13.650 1.00 35.64 ? 3   VAL B C   1 
ATOM   273  O  O   . VAL B 2 3  ? 9.556   4.710   -12.484 1.00 35.86 ? 3   VAL B O   1 
ATOM   274  C  CB  . VAL B 2 3  ? 11.454  4.704   -15.279 1.00 34.87 ? 3   VAL B CB  1 
ATOM   275  C  CG1 . VAL B 2 3  ? 12.380  4.921   -14.111 1.00 32.90 ? 3   VAL B CG1 1 
ATOM   276  C  CG2 . VAL B 2 3  ? 12.052  3.682   -16.221 1.00 32.47 ? 3   VAL B CG2 1 
ATOM   277  N  N   . LYS B 2 4  ? 9.068   6.307   -13.983 1.00 35.88 ? 4   LYS B N   1 
ATOM   278  C  CA  . LYS B 2 4  ? 8.481   7.187   -12.965 1.00 36.43 ? 4   LYS B CA  1 
ATOM   279  C  C   . LYS B 2 4  ? 7.299   6.526   -12.266 1.00 36.93 ? 4   LYS B C   1 
ATOM   280  O  O   . LYS B 2 4  ? 7.178   6.604   -11.053 1.00 36.43 ? 4   LYS B O   1 
ATOM   281  C  CB  . LYS B 2 4  ? 8.062   8.535   -13.583 1.00 38.22 ? 4   LYS B CB  1 
ATOM   282  C  CG  . LYS B 2 4  ? 7.532   9.541   -12.552 1.00 39.47 ? 4   LYS B CG  1 
ATOM   283  C  CD  . LYS B 2 4  ? 7.120   10.854  -13.226 1.00 44.64 ? 4   LYS B CD  1 
ATOM   284  C  CE  . LYS B 2 4  ? 7.323   12.032  -12.297 1.00 45.43 ? 4   LYS B CE  1 
ATOM   285  N  NZ  . LYS B 2 4  ? 7.993   13.138  -13.047 1.00 48.58 ? 4   LYS B NZ  1 
ATOM   286  N  N   . GLN B 2 5  ? 6.430   5.860   -13.010 1.00 36.01 ? 5   GLN B N   1 
ATOM   287  C  CA  . GLN B 2 5  ? 5.266   5.217   -12.412 1.00 35.75 ? 5   GLN B CA  1 
ATOM   288  C  C   . GLN B 2 5  ? 5.650   4.059   -11.497 1.00 34.78 ? 5   GLN B C   1 
ATOM   289  O  O   . GLN B 2 5  ? 5.123   3.911   -10.392 1.00 34.67 ? 5   GLN B O   1 
ATOM   290  C  CB  . GLN B 2 5  ? 4.352   4.743   -13.521 1.00 37.00 ? 5   GLN B CB  1 
ATOM   291  C  CG  . GLN B 2 5  ? 3.764   5.968   -14.223 1.00 39.94 ? 5   GLN B CG  1 
ATOM   292  C  CD  . GLN B 2 5  ? 3.057   5.684   -15.492 1.00 44.01 ? 5   GLN B CD  1 
ATOM   293  O  OE1 . GLN B 2 5  ? 3.484   4.849   -16.294 1.00 45.30 ? 5   GLN B OE1 1 
ATOM   294  N  NE2 . GLN B 2 5  ? 1.970   6.429   -15.731 1.00 45.61 ? 5   GLN B NE2 1 
ATOM   295  N  N   . LEU B 2 6  ? 6.595   3.247   -11.941 1.00 32.57 ? 6   LEU B N   1 
ATOM   296  C  CA  . LEU B 2 6  ? 7.091   2.173   -11.054 1.00 32.80 ? 6   LEU B CA  1 
ATOM   297  C  C   . LEU B 2 6  ? 7.832   2.713   -9.843  1.00 31.85 ? 6   LEU B C   1 
ATOM   298  O  O   . LEU B 2 6  ? 7.715   2.153   -8.765  1.00 32.26 ? 6   LEU B O   1 
ATOM   299  C  CB  . LEU B 2 6  ? 8.000   1.196   -11.822 1.00 32.30 ? 6   LEU B CB  1 
ATOM   300  C  CG  . LEU B 2 6  ? 7.264   0.241   -12.777 1.00 32.38 ? 6   LEU B CG  1 
ATOM   301  C  CD1 . LEU B 2 6  ? 8.252   -0.354  -13.756 1.00 32.13 ? 6   LEU B CD1 1 
ATOM   302  C  CD2 . LEU B 2 6  ? 6.535   -0.876  -12.007 1.00 34.86 ? 6   LEU B CD2 1 
ATOM   303  N  N   . GLU B 2 7  ? 8.659   3.752   -10.012 1.00 31.49 ? 7   GLU B N   1 
ATOM   304  C  CA  . GLU B 2 7  ? 9.300   4.351   -8.831  1.00 32.01 ? 7   GLU B CA  1 
ATOM   305  C  C   . GLU B 2 7  ? 8.257   4.826   -7.819  1.00 32.16 ? 7   GLU B C   1 
ATOM   306  O  O   . GLU B 2 7  ? 8.419   4.660   -6.608  1.00 32.81 ? 7   GLU B O   1 
ATOM   307  C  CB  . GLU B 2 7  ? 10.205  5.528   -9.243  1.00 32.65 ? 7   GLU B CB  1 
ATOM   308  C  CG  . GLU B 2 7  ? 11.464  5.073   -9.939  1.00 34.39 ? 7   GLU B CG  1 
ATOM   309  C  CD  . GLU B 2 7  ? 12.334  6.232   -10.379 1.00 40.54 ? 7   GLU B CD  1 
ATOM   310  O  OE1 . GLU B 2 7  ? 11.817  7.366   -10.503 1.00 42.78 ? 7   GLU B OE1 1 
ATOM   311  O  OE2 . GLU B 2 7  ? 13.536  5.993   -10.612 1.00 45.77 ? 7   GLU B OE2 1 
ATOM   312  N  N   . ASP B 2 8  ? 7.182   5.425   -8.310  1.00 32.89 ? 8   ASP B N   1 
ATOM   313  C  CA  . ASP B 2 8  ? 6.143   5.958   -7.406  1.00 34.50 ? 8   ASP B CA  1 
ATOM   314  C  C   . ASP B 2 8  ? 5.429   4.787   -6.737  1.00 35.15 ? 8   ASP B C   1 
ATOM   315  O  O   . ASP B 2 8  ? 5.112   4.844   -5.556  1.00 35.56 ? 8   ASP B O   1 
ATOM   316  C  CB  . ASP B 2 8  ? 5.156   6.826   -8.180  1.00 35.68 ? 8   ASP B CB  1 
ATOM   317  C  CG  . ASP B 2 8  ? 5.717   8.194   -8.511  1.00 40.27 ? 8   ASP B CG  1 
ATOM   318  O  OD1 . ASP B 2 8  ? 6.739   8.605   -7.912  1.00 44.29 ? 8   ASP B OD1 1 
ATOM   319  O  OD2 . ASP B 2 8  ? 5.149   8.869   -9.381  1.00 47.10 ? 8   ASP B OD2 1 
ATOM   320  N  N   . ALA B 2 9  ? 5.217   3.683   -7.462  1.00 34.20 ? 9   ALA B N   1 
ATOM   321  C  CA  . ALA B 2 9  ? 4.589   2.534   -6.812  1.00 33.97 ? 9   ALA B CA  1 
ATOM   322  C  C   . ALA B 2 9  ? 5.465   1.965   -5.719  1.00 34.45 ? 9   ALA B C   1 
ATOM   323  O  O   . ALA B 2 9  ? 4.982   1.522   -4.684  1.00 34.48 ? 9   ALA B O   1 
ATOM   324  C  CB  . ALA B 2 9  ? 4.288   1.432   -7.823  1.00 34.12 ? 9   ALA B CB  1 
ATOM   325  N  N   . VAL B 2 10 ? 6.775   1.906   -5.959  1.00 32.14 ? 10  VAL B N   1 
ATOM   326  C  CA  . VAL B 2 10 ? 7.700   1.388   -4.928  1.00 32.70 ? 10  VAL B CA  1 
ATOM   327  C  C   . VAL B 2 10 ? 7.597   2.265   -3.694  1.00 33.73 ? 10  VAL B C   1 
ATOM   328  O  O   . VAL B 2 10 ? 7.560   1.748   -2.564  1.00 33.68 ? 10  VAL B O   1 
ATOM   329  C  CB  . VAL B 2 10 ? 9.141   1.388   -5.488  1.00 31.65 ? 10  VAL B CB  1 
ATOM   330  C  CG1 . VAL B 2 10 ? 10.168  1.302   -4.347  1.00 32.95 ? 10  VAL B CG1 1 
ATOM   331  C  CG2 . VAL B 2 10 ? 9.310   0.233   -6.502  1.00 30.51 ? 10  VAL B CG2 1 
ATOM   332  N  N   . GLU B 2 11 ? 7.568   3.589   -3.897  1.00 34.00 ? 11  GLU B N   1 
ATOM   333  C  CA  . GLU B 2 11 ? 7.458   4.496   -2.756  1.00 34.31 ? 11  GLU B CA  1 
ATOM   334  C  C   . GLU B 2 11 ? 6.171   4.231   -1.973  1.00 33.14 ? 11  GLU B C   1 
ATOM   335  O  O   . GLU B 2 11 ? 6.185   4.213   -0.715  1.00 33.42 ? 11  GLU B O   1 
ATOM   336  C  CB  . GLU B 2 11 ? 7.523   5.966   -3.217  1.00 35.98 ? 11  GLU B CB  1 
ATOM   337  C  CG  . GLU B 2 11 ? 8.930   6.380   -3.729  1.00 40.45 ? 11  GLU B CG  1 
ATOM   338  C  CD  . GLU B 2 11 ? 10.113  6.008   -2.775  1.00 48.32 ? 11  GLU B CD  1 
ATOM   339  O  OE1 . GLU B 2 11 ? 10.071  6.371   -1.580  1.00 52.05 ? 11  GLU B OE1 1 
ATOM   340  O  OE2 . GLU B 2 11 ? 11.108  5.383   -3.236  1.00 53.55 ? 11  GLU B OE2 1 
ATOM   341  N  N   . GLU B 2 12 ? 5.058   4.003   -2.660  1.00 32.37 ? 12  GLU B N   1 
ATOM   342  C  CA  . GLU B 2 12 ? 3.803   3.699   -1.944  1.00 32.53 ? 12  GLU B CA  1 
ATOM   343  C  C   . GLU B 2 12 ? 3.889   2.350   -1.220  1.00 33.52 ? 12  GLU B C   1 
ATOM   344  O  O   . GLU B 2 12 ? 3.350   2.184   -0.119  1.00 33.86 ? 12  GLU B O   1 
ATOM   345  C  CB  . GLU B 2 12 ? 2.622   3.675   -2.910  1.00 31.93 ? 12  GLU B CB  1 
ATOM   346  C  CG  . GLU B 2 12 ? 2.301   5.073   -3.505  1.00 33.12 ? 12  GLU B CG  1 
ATOM   347  C  CD  . GLU B 2 12 ? 1.848   6.154   -2.494  1.00 34.58 ? 12  GLU B CD  1 
ATOM   348  O  OE1 . GLU B 2 12 ? 1.379   5.872   -1.392  1.00 36.08 ? 12  GLU B OE1 1 
ATOM   349  O  OE2 . GLU B 2 12 ? 1.890   7.342   -2.871  1.00 41.96 ? 12  GLU B OE2 1 
ATOM   350  N  N   . LEU B 2 13 ? 4.543   1.380   -1.842  1.00 32.74 ? 13  LEU B N   1 
ATOM   351  C  CA  . LEU B 2 13 ? 4.701   0.043   -1.182  1.00 32.86 ? 13  LEU B CA  1 
ATOM   352  C  C   . LEU B 2 13 ? 5.581   0.188   0.057   1.00 32.89 ? 13  LEU B C   1 
ATOM   353  O  O   . LEU B 2 13 ? 5.321   -0.483  1.078   1.00 33.96 ? 13  LEU B O   1 
ATOM   354  C  CB  . LEU B 2 13 ? 5.288   -0.973  -2.134  1.00 32.81 ? 13  LEU B CB  1 
ATOM   355  C  CG  . LEU B 2 13 ? 4.298   -1.397  -3.217  1.00 34.63 ? 13  LEU B CG  1 
ATOM   356  C  CD1 . LEU B 2 13 ? 5.031   -2.208  -4.289  1.00 34.95 ? 13  LEU B CD1 1 
ATOM   357  C  CD2 . LEU B 2 13 ? 3.280   -2.302  -2.538  1.00 38.48 ? 13  LEU B CD2 1 
ATOM   358  N  N   . LEU B 2 14 ? 6.644   1.004   -0.038  1.00 32.18 ? 14  LEU B N   1 
ATOM   359  C  CA  . LEU B 2 14 ? 7.445   1.237   1.187   1.00 32.33 ? 14  LEU B CA  1 
ATOM   360  C  C   . LEU B 2 14 ? 6.590   1.814   2.325   1.00 33.22 ? 14  LEU B C   1 
ATOM   361  O  O   . LEU B 2 14 ? 6.668   1.387   3.494   1.00 33.89 ? 14  LEU B O   1 
ATOM   362  C  CB  . LEU B 2 14 ? 8.639   2.146   0.869   1.00 31.68 ? 14  LEU B CB  1 
ATOM   363  C  CG  . LEU B 2 14 ? 9.704   1.458   0.007   1.00 31.28 ? 14  LEU B CG  1 
ATOM   364  C  CD1 . LEU B 2 14 ? 10.668  2.552   -0.530  1.00 32.31 ? 14  LEU B CD1 1 
ATOM   365  C  CD2 . LEU B 2 14 ? 10.538  0.388   0.765   1.00 33.85 ? 14  LEU B CD2 1 
ATOM   366  N  N   . SER B 2 15 ? 5.720   2.756   1.976   1.00 32.73 ? 15  SER B N   1 
ATOM   367  C  CA  . SER B 2 15 ? 4.841   3.361   3.000   1.00 33.45 ? 15  SER B CA  1 
ATOM   368  C  C   . SER B 2 15 ? 3.846   2.326   3.504   1.00 33.99 ? 15  SER B C   1 
ATOM   369  O  O   . SER B 2 15 ? 3.555   2.263   4.695   1.00 33.87 ? 15  SER B O   1 
ATOM   370  C  CB  . SER B 2 15 ? 4.133   4.544   2.406   1.00 33.44 ? 15  SER B CB  1 
ATOM   371  O  OG  . SER B 2 15 ? 4.995   5.663   2.290   1.00 35.14 ? 15  SER B OG  1 
ATOM   372  N  N   . ALA B 2 16 ? 3.277   1.531   2.595   1.00 33.99 ? 16  ALA B N   1 
ATOM   373  C  CA  . ALA B 2 16 ? 2.310   0.482   3.021   1.00 33.44 ? 16  ALA B CA  1 
ATOM   374  C  C   . ALA B 2 16 ? 2.942   -0.488  4.009   1.00 34.29 ? 16  ALA B C   1 
ATOM   375  O  O   . ALA B 2 16 ? 2.311   -0.834  5.007   1.00 35.70 ? 16  ALA B O   1 
ATOM   376  C  CB  . ALA B 2 16 ? 1.815   -0.299  1.769   1.00 34.87 ? 16  ALA B CB  1 
ATOM   377  N  N   . ASN B 2 17 ? 4.172   -0.910  3.733   1.00 33.08 ? 17  ASN B N   1 
ATOM   378  C  CA  . ASN B 2 17 ? 4.886   -1.882  4.613   1.00 34.11 ? 17  ASN B CA  1 
ATOM   379  C  C   . ASN B 2 17 ? 5.210   -1.227  5.949   1.00 33.82 ? 17  ASN B C   1 
ATOM   380  O  O   . ASN B 2 17 ? 5.098   -1.889  7.011   1.00 34.55 ? 17  ASN B O   1 
ATOM   381  C  CB  . ASN B 2 17 ? 6.166   -2.355  3.922   1.00 34.59 ? 17  ASN B CB  1 
ATOM   382  C  CG  . ASN B 2 17 ? 5.920   -3.386  2.823   1.00 35.65 ? 17  ASN B CG  1 
ATOM   383  O  OD1 . ASN B 2 17 ? 6.874   -3.740  2.105   1.00 39.87 ? 17  ASN B OD1 1 
ATOM   384  N  ND2 . ASN B 2 17 ? 4.732   -3.929  2.743   1.00 35.53 ? 17  ASN B ND2 1 
ATOM   385  N  N   . TYR B 2 18 ? 5.589   0.050   5.908   1.00 32.90 ? 18  TYR B N   1 
ATOM   386  C  CA  . TYR B 2 18 ? 5.822   0.803   7.155   1.00 32.91 ? 18  TYR B CA  1 
ATOM   387  C  C   . TYR B 2 18 ? 4.587   0.750   8.054   1.00 33.69 ? 18  TYR B C   1 
ATOM   388  O  O   . TYR B 2 18 ? 4.699   0.411   9.271   1.00 33.30 ? 18  TYR B O   1 
ATOM   389  C  CB  . TYR B 2 18 ? 6.149   2.256   6.802   1.00 33.70 ? 18  TYR B CB  1 
ATOM   390  C  CG  . TYR B 2 18 ? 6.123   3.206   7.950   1.00 31.57 ? 18  TYR B CG  1 
ATOM   391  C  CD1 . TYR B 2 18 ? 7.188   3.282   8.849   1.00 33.08 ? 18  TYR B CD1 1 
ATOM   392  C  CD2 . TYR B 2 18 ? 5.040   4.070   8.125   1.00 33.50 ? 18  TYR B CD2 1 
ATOM   393  C  CE1 . TYR B 2 18 ? 7.177   4.194   9.921   1.00 32.92 ? 18  TYR B CE1 1 
ATOM   394  C  CE2 . TYR B 2 18 ? 5.020   4.987   9.164   1.00 31.82 ? 18  TYR B CE2 1 
ATOM   395  C  CZ  . TYR B 2 18 ? 6.093   5.031   10.072  1.00 31.17 ? 18  TYR B CZ  1 
ATOM   396  O  OH  . TYR B 2 18 ? 6.127   5.911   11.122  1.00 35.49 ? 18  TYR B OH  1 
ATOM   397  N  N   . HIS B 2 19 ? 3.411   1.050   7.501   1.00 32.81 ? 19  HIS B N   1 
ATOM   398  C  CA  . HIS B 2 19 ? 2.206   0.960   8.333   1.00 33.14 ? 19  HIS B CA  1 
ATOM   399  C  C   . HIS B 2 19 ? 1.871   -0.441  8.818   1.00 34.26 ? 19  HIS B C   1 
ATOM   400  O  O   . HIS B 2 19 ? 1.459   -0.634  9.986   1.00 33.86 ? 19  HIS B O   1 
ATOM   401  C  CB  . HIS B 2 19 ? 1.012   1.646   7.645   1.00 33.93 ? 19  HIS B CB  1 
ATOM   402  C  CG  . HIS B 2 19 ? 1.176   3.150   7.514   1.00 31.67 ? 19  HIS B CG  1 
ATOM   403  N  ND1 . HIS B 2 19 ? 1.070   4.010   8.586   1.00 32.84 ? 19  HIS B ND1 1 
ATOM   404  C  CD2 . HIS B 2 19 ? 1.502   3.925   6.443   1.00 34.59 ? 19  HIS B CD2 1 
ATOM   405  C  CE1 . HIS B 2 19 ? 1.268   5.255   8.182   1.00 36.02 ? 19  HIS B CE1 1 
ATOM   406  N  NE2 . HIS B 2 19 ? 1.555   5.232   6.891   1.00 33.73 ? 19  HIS B NE2 1 
ATOM   407  N  N   . LEU B 2 20 ? 2.054   -1.457  7.981   1.00 33.27 ? 20  LEU B N   1 
ATOM   408  C  CA  . LEU B 2 20 ? 1.810   -2.850  8.453   1.00 34.70 ? 20  LEU B CA  1 
ATOM   409  C  C   . LEU B 2 20 ? 2.794   -3.238  9.567   1.00 36.34 ? 20  LEU B C   1 
ATOM   410  O  O   . LEU B 2 20 ? 2.383   -3.887  10.548  1.00 36.80 ? 20  LEU B O   1 
ATOM   411  C  CB  . LEU B 2 20 ? 1.912   -3.843  7.333   1.00 35.68 ? 20  LEU B CB  1 
ATOM   412  C  CG  . LEU B 2 20 ? 0.733   -3.870  6.388   1.00 36.02 ? 20  LEU B CG  1 
ATOM   413  C  CD1 . LEU B 2 20 ? 0.870   -5.079  5.406   1.00 37.55 ? 20  LEU B CD1 1 
ATOM   414  C  CD2 . LEU B 2 20 ? -0.668  -3.967  7.101   1.00 38.86 ? 20  LEU B CD2 1 
ATOM   415  N  N   . GLU B 2 21 ? 4.053   -2.817  9.428   1.00 35.75 ? 21  GLU B N   1 
ATOM   416  C  CA  . GLU B 2 21 ? 5.076   -3.054  10.500  1.00 37.04 ? 21  GLU B CA  1 
ATOM   417  C  C   . GLU B 2 21 ? 4.598   -2.465  11.801  1.00 36.17 ? 21  GLU B C   1 
ATOM   418  O  O   . GLU B 2 21 ? 4.738   -3.065  12.880  1.00 36.25 ? 21  GLU B O   1 
ATOM   419  C  CB  . GLU B 2 21 ? 6.446   -2.409  10.154  1.00 37.86 ? 21  GLU B CB  1 
ATOM   420  C  CG  . GLU B 2 21 ? 7.278   -3.121  9.111   1.00 42.11 ? 21  GLU B CG  1 
ATOM   421  C  CD  . GLU B 2 21 ? 8.558   -2.363  8.722   1.00 47.06 ? 21  GLU B CD  1 
ATOM   422  O  OE1 . GLU B 2 21 ? 8.694   -1.128  8.997   1.00 46.48 ? 21  GLU B OE1 1 
ATOM   423  O  OE2 . GLU B 2 21 ? 9.438   -3.009  8.077   1.00 49.51 ? 21  GLU B OE2 1 
ATOM   424  N  N   . ASN B 2 22 ? 4.016   -1.272  11.709  1.00 34.71 ? 22  ASN B N   1 
ATOM   425  C  CA  . ASN B 2 22 ? 3.517   -0.578  12.890  1.00 32.84 ? 22  ASN B CA  1 
ATOM   426  C  C   . ASN B 2 22 ? 2.350   -1.368  13.515  1.00 33.86 ? 22  ASN B C   1 
ATOM   427  O  O   . ASN B 2 22 ? 2.267   -1.499  14.775  1.00 34.28 ? 22  ASN B O   1 
ATOM   428  C  CB  . ASN B 2 22 ? 3.019   0.798   12.512  1.00 33.21 ? 22  ASN B CB  1 
ATOM   429  C  CG  . ASN B 2 22 ? 4.142   1.733   12.111  1.00 36.95 ? 22  ASN B CG  1 
ATOM   430  O  OD1 . ASN B 2 22 ? 5.328   1.498   12.400  1.00 37.39 ? 22  ASN B OD1 1 
ATOM   431  N  ND2 . ASN B 2 22 ? 3.773   2.802   11.426  1.00 37.52 ? 22  ASN B ND2 1 
ATOM   432  N  N   . ALA B 2 23 ? 1.478   -1.890  12.659  1.00 33.36 ? 23  ALA B N   1 
ATOM   433  C  CA  . ALA B 2 23 ? 0.302   -2.661  13.175  1.00 33.27 ? 23  ALA B CA  1 
ATOM   434  C  C   . ALA B 2 23 ? 0.824   -3.927  13.840  1.00 34.07 ? 23  ALA B C   1 
ATOM   435  O  O   . ALA B 2 23 ? 0.335   -4.310  14.882  1.00 33.57 ? 23  ALA B O   1 
ATOM   436  C  CB  . ALA B 2 23 ? -0.663  -2.975  12.064  1.00 33.79 ? 23  ALA B CB  1 
ATOM   437  N  N   . VAL B 2 24 ? 1.824   -4.577  13.238  1.00 33.62 ? 24  VAL B N   1 
ATOM   438  C  CA  . VAL B 2 24 ? 2.379   -5.774  13.878  1.00 34.52 ? 24  VAL B CA  1 
ATOM   439  C  C   . VAL B 2 24 ? 2.972   -5.477  15.251  1.00 34.85 ? 24  VAL B C   1 
ATOM   440  O  O   . VAL B 2 24 ? 2.751   -6.218  16.236  1.00 33.84 ? 24  VAL B O   1 
ATOM   441  C  CB  . VAL B 2 24 ? 3.402   -6.464  12.954  1.00 34.84 ? 24  VAL B CB  1 
ATOM   442  C  CG1 . VAL B 2 24 ? 4.121   -7.585  13.718  1.00 34.36 ? 24  VAL B CG1 1 
ATOM   443  C  CG2 . VAL B 2 24 ? 2.688   -7.031  11.784  1.00 34.30 ? 24  VAL B CG2 1 
ATOM   444  N  N   . ALA B 2 25 ? 3.748   -4.395  15.323  1.00 35.05 ? 25  ALA B N   1 
ATOM   445  C  CA  . ALA B 2 25 ? 4.415   -4.048  16.581  1.00 35.40 ? 25  ALA B CA  1 
ATOM   446  C  C   . ALA B 2 25 ? 3.388   -3.777  17.647  1.00 35.72 ? 25  ALA B C   1 
ATOM   447  O  O   . ALA B 2 25 ? 3.554   -4.185  18.800  1.00 35.66 ? 25  ALA B O   1 
ATOM   448  C  CB  . ALA B 2 25 ? 5.331   -2.824  16.367  1.00 36.10 ? 25  ALA B CB  1 
ATOM   449  N  N   . ARG B 2 26 ? 2.319   -3.093  17.255  1.00 35.73 ? 26  ARG B N   1 
ATOM   450  C  CA  . ARG B 2 26 ? 1.244   -2.731  18.179  1.00 36.13 ? 26  ARG B CA  1 
ATOM   451  C  C   . ARG B 2 26 ? 0.558   -3.971  18.739  1.00 35.24 ? 26  ARG B C   1 
ATOM   452  O  O   . ARG B 2 26 ? 0.301   -4.084  19.947  1.00 35.39 ? 26  ARG B O   1 
ATOM   453  C  CB  . ARG B 2 26 ? 0.222   -1.875  17.438  1.00 36.62 ? 26  ARG B CB  1 
ATOM   454  C  CG  . ARG B 2 26 ? 0.551   -0.417  17.479  1.00 44.04 ? 26  ARG B CG  1 
ATOM   455  C  CD  . ARG B 2 26 ? -0.008  0.184   18.788  1.00 47.43 ? 26  ARG B CD  1 
ATOM   456  N  NE  . ARG B 2 26 ? 1.020   0.886   19.541  1.00 54.50 ? 26  ARG B NE  1 
ATOM   457  C  CZ  . ARG B 2 26 ? 1.374   0.568   20.784  1.00 50.68 ? 26  ARG B CZ  1 
ATOM   458  N  NH1 . ARG B 2 26 ? 0.790   -0.442  21.409  1.00 50.06 ? 26  ARG B NH1 1 
ATOM   459  N  NH2 . ARG B 2 26 ? 2.331   1.238   21.386  1.00 54.02 ? 26  ARG B NH2 1 
ATOM   460  N  N   . LEU B 2 27 ? 0.263   -4.917  17.864  1.00 33.79 ? 27  LEU B N   1 
ATOM   461  C  CA  . LEU B 2 27 ? -0.451  -6.102  18.324  1.00 33.33 ? 27  LEU B CA  1 
ATOM   462  C  C   . LEU B 2 27 ? 0.510   -6.999  19.104  1.00 33.55 ? 27  LEU B C   1 
ATOM   463  O  O   . LEU B 2 27 ? 0.095   -7.683  20.032  1.00 33.76 ? 27  LEU B O   1 
ATOM   464  C  CB  . LEU B 2 27 ? -1.104  -6.841  17.164  1.00 33.60 ? 27  LEU B CB  1 
ATOM   465  C  CG  . LEU B 2 27 ? -2.185  -6.029  16.442  1.00 34.65 ? 27  LEU B CG  1 
ATOM   466  C  CD1 . LEU B 2 27 ? -2.632  -6.749  15.212  1.00 38.76 ? 27  LEU B CD1 1 
ATOM   467  C  CD2 . LEU B 2 27 ? -3.404  -5.823  17.377  1.00 34.65 ? 27  LEU B CD2 1 
ATOM   468  N  N   . LYS B 2 28 ? 1.796   -7.014  18.733  1.00 33.54 ? 28  LYS B N   1 
ATOM   469  C  CA  . LYS B 2 28 ? 2.745   -7.791  19.556  1.00 33.15 ? 28  LYS B CA  1 
ATOM   470  C  C   . LYS B 2 28 ? 2.729   -7.293  20.988  1.00 33.80 ? 28  LYS B C   1 
ATOM   471  O  O   . LYS B 2 28 ? 2.749   -8.094  21.927  1.00 33.43 ? 28  LYS B O   1 
ATOM   472  C  CB  . LYS B 2 28 ? 4.159   -7.687  19.004  1.00 33.16 ? 28  LYS B CB  1 
ATOM   473  C  CG  . LYS B 2 28 ? 4.429   -8.653  17.858  1.00 33.31 ? 28  LYS B CG  1 
ATOM   474  C  CD  . LYS B 2 28 ? 5.911   -8.447  17.392  1.00 35.60 ? 28  LYS B CD  1 
ATOM   475  C  CE  . LYS B 2 28 ? 6.369   -9.433  16.334  1.00 38.70 ? 28  LYS B CE  1 
ATOM   476  N  NZ  . LYS B 2 28 ? 6.786   -10.722 17.007  1.00 41.25 ? 28  LYS B NZ  1 
ATOM   477  N  N   . LYS B 2 29 ? 2.694   -5.969  21.152  1.00 34.17 ? 29  LYS B N   1 
ATOM   478  C  CA  . LYS B 2 29 ? 2.762   -5.350  22.473  1.00 35.88 ? 29  LYS B CA  1 
ATOM   479  C  C   . LYS B 2 29 ? 1.501   -5.680  23.221  1.00 35.36 ? 29  LYS B C   1 
ATOM   480  O  O   . LYS B 2 29 ? 1.528   -5.995  24.421  1.00 35.44 ? 29  LYS B O   1 
ATOM   481  C  CB  . LYS B 2 29 ? 2.920   -3.833  22.339  1.00 36.81 ? 29  LYS B CB  1 
ATOM   482  C  CG  . LYS B 2 29 ? 4.346   -3.406  21.995  1.00 42.02 ? 29  LYS B CG  1 
ATOM   483  C  CD  . LYS B 2 29 ? 4.457   -1.923  21.608  1.00 48.80 ? 29  LYS B CD  1 
ATOM   484  C  CE  . LYS B 2 29 ? 5.934   -1.485  21.433  1.00 50.95 ? 29  LYS B CE  1 
ATOM   485  N  NZ  . LYS B 2 29 ? 6.442   -1.502  20.020  1.00 53.47 ? 29  LYS B NZ  1 
ATOM   486  N  N   . LEU B 2 30 ? 0.376   -5.629  22.511  1.00 34.98 ? 30  LEU B N   1 
ATOM   487  C  CA  . LEU B 2 30 ? -0.919  -5.972  23.143  1.00 34.55 ? 30  LEU B CA  1 
ATOM   488  C  C   . LEU B 2 30 ? -0.953  -7.398  23.687  1.00 34.38 ? 30  LEU B C   1 
ATOM   489  O  O   . LEU B 2 30 ? -1.371  -7.649  24.839  1.00 33.24 ? 30  LEU B O   1 
ATOM   490  C  CB  . LEU B 2 30 ? -2.067  -5.742  22.129  1.00 35.32 ? 30  LEU B CB  1 
ATOM   491  C  CG  . LEU B 2 30 ? -3.496  -6.025  22.639  1.00 34.12 ? 30  LEU B CG  1 
ATOM   492  C  CD1 . LEU B 2 30 ? -3.782  -5.337  23.983  1.00 37.53 ? 30  LEU B CD1 1 
ATOM   493  C  CD2 . LEU B 2 30 ? -4.493  -5.608  21.522  1.00 34.11 ? 30  LEU B CD2 1 
ATOM   494  N  N   . VAL B 2 31 ? -0.508  -8.358  22.882  1.00 33.76 ? 31  VAL B N   1 
ATOM   495  C  CA  . VAL B 2 31 ? -0.590  -9.763  23.298  1.00 35.74 ? 31  VAL B CA  1 
ATOM   496  C  C   . VAL B 2 31 ? 0.633   -10.216 24.115  1.00 35.93 ? 31  VAL B C   1 
ATOM   497  O  O   . VAL B 2 31 ? 0.621   -11.313 24.698  1.00 36.78 ? 31  VAL B O   1 
ATOM   498  C  CB  . VAL B 2 31 ? -0.844  -10.723 22.110  1.00 36.17 ? 31  VAL B CB  1 
ATOM   499  C  CG1 . VAL B 2 31 ? -1.962  -10.197 21.191  1.00 38.31 ? 31  VAL B CG1 1 
ATOM   500  C  CG2 . VAL B 2 31 ? 0.412   -10.924 21.317  1.00 37.76 ? 31  VAL B CG2 1 
ATOM   501  N  N   . GLY B 2 32 ? 1.691   -9.397  24.116  1.00 36.21 ? 32  GLY B N   1 
ATOM   502  C  CA  . GLY B 2 32 ? 2.875   -9.623  24.954  1.00 36.98 ? 32  GLY B CA  1 
ATOM   503  C  C   . GLY B 2 32 ? 3.933   -10.493 24.297  1.00 37.36 ? 32  GLY B C   1 
ATOM   504  O  O   . GLY B 2 32 ? 4.688   -11.199 24.962  1.00 36.67 ? 32  GLY B O   1 
ATOM   505  N  N   . GLU B 2 33 ? 3.970   -10.454 22.975  1.00 36.98 ? 33  GLU B N   1 
ATOM   506  C  CA  . GLU B 2 33 ? 4.938   -11.221 22.224  1.00 38.87 ? 33  GLU B CA  1 
ATOM   507  C  C   . GLU B 2 33 ? 6.158   -10.344 21.920  1.00 40.82 ? 33  GLU B C   1 
ATOM   508  O  O   . GLU B 2 33 ? 5.999   -9.188  21.523  1.00 40.97 ? 33  GLU B O   1 
ATOM   509  C  CB  . GLU B 2 33 ? 4.265   -11.671 20.923  1.00 37.63 ? 33  GLU B CB  1 
ATOM   510  C  CG  . GLU B 2 33 ? 5.160   -12.319 19.920  1.00 36.09 ? 33  GLU B CG  1 
ATOM   511  C  CD  . GLU B 2 33 ? 4.380   -12.741 18.690  1.00 31.74 ? 33  GLU B CD  1 
ATOM   512  O  OE1 . GLU B 2 33 ? 3.399   -13.538 18.819  1.00 32.83 ? 33  GLU B OE1 1 
ATOM   513  O  OE2 . GLU B 2 33 ? 4.732   -12.255 17.637  1.00 33.13 ? 33  GLU B OE2 1 
ATOM   514  N  N   . ARG B 2 34 ? 7.367   -10.882 22.109  1.00 43.17 ? 34  ARG B N   1 
ATOM   515  C  CA  . ARG B 2 34 ? 8.592   -10.156 21.732  1.00 45.88 ? 34  ARG B CA  1 
ATOM   516  C  C   . ARG B 2 34 ? 8.644   -9.815  20.236  1.00 46.82 ? 34  ARG B C   1 
ATOM   517  O  O   . ARG B 2 34 ? 8.579   -10.710 19.379  1.00 47.70 ? 34  ARG B O   1 
ATOM   518  C  CB  . ARG B 2 34 ? 9.859   -10.938 22.131  1.00 46.10 ? 34  ARG B CB  1 
ATOM   519  C  CG  . ARG B 2 34 ? 10.165  -11.010 23.626  1.00 49.14 ? 34  ARG B CG  1 
ATOM   520  C  CD  . ARG B 2 34 ? 10.103  -9.650  24.333  1.00 52.72 ? 34  ARG B CD  1 
ATOM   521  N  NE  . ARG B 2 34 ? 8.911   -9.515  25.173  1.00 54.60 ? 34  ARG B NE  1 
ATOM   522  C  CZ  . ARG B 2 34 ? 8.314   -8.357  25.455  1.00 56.95 ? 34  ARG B CZ  1 
ATOM   523  N  NH1 . ARG B 2 34 ? 8.780   -7.216  24.954  1.00 57.61 ? 34  ARG B NH1 1 
ATOM   524  N  NH2 . ARG B 2 34 ? 7.234   -8.336  26.226  1.00 56.52 ? 34  ARG B NH2 1 
ATOM   525  O  OXT . ARG B 2 34 ? 8.747   -8.642  19.819  1.00 47.60 ? 34  ARG B OXT 1 
ATOM   526  N  N   . MET C 2 1  ? -6.056  -0.515  28.316  1.00 41.41 ? 1   MET C N   1 
ATOM   527  C  CA  . MET C 2 1  ? -5.420  -0.064  27.026  1.00 40.46 ? 1   MET C CA  1 
ATOM   528  C  C   . MET C 2 1  ? -5.598  -0.992  25.817  1.00 40.10 ? 1   MET C C   1 
ATOM   529  O  O   . MET C 2 1  ? -5.167  -0.661  24.709  1.00 38.60 ? 1   MET C O   1 
ATOM   530  C  CB  . MET C 2 1  ? -3.923  0.152   27.228  1.00 41.82 ? 1   MET C CB  1 
ATOM   531  C  CG  . MET C 2 1  ? -3.370  1.392   26.541  1.00 42.01 ? 1   MET C CG  1 
ATOM   532  S  SD  . MET C 2 1  ? -3.807  2.931   27.385  1.00 49.37 ? 1   MET C SD  1 
ATOM   533  C  CE  . MET C 2 1  ? -2.830  2.781   28.839  1.00 42.53 ? 1   MET C CE  1 
ATOM   534  N  N   . LYS C 2 2  ? -6.201  -2.159  26.027  1.00 39.20 ? 2   LYS C N   1 
ATOM   535  C  CA  . LYS C 2 2  ? -6.445  -3.068  24.913  1.00 39.21 ? 2   LYS C CA  1 
ATOM   536  C  C   . LYS C 2 2  ? -7.184  -2.407  23.746  1.00 38.07 ? 2   LYS C C   1 
ATOM   537  O  O   . LYS C 2 2  ? -6.848  -2.622  22.586  1.00 36.69 ? 2   LYS C O   1 
ATOM   538  C  CB  . LYS C 2 2  ? -7.210  -4.305  25.404  1.00 39.19 ? 2   LYS C CB  1 
ATOM   539  C  CG  . LYS C 2 2  ? -7.560  -5.292  24.321  1.00 40.99 ? 2   LYS C CG  1 
ATOM   540  C  CD  . LYS C 2 2  ? -8.199  -6.578  24.899  1.00 40.33 ? 2   LYS C CD  1 
ATOM   541  C  CE  . LYS C 2 2  ? -7.193  -7.426  25.654  1.00 43.46 ? 2   LYS C CE  1 
ATOM   542  N  NZ  . LYS C 2 2  ? -7.779  -8.730  26.097  1.00 42.03 ? 2   LYS C NZ  1 
ATOM   543  N  N   . VAL C 2 3  ? -8.234  -1.655  24.065  1.00 37.80 ? 3   VAL C N   1 
ATOM   544  C  CA  . VAL C 2 3  ? -9.062  -1.031  23.039  1.00 36.31 ? 3   VAL C CA  1 
ATOM   545  C  C   . VAL C 2 3  ? -8.258  0.048   22.353  1.00 36.84 ? 3   VAL C C   1 
ATOM   546  O  O   . VAL C 2 3  ? -8.318  0.163   21.138  1.00 34.90 ? 3   VAL C O   1 
ATOM   547  C  CB  . VAL C 2 3  ? -10.382 -0.461  23.647  1.00 37.03 ? 3   VAL C CB  1 
ATOM   548  C  CG1 . VAL C 2 3  ? -11.134 0.366   22.622  1.00 34.24 ? 3   VAL C CG1 1 
ATOM   549  C  CG2 . VAL C 2 3  ? -11.264 -1.615  24.139  1.00 35.85 ? 3   VAL C CG2 1 
ATOM   550  N  N   . LYS C 2 4  ? -7.489  0.838   23.106  1.00 36.36 ? 4   LYS C N   1 
ATOM   551  C  CA  . LYS C 2 4  ? -6.649  1.855   22.443  1.00 36.61 ? 4   LYS C CA  1 
ATOM   552  C  C   . LYS C 2 4  ? -5.624  1.241   21.489  1.00 36.02 ? 4   LYS C C   1 
ATOM   553  O  O   . LYS C 2 4  ? -5.409  1.744   20.396  1.00 37.51 ? 4   LYS C O   1 
ATOM   554  C  CB  . LYS C 2 4  ? -5.971  2.790   23.444  1.00 37.57 ? 4   LYS C CB  1 
ATOM   555  C  CG  . LYS C 2 4  ? -6.893  3.891   23.933  1.00 37.77 ? 4   LYS C CG  1 
ATOM   556  C  CD  . LYS C 2 4  ? -6.264  4.649   25.083  1.00 36.96 ? 4   LYS C CD  1 
ATOM   557  C  CE  . LYS C 2 4  ? -5.116  5.473   24.636  1.00 37.01 ? 4   LYS C CE  1 
ATOM   558  N  NZ  . LYS C 2 4  ? -5.622  6.444   23.640  1.00 34.18 ? 4   LYS C NZ  1 
ATOM   559  N  N   . GLN C 2 5  ? -5.044  0.108   21.885  1.00 35.06 ? 5   GLN C N   1 
ATOM   560  C  CA  . GLN C 2 5  ? -4.052  -0.540  21.065  1.00 34.10 ? 5   GLN C CA  1 
ATOM   561  C  C   . GLN C 2 5  ? -4.666  -1.132  19.807  1.00 32.95 ? 5   GLN C C   1 
ATOM   562  O  O   . GLN C 2 5  ? -4.106  -1.027  18.736  1.00 33.74 ? 5   GLN C O   1 
ATOM   563  C  CB  . GLN C 2 5  ? -3.302  -1.573  21.859  1.00 35.51 ? 5   GLN C CB  1 
ATOM   564  C  CG  . GLN C 2 5  ? -2.477  -0.933  22.961  1.00 37.08 ? 5   GLN C CG  1 
ATOM   565  C  CD  . GLN C 2 5  ? -1.759  -1.942  23.787  1.00 42.62 ? 5   GLN C CD  1 
ATOM   566  O  OE1 . GLN C 2 5  ? -0.644  -2.354  23.454  1.00 46.03 ? 5   GLN C OE1 1 
ATOM   567  N  NE2 . GLN C 2 5  ? -2.379  -2.344  24.880  1.00 41.32 ? 5   GLN C NE2 1 
ATOM   568  N  N   . LEU C 2 6  ? -5.861  -1.701  19.922  1.00 32.14 ? 6   LEU C N   1 
ATOM   569  C  CA  . LEU C 2 6  ? -6.549  -2.184  18.704  1.00 31.65 ? 6   LEU C CA  1 
ATOM   570  C  C   . LEU C 2 6  ? -6.950  -1.025  17.838  1.00 32.69 ? 6   LEU C C   1 
ATOM   571  O  O   . LEU C 2 6  ? -6.893  -1.128  16.611  1.00 32.94 ? 6   LEU C O   1 
ATOM   572  C  CB  . LEU C 2 6  ? -7.815  -3.011  19.088  1.00 33.04 ? 6   LEU C CB  1 
ATOM   573  C  CG  . LEU C 2 6  ? -7.488  -4.414  19.563  1.00 34.25 ? 6   LEU C CG  1 
ATOM   574  C  CD1 . LEU C 2 6  ? -8.672  -5.043  20.296  1.00 33.04 ? 6   LEU C CD1 1 
ATOM   575  C  CD2 . LEU C 2 6  ? -7.115  -5.204  18.311  1.00 36.67 ? 6   LEU C CD2 1 
ATOM   576  N  N   . GLU C 2 7  ? -7.437  0.058   18.446  1.00 31.49 ? 7   GLU C N   1 
ATOM   577  C  CA  . GLU C 2 7  ? -7.810  1.252   17.629  1.00 32.67 ? 7   GLU C CA  1 
ATOM   578  C  C   . GLU C 2 7  ? -6.620  1.745   16.851  1.00 33.09 ? 7   GLU C C   1 
ATOM   579  O  O   . GLU C 2 7  ? -6.721  2.117   15.651  1.00 32.63 ? 7   GLU C O   1 
ATOM   580  C  CB  . GLU C 2 7  ? -8.429  2.354   18.523  1.00 32.54 ? 7   GLU C CB  1 
ATOM   581  C  CG  . GLU C 2 7  ? -9.835  1.990   19.027  1.00 36.03 ? 7   GLU C CG  1 
ATOM   582  C  CD  . GLU C 2 7  ? -10.471 2.984   19.998  1.00 40.51 ? 7   GLU C CD  1 
ATOM   583  O  OE1 . GLU C 2 7  ? -9.765  3.744   20.699  1.00 39.19 ? 7   GLU C OE1 1 
ATOM   584  O  OE2 . GLU C 2 7  ? -11.730 2.952   20.113  1.00 43.95 ? 7   GLU C OE2 1 
ATOM   585  N  N   . ASP C 2 8  ? -5.454  1.725   17.493  1.00 33.00 ? 8   ASP C N   1 
ATOM   586  C  CA  . ASP C 2 8  ? -4.220  2.151   16.795  1.00 34.58 ? 8   ASP C CA  1 
ATOM   587  C  C   . ASP C 2 8  ? -3.826  1.202   15.672  1.00 34.49 ? 8   ASP C C   1 
ATOM   588  O  O   . ASP C 2 8  ? -3.453  1.645   14.575  1.00 34.44 ? 8   ASP C O   1 
ATOM   589  C  CB  . ASP C 2 8  ? -3.052  2.261   17.757  1.00 34.79 ? 8   ASP C CB  1 
ATOM   590  C  CG  . ASP C 2 8  ? -3.053  3.528   18.510  1.00 39.26 ? 8   ASP C CG  1 
ATOM   591  O  OD1 . ASP C 2 8  ? -3.995  4.367   18.326  1.00 42.22 ? 8   ASP C OD1 1 
ATOM   592  O  OD2 . ASP C 2 8  ? -2.110  3.666   19.340  1.00 41.67 ? 8   ASP C OD2 1 
ATOM   593  N  N   . ALA C 2 9  ? -3.954  -0.097  15.920  1.00 33.10 ? 9   ALA C N   1 
ATOM   594  C  CA  . ALA C 2 9  ? -3.718  -1.090  14.863  1.00 33.05 ? 9   ALA C CA  1 
ATOM   595  C  C   . ALA C 2 9  ? -4.646  -0.822  13.686  1.00 34.41 ? 9   ALA C C   1 
ATOM   596  O  O   . ALA C 2 9  ? -4.227  -0.876  12.521  1.00 35.86 ? 9   ALA C O   1 
ATOM   597  C  CB  . ALA C 2 9  ? -3.917  -2.546  15.391  1.00 33.44 ? 9   ALA C CB  1 
ATOM   598  N  N   . VAL C 2 10 ? -5.929  -0.550  13.968  1.00 32.21 ? 10  VAL C N   1 
ATOM   599  C  CA  . VAL C 2 10 ? -6.866  -0.262  12.894  1.00 33.24 ? 10  VAL C CA  1 
ATOM   600  C  C   . VAL C 2 10 ? -6.421  0.957   12.084  1.00 32.37 ? 10  VAL C C   1 
ATOM   601  O  O   . VAL C 2 10 ? -6.519  0.968   10.810  1.00 33.36 ? 10  VAL C O   1 
ATOM   602  C  CB  . VAL C 2 10 ? -8.282  -0.094  13.448  1.00 32.32 ? 10  VAL C CB  1 
ATOM   603  C  CG1 . VAL C 2 10 ? -9.241  0.572   12.409  1.00 33.92 ? 10  VAL C CG1 1 
ATOM   604  C  CG2 . VAL C 2 10 ? -8.802  -1.470  13.918  1.00 32.78 ? 10  VAL C CG2 1 
ATOM   605  N  N   . GLU C 2 11 ? -6.013  2.029   12.765  1.00 31.89 ? 11  GLU C N   1 
ATOM   606  C  CA  . GLU C 2 11 ? -5.530  3.221   12.037  1.00 32.97 ? 11  GLU C CA  1 
ATOM   607  C  C   . GLU C 2 11 ? -4.338  2.907   11.137  1.00 34.06 ? 11  GLU C C   1 
ATOM   608  O  O   . GLU C 2 11 ? -4.233  3.433   10.030  1.00 34.74 ? 11  GLU C O   1 
ATOM   609  C  CB  . GLU C 2 11 ? -5.175  4.322   12.995  1.00 34.27 ? 11  GLU C CB  1 
ATOM   610  C  CG  . GLU C 2 11 ? -6.429  4.908   13.651  1.00 36.77 ? 11  GLU C CG  1 
ATOM   611  C  CD  . GLU C 2 11 ? -7.510  5.381   12.658  1.00 42.90 ? 11  GLU C CD  1 
ATOM   612  O  OE1 . GLU C 2 11 ? -7.198  6.099   11.674  1.00 45.48 ? 11  GLU C OE1 1 
ATOM   613  O  OE2 . GLU C 2 11 ? -8.699  5.066   12.897  1.00 45.56 ? 11  GLU C OE2 1 
ATOM   614  N  N   . GLU C 2 12 ? -3.466  2.019   11.605  1.00 32.83 ? 12  GLU C N   1 
ATOM   615  C  CA  . GLU C 2 12 ? -2.297  1.653   10.769  1.00 32.98 ? 12  GLU C CA  1 
ATOM   616  C  C   . GLU C 2 12 ? -2.731  0.889   9.543   1.00 33.64 ? 12  GLU C C   1 
ATOM   617  O  O   . GLU C 2 12 ? -2.195  1.087   8.461   1.00 34.23 ? 12  GLU C O   1 
ATOM   618  C  CB  . GLU C 2 12 ? -1.295  0.849   11.566  1.00 32.33 ? 12  GLU C CB  1 
ATOM   619  C  CG  . GLU C 2 12 ? -0.653  1.688   12.744  1.00 31.51 ? 12  GLU C CG  1 
ATOM   620  C  CD  . GLU C 2 12 ? 0.164   2.889   12.250  1.00 37.07 ? 12  GLU C CD  1 
ATOM   621  O  OE1 . GLU C 2 12 ? 0.776   2.853   11.173  1.00 35.38 ? 12  GLU C OE1 1 
ATOM   622  O  OE2 . GLU C 2 12 ? 0.315   3.870   13.015  1.00 40.97 ? 12  GLU C OE2 1 
ATOM   623  N  N   . LEU C 2 13 ? -3.699  -0.009  9.711   1.00 32.70 ? 13  LEU C N   1 
ATOM   624  C  CA  . LEU C 2 13 ? -4.233  -0.769  8.556   1.00 34.28 ? 13  LEU C CA  1 
ATOM   625  C  C   . LEU C 2 13 ? -4.942  0.158   7.557   1.00 34.45 ? 13  LEU C C   1 
ATOM   626  O  O   . LEU C 2 13 ? -4.844  -0.081  6.363   1.00 35.19 ? 13  LEU C O   1 
ATOM   627  C  CB  . LEU C 2 13 ? -5.188  -1.884  9.023   1.00 35.26 ? 13  LEU C CB  1 
ATOM   628  C  CG  . LEU C 2 13 ? -4.447  -2.900  9.925   1.00 36.84 ? 13  LEU C CG  1 
ATOM   629  C  CD1 . LEU C 2 13 ? -5.424  -3.994  10.391  1.00 37.65 ? 13  LEU C CD1 1 
ATOM   630  C  CD2 . LEU C 2 13 ? -3.293  -3.544  9.183   1.00 43.39 ? 13  LEU C CD2 1 
ATOM   631  N  N   . LEU C 2 14 ? -5.707  1.147   8.045   1.00 34.65 ? 14  LEU C N   1 
ATOM   632  C  CA  . LEU C 2 14 ? -6.345  2.137   7.147   1.00 33.17 ? 14  LEU C CA  1 
ATOM   633  C  C   . LEU C 2 14 ? -5.256  2.840   6.325   1.00 34.32 ? 14  LEU C C   1 
ATOM   634  O  O   . LEU C 2 14 ? -5.408  3.039   5.097   1.00 34.73 ? 14  LEU C O   1 
ATOM   635  C  CB  . LEU C 2 14 ? -7.146  3.143   7.973   1.00 33.89 ? 14  LEU C CB  1 
ATOM   636  C  CG  . LEU C 2 14 ? -8.463  2.528   8.500   1.00 32.88 ? 14  LEU C CG  1 
ATOM   637  C  CD1 . LEU C 2 14 ? -9.082  3.489   9.499   1.00 34.05 ? 14  LEU C CD1 1 
ATOM   638  C  CD2 . LEU C 2 14 ? -9.439  2.288   7.332   1.00 34.13 ? 14  LEU C CD2 1 
ATOM   639  N  N   . SER C 2 15 ? -4.154  3.190   6.976   1.00 33.75 ? 15  SER C N   1 
ATOM   640  C  CA  . SER C 2 15 ? -3.063  3.902   6.275   1.00 32.50 ? 15  SER C CA  1 
ATOM   641  C  C   . SER C 2 15 ? -2.380  2.958   5.298   1.00 33.87 ? 15  SER C C   1 
ATOM   642  O  O   . SER C 2 15 ? -2.070  3.366   4.197   1.00 35.58 ? 15  SER C O   1 
ATOM   643  C  CB  . SER C 2 15 ? -2.048  4.457   7.270   1.00 33.93 ? 15  SER C CB  1 
ATOM   644  O  OG  . SER C 2 15 ? -2.607  5.545   8.011   1.00 34.90 ? 15  SER C OG  1 
ATOM   645  N  N   . ALA C 2 16 ? -2.137  1.704   5.695   1.00 33.10 ? 16  ALA C N   1 
ATOM   646  C  CA  . ALA C 2 16 ? -1.527  0.722   4.760   1.00 32.41 ? 16  ALA C CA  1 
ATOM   647  C  C   . ALA C 2 16 ? -2.408  0.588   3.516   1.00 33.37 ? 16  ALA C C   1 
ATOM   648  O  O   . ALA C 2 16 ? -1.881  0.563   2.405   1.00 34.40 ? 16  ALA C O   1 
ATOM   649  C  CB  . ALA C 2 16 ? -1.386  -0.617  5.447   1.00 33.48 ? 16  ALA C CB  1 
ATOM   650  N  N   . ASN C 2 17 ? -3.727  0.489   3.697   1.00 32.92 ? 17  ASN C N   1 
ATOM   651  C  CA  . ASN C 2 17 ? -4.615  0.345   2.538   1.00 33.31 ? 17  ASN C CA  1 
ATOM   652  C  C   . ASN C 2 17 ? -4.603  1.573   1.684   1.00 34.15 ? 17  ASN C C   1 
ATOM   653  O  O   . ASN C 2 17 ? -4.666  1.471   0.474   1.00 34.06 ? 17  ASN C O   1 
ATOM   654  C  CB  . ASN C 2 17 ? -6.017  0.010   2.967   1.00 33.37 ? 17  ASN C CB  1 
ATOM   655  C  CG  . ASN C 2 17 ? -6.154  -1.444  3.468   1.00 34.77 ? 17  ASN C CG  1 
ATOM   656  O  OD1 . ASN C 2 17 ? -5.258  -2.276  3.326   1.00 36.97 ? 17  ASN C OD1 1 
ATOM   657  N  ND2 . ASN C 2 17 ? -7.298  -1.738  4.011   1.00 36.07 ? 17  ASN C ND2 1 
ATOM   658  N  N   . TYR C 2 18 ? -4.547  2.749   2.317   1.00 32.92 ? 18  TYR C N   1 
ATOM   659  C  CA  . TYR C 2 18 ? -4.441  4.000   1.556   1.00 33.68 ? 18  TYR C CA  1 
ATOM   660  C  C   . TYR C 2 18 ? -3.276  3.980   0.598   1.00 33.35 ? 18  TYR C C   1 
ATOM   661  O  O   . TYR C 2 18 ? -3.407  4.305   -0.625  1.00 32.58 ? 18  TYR C O   1 
ATOM   662  C  CB  . TYR C 2 18 ? -4.320  5.135   2.557   1.00 32.88 ? 18  TYR C CB  1 
ATOM   663  C  CG  . TYR C 2 18 ? -3.994  6.472   1.964   1.00 34.25 ? 18  TYR C CG  1 
ATOM   664  C  CD1 . TYR C 2 18 ? -4.952  7.216   1.284   1.00 35.52 ? 18  TYR C CD1 1 
ATOM   665  C  CD2 . TYR C 2 18 ? -2.740  7.020   2.145   1.00 34.03 ? 18  TYR C CD2 1 
ATOM   666  C  CE1 . TYR C 2 18 ? -4.635  8.485   0.784   1.00 34.72 ? 18  TYR C CE1 1 
ATOM   667  C  CE2 . TYR C 2 18 ? -2.405  8.243   1.642   1.00 33.78 ? 18  TYR C CE2 1 
ATOM   668  C  CZ  . TYR C 2 18 ? -3.366  8.999   0.962   1.00 35.03 ? 18  TYR C CZ  1 
ATOM   669  O  OH  . TYR C 2 18 ? -3.038  10.261  0.481   1.00 37.74 ? 18  TYR C OH  1 
ATOM   670  N  N   . HIS C 2 19 ? -2.115  3.598   1.126   1.00 32.84 ? 19  HIS C N   1 
ATOM   671  C  CA  . HIS C 2 19 ? -0.911  3.583   0.271   1.00 32.44 ? 19  HIS C CA  1 
ATOM   672  C  C   . HIS C 2 19 ? -1.000  2.488   -0.809  1.00 32.85 ? 19  HIS C C   1 
ATOM   673  O  O   . HIS C 2 19 ? -0.577  2.724   -1.957  1.00 33.92 ? 19  HIS C O   1 
ATOM   674  C  CB  . HIS C 2 19 ? 0.341   3.474   1.108   1.00 33.05 ? 19  HIS C CB  1 
ATOM   675  C  CG  . HIS C 2 19 ? 0.627   4.719   1.900   1.00 32.93 ? 19  HIS C CG  1 
ATOM   676  N  ND1 . HIS C 2 19 ? 1.150   5.860   1.319   1.00 32.34 ? 19  HIS C ND1 1 
ATOM   677  C  CD2 . HIS C 2 19 ? 0.410   5.024   3.208   1.00 34.52 ? 19  HIS C CD2 1 
ATOM   678  C  CE1 . HIS C 2 19 ? 1.283   6.798   2.244   1.00 35.45 ? 19  HIS C CE1 1 
ATOM   679  N  NE2 . HIS C 2 19 ? 0.843   6.320   3.392   1.00 34.11 ? 19  HIS C NE2 1 
ATOM   680  N  N   . LEU C 2 20 ? -1.552  1.313   -0.504  1.00 32.05 ? 20  LEU C N   1 
ATOM   681  C  CA  . LEU C 2 20 ? -1.702  0.300   -1.591  1.00 32.03 ? 20  LEU C CA  1 
ATOM   682  C  C   . LEU C 2 20 ? -2.658  0.778   -2.643  1.00 32.46 ? 20  LEU C C   1 
ATOM   683  O  O   . LEU C 2 20 ? -2.406  0.562   -3.840  1.00 33.67 ? 20  LEU C O   1 
ATOM   684  C  CB  . LEU C 2 20 ? -2.201  -1.036  -1.115  1.00 32.94 ? 20  LEU C CB  1 
ATOM   685  C  CG  . LEU C 2 20 ? -1.196  -1.809  -0.272  1.00 34.84 ? 20  LEU C CG  1 
ATOM   686  C  CD1 . LEU C 2 20 ? -1.847  -3.161  0.050   1.00 36.46 ? 20  LEU C CD1 1 
ATOM   687  C  CD2 . LEU C 2 20 ? 0.126   -2.050  -1.002  1.00 40.17 ? 20  LEU C CD2 1 
ATOM   688  N  N   . GLU C 2 21 ? -3.750  1.431   -2.229  1.00 32.47 ? 21  GLU C N   1 
ATOM   689  C  CA  . GLU C 2 21 ? -4.666  2.057   -3.225  1.00 32.98 ? 21  GLU C CA  1 
ATOM   690  C  C   . GLU C 2 21 ? -3.925  2.989   -4.140  1.00 32.90 ? 21  GLU C C   1 
ATOM   691  O  O   . GLU C 2 21 ? -4.196  3.029   -5.367  1.00 33.04 ? 21  GLU C O   1 
ATOM   692  C  CB  . GLU C 2 21 ? -5.766  2.859   -2.502  1.00 33.23 ? 21  GLU C CB  1 
ATOM   693  C  CG  . GLU C 2 21 ? -6.815  2.011   -1.868  1.00 37.35 ? 21  GLU C CG  1 
ATOM   694  C  CD  . GLU C 2 21 ? -7.862  2.833   -1.114  1.00 43.33 ? 21  GLU C CD  1 
ATOM   695  O  OE1 . GLU C 2 21 ? -7.573  3.997   -0.707  1.00 47.14 ? 21  GLU C OE1 1 
ATOM   696  O  OE2 . GLU C 2 21 ? -8.964  2.312   -0.914  1.00 44.55 ? 21  GLU C OE2 1 
ATOM   697  N  N   . ASN C 2 22 ? -3.022  3.781   -3.564  1.00 33.56 ? 22  ASN C N   1 
ATOM   698  C  CA  . ASN C 2 22 ? -2.246  4.718   -4.389  1.00 34.38 ? 22  ASN C CA  1 
ATOM   699  C  C   . ASN C 2 22 ? -1.367  3.978   -5.375  1.00 34.22 ? 22  ASN C C   1 
ATOM   700  O  O   . ASN C 2 22 ? -1.254  4.381   -6.549  1.00 34.54 ? 22  ASN C O   1 
ATOM   701  C  CB  . ASN C 2 22 ? -1.382  5.639   -3.543  1.00 35.57 ? 22  ASN C CB  1 
ATOM   702  C  CG  . ASN C 2 22 ? -2.198  6.567   -2.658  1.00 38.82 ? 22  ASN C CG  1 
ATOM   703  O  OD1 . ASN C 2 22 ? -3.384  6.863   -2.941  1.00 38.24 ? 22  ASN C OD1 1 
ATOM   704  N  ND2 . ASN C 2 22 ? -1.564  7.039   -1.574  1.00 39.74 ? 22  ASN C ND2 1 
ATOM   705  N  N   . ALA C 2 23 ? -0.713  2.917   -4.907  1.00 34.27 ? 23  ALA C N   1 
ATOM   706  C  CA  . ALA C 2 23 ? 0.115   2.091   -5.829  1.00 33.65 ? 23  ALA C CA  1 
ATOM   707  C  C   . ALA C 2 23 ? -0.728  1.515   -6.965  1.00 33.81 ? 23  ALA C C   1 
ATOM   708  O  O   . ALA C 2 23 ? -0.360  1.638   -8.133  1.00 34.27 ? 23  ALA C O   1 
ATOM   709  C  CB  . ALA C 2 23 ? 0.820   1.008   -5.079  1.00 34.81 ? 23  ALA C CB  1 
ATOM   710  N  N   . VAL C 2 24 ? -1.895  0.974   -6.635  1.00 31.97 ? 24  VAL C N   1 
ATOM   711  C  CA  . VAL C 2 24 ? -2.800  0.413   -7.662  1.00 32.65 ? 24  VAL C CA  1 
ATOM   712  C  C   . VAL C 2 24 ? -3.154  1.488   -8.668  1.00 33.95 ? 24  VAL C C   1 
ATOM   713  O  O   . VAL C 2 24 ? -3.138  1.248   -9.892  1.00 32.91 ? 24  VAL C O   1 
ATOM   714  C  CB  . VAL C 2 24 ? -4.096  -0.150  -6.991  1.00 32.34 ? 24  VAL C CB  1 
ATOM   715  C  CG1 . VAL C 2 24 ? -5.152  -0.567  -8.083  1.00 31.69 ? 24  VAL C CG1 1 
ATOM   716  C  CG2 . VAL C 2 24 ? -3.737  -1.343  -6.186  1.00 32.34 ? 24  VAL C CG2 1 
ATOM   717  N  N   . ALA C 2 25 ? -3.446  2.691   -8.166  1.00 35.64 ? 25  ALA C N   1 
ATOM   718  C  CA  . ALA C 2 25 ? -3.785  3.836   -9.054  1.00 37.75 ? 25  ALA C CA  1 
ATOM   719  C  C   . ALA C 2 25 ? -2.645  4.189   -10.008 1.00 38.32 ? 25  ALA C C   1 
ATOM   720  O  O   . ALA C 2 25 ? -2.870  4.339   -11.222 1.00 39.38 ? 25  ALA C O   1 
ATOM   721  C  CB  . ALA C 2 25 ? -4.233  5.055   -8.215  1.00 38.53 ? 25  ALA C CB  1 
ATOM   722  N  N   . ARG C 2 26 ? -1.411  4.283   -9.498  1.00 38.89 ? 26  ARG C N   1 
ATOM   723  C  CA  . ARG C 2 26 ? -0.245  4.580   -10.359 1.00 40.39 ? 26  ARG C CA  1 
ATOM   724  C  C   . ARG C 2 26 ? -0.044  3.528   -11.456 1.00 39.58 ? 26  ARG C C   1 
ATOM   725  O  O   . ARG C 2 26 ? 0.247   3.848   -12.614 1.00 40.18 ? 26  ARG C O   1 
ATOM   726  C  CB  . ARG C 2 26 ? 1.060   4.708   -9.544  1.00 40.18 ? 26  ARG C CB  1 
ATOM   727  C  CG  . ARG C 2 26 ? 1.038   5.629   -8.347  1.00 45.59 ? 26  ARG C CG  1 
ATOM   728  C  CD  . ARG C 2 26 ? 0.383   6.950   -8.636  1.00 49.84 ? 26  ARG C CD  1 
ATOM   729  N  NE  . ARG C 2 26 ? -0.094  7.537   -7.391  1.00 52.47 ? 26  ARG C NE  1 
ATOM   730  C  CZ  . ARG C 2 26 ? 0.486   8.543   -6.752  1.00 55.27 ? 26  ARG C CZ  1 
ATOM   731  N  NH1 . ARG C 2 26 ? 1.578   9.138   -7.234  1.00 56.00 ? 26  ARG C NH1 1 
ATOM   732  N  NH2 . ARG C 2 26 ? -0.055  8.967   -5.624  1.00 56.45 ? 26  ARG C NH2 1 
ATOM   733  N  N   . LEU C 2 27 ? -0.217  2.264   -11.094 1.00 38.83 ? 27  LEU C N   1 
ATOM   734  C  CA  . LEU C 2 27 ? 0.053   1.200   -12.051 1.00 37.88 ? 27  LEU C CA  1 
ATOM   735  C  C   . LEU C 2 27 ? -1.043  0.991   -13.082 1.00 37.47 ? 27  LEU C C   1 
ATOM   736  O  O   . LEU C 2 27 ? -0.749  0.529   -14.175 1.00 37.16 ? 27  LEU C O   1 
ATOM   737  C  CB  . LEU C 2 27 ? 0.388   -0.106  -11.341 1.00 37.21 ? 27  LEU C CB  1 
ATOM   738  C  CG  . LEU C 2 27 ? 1.600   0.076   -10.437 1.00 37.41 ? 27  LEU C CG  1 
ATOM   739  C  CD1 . LEU C 2 27 ? 1.613   -1.072  -9.458  1.00 38.01 ? 27  LEU C CD1 1 
ATOM   740  C  CD2 . LEU C 2 27 ? 2.911   0.213   -11.270 1.00 35.50 ? 27  LEU C CD2 1 
ATOM   741  N  N   . LYS C 2 28 ? -2.301  1.297   -12.747 1.00 38.05 ? 28  LYS C N   1 
ATOM   742  C  CA  . LYS C 2 28 ? -3.369  1.237   -13.765 1.00 38.74 ? 28  LYS C CA  1 
ATOM   743  C  C   . LYS C 2 28 ? -3.076  2.275   -14.824 1.00 39.59 ? 28  LYS C C   1 
ATOM   744  O  O   . LYS C 2 28 ? -3.214  2.027   -16.027 1.00 39.67 ? 28  LYS C O   1 
ATOM   745  C  CB  . LYS C 2 28 ? -4.750  1.483   -13.163 1.00 38.77 ? 28  LYS C CB  1 
ATOM   746  C  CG  . LYS C 2 28 ? -5.195  0.364   -12.285 1.00 40.42 ? 28  LYS C CG  1 
ATOM   747  C  CD  . LYS C 2 28 ? -6.595  0.595   -11.751 1.00 41.62 ? 28  LYS C CD  1 
ATOM   748  C  CE  . LYS C 2 28 ? -7.060  -0.609  -11.002 1.00 41.62 ? 28  LYS C CE  1 
ATOM   749  N  NZ  . LYS C 2 28 ? -8.315  -0.276  -10.334 1.00 43.02 ? 28  LYS C NZ  1 
ATOM   750  N  N   . LYS C 2 29 ? -2.654  3.443   -14.360 1.00 40.05 ? 29  LYS C N   1 
ATOM   751  C  CA  . LYS C 2 29 ? -2.308  4.543   -15.245 1.00 41.39 ? 29  LYS C CA  1 
ATOM   752  C  C   . LYS C 2 29 ? -1.178  4.100   -16.187 1.00 41.55 ? 29  LYS C C   1 
ATOM   753  O  O   . LYS C 2 29 ? -1.257  4.306   -17.406 1.00 41.08 ? 29  LYS C O   1 
ATOM   754  C  CB  . LYS C 2 29 ? -1.921  5.752   -14.390 1.00 41.55 ? 29  LYS C CB  1 
ATOM   755  C  CG  . LYS C 2 29 ? -1.741  7.063   -15.120 1.00 42.61 ? 29  LYS C CG  1 
ATOM   756  C  CD  . LYS C 2 29 ? -2.978  7.514   -15.899 1.00 44.24 ? 29  LYS C CD  1 
ATOM   757  C  CE  . LYS C 2 29 ? -2.787  8.960   -16.381 1.00 44.96 ? 29  LYS C CE  1 
ATOM   758  N  NZ  . LYS C 2 29 ? -3.200  9.183   -17.804 1.00 46.83 ? 29  LYS C NZ  1 
ATOM   759  N  N   . LEU C 2 30 ? -0.156  3.454   -15.616 1.00 42.29 ? 30  LEU C N   1 
ATOM   760  C  CA  . LEU C 2 30 ? 0.960   2.892   -16.395 1.00 42.85 ? 30  LEU C CA  1 
ATOM   761  C  C   . LEU C 2 30 ? 0.507   1.900   -17.474 1.00 43.08 ? 30  LEU C C   1 
ATOM   762  O  O   . LEU C 2 30 ? 0.904   2.023   -18.648 1.00 41.08 ? 30  LEU C O   1 
ATOM   763  C  CB  . LEU C 2 30 ? 2.003   2.236   -15.463 1.00 43.55 ? 30  LEU C CB  1 
ATOM   764  C  CG  . LEU C 2 30 ? 3.414   2.017   -16.065 1.00 44.37 ? 30  LEU C CG  1 
ATOM   765  C  CD1 . LEU C 2 30 ? 4.427   1.456   -15.061 1.00 44.35 ? 30  LEU C CD1 1 
ATOM   766  C  CD2 . LEU C 2 30 ? 3.401   1.167   -17.319 1.00 47.51 ? 30  LEU C CD2 1 
ATOM   767  N  N   . VAL C 2 31 ? -0.290  0.902   -17.082 1.00 43.37 ? 31  VAL C N   1 
ATOM   768  C  CA  . VAL C 2 31 ? -0.768  -0.092  -18.069 1.00 44.51 ? 31  VAL C CA  1 
ATOM   769  C  C   . VAL C 2 31 ? -1.724  0.569   -19.063 1.00 45.44 ? 31  VAL C C   1 
ATOM   770  O  O   . VAL C 2 31 ? -2.647  1.284   -18.659 1.00 46.19 ? 31  VAL C O   1 
ATOM   771  C  CB  . VAL C 2 31 ? -1.430  -1.374  -17.426 1.00 45.27 ? 31  VAL C CB  1 
ATOM   772  C  CG1 . VAL C 2 31 ? -0.674  -1.828  -16.191 1.00 45.14 ? 31  VAL C CG1 1 
ATOM   773  C  CG2 . VAL C 2 31 ? -2.921  -1.172  -17.065 1.00 46.43 ? 31  VAL C CG2 1 
ATOM   774  N  N   . MET D 1 1  ? -19.501 -6.181  22.027  1.00 48.19 ? 1   MET D N   1 
ATOM   775  C  CA  . MET D 1 1  ? -18.064 -6.153  22.433  1.00 47.02 ? 1   MET D CA  1 
ATOM   776  C  C   . MET D 1 1  ? -17.257 -5.190  21.572  1.00 44.68 ? 1   MET D C   1 
ATOM   777  O  O   . MET D 1 1  ? -17.138 -5.350  20.345  1.00 44.11 ? 1   MET D O   1 
ATOM   778  C  CB  . MET D 1 1  ? -17.427 -7.559  22.421  1.00 48.25 ? 1   MET D CB  1 
ATOM   779  C  CG  . MET D 1 1  ? -15.908 -7.641  22.805  1.00 48.44 ? 1   MET D CG  1 
ATOM   780  S  SD  . MET D 1 1  ? -15.373 -6.662  24.247  1.00 59.31 ? 1   MET D SD  1 
ATOM   781  C  CE  . MET D 1 1  ? -14.514 -7.911  25.216  1.00 58.45 ? 1   MET D CE  1 
ATOM   782  N  N   . LYS D 1 2  ? -16.688 -4.197  22.245  1.00 43.00 ? 2   LYS D N   1 
ATOM   783  C  CA  . LYS D 1 2  ? -15.730 -3.261  21.636  1.00 41.07 ? 2   LYS D CA  1 
ATOM   784  C  C   . LYS D 1 2  ? -14.531 -4.002  21.031  1.00 39.73 ? 2   LYS D C   1 
ATOM   785  O  O   . LYS D 1 2  ? -14.110 -3.738  19.892  1.00 37.51 ? 2   LYS D O   1 
ATOM   786  C  CB  . LYS D 1 2  ? -15.277 -2.270  22.723  1.00 42.60 ? 2   LYS D CB  1 
ATOM   787  C  CG  . LYS D 1 2  ? -14.707 -0.965  22.206  1.00 44.05 ? 2   LYS D CG  1 
ATOM   788  C  CD  . LYS D 1 2  ? -15.503 -0.412  21.023  1.00 44.06 ? 2   LYS D CD  1 
ATOM   789  C  CE  . LYS D 1 2  ? -14.599 0.484   20.174  1.00 47.10 ? 2   LYS D CE  1 
ATOM   790  N  NZ  . LYS D 1 2  ? -15.302 0.986   18.952  1.00 49.70 ? 2   LYS D NZ  1 
ATOM   791  N  N   . VAL D 1 3  ? -13.990 -4.950  21.775  1.00 37.76 ? 3   VAL D N   1 
ATOM   792  C  CA  . VAL D 1 3  ? -12.790 -5.675  21.346  1.00 36.53 ? 3   VAL D CA  1 
ATOM   793  C  C   . VAL D 1 3  ? -13.092 -6.536  20.128  1.00 36.43 ? 3   VAL D C   1 
ATOM   794  O  O   . VAL D 1 3  ? -12.336 -6.526  19.146  1.00 35.00 ? 3   VAL D O   1 
ATOM   795  C  CB  . VAL D 1 3  ? -12.186 -6.518  22.548  1.00 36.91 ? 3   VAL D CB  1 
ATOM   796  C  CG1 . VAL D 1 3  ? -11.017 -7.395  22.064  1.00 37.29 ? 3   VAL D CG1 1 
ATOM   797  C  CG2 . VAL D 1 3  ? -11.712 -5.582  23.637  1.00 34.86 ? 3   VAL D CG2 1 
ATOM   798  N  N   . LYS D 1 4  ? -14.206 -7.265  20.195  1.00 36.92 ? 4   LYS D N   1 
ATOM   799  C  CA  . LYS D 1 4  ? -14.624 -8.104  19.093  1.00 36.97 ? 4   LYS D CA  1 
ATOM   800  C  C   . LYS D 1 4  ? -14.895 -7.255  17.865  1.00 35.82 ? 4   LYS D C   1 
ATOM   801  O  O   . LYS D 1 4  ? -14.514 -7.642  16.763  1.00 35.87 ? 4   LYS D O   1 
ATOM   802  C  CB  . LYS D 1 4  ? -15.863 -8.922  19.485  1.00 36.98 ? 4   LYS D CB  1 
ATOM   803  C  CG  . LYS D 1 4  ? -16.303 -9.970  18.431  1.00 41.42 ? 4   LYS D CG  1 
ATOM   804  C  CD  . LYS D 1 4  ? -15.137 -10.895 17.982  1.00 47.45 ? 4   LYS D CD  1 
ATOM   805  C  CE  . LYS D 1 4  ? -15.629 -12.132 17.226  1.00 51.12 ? 4   LYS D CE  1 
ATOM   806  N  NZ  . LYS D 1 4  ? -16.303 -11.809 15.929  1.00 53.37 ? 4   LYS D NZ  1 
ATOM   807  N  N   . GLN D 1 5  ? -15.564 -6.113  18.040  1.00 35.26 ? 5   GLN D N   1 
ATOM   808  C  CA  . GLN D 1 5  ? -15.798 -5.202  16.895  1.00 34.85 ? 5   GLN D CA  1 
ATOM   809  C  C   . GLN D 1 5  ? -14.475 -4.763  16.280  1.00 33.37 ? 5   GLN D C   1 
ATOM   810  O  O   . GLN D 1 5  ? -14.360 -4.674  15.051  1.00 32.76 ? 5   GLN D O   1 
ATOM   811  C  CB  . GLN D 1 5  ? -16.602 -3.971  17.341  1.00 36.75 ? 5   GLN D CB  1 
ATOM   812  C  CG  . GLN D 1 5  ? -16.927 -2.977  16.186  1.00 42.28 ? 5   GLN D CG  1 
ATOM   813  C  CD  . GLN D 1 5  ? -15.918 -1.812  16.043  1.00 48.69 ? 5   GLN D CD  1 
ATOM   814  O  OE1 . GLN D 1 5  ? -15.527 -1.443  14.930  1.00 52.92 ? 5   GLN D OE1 1 
ATOM   815  N  NE2 . GLN D 1 5  ? -15.527 -1.219  17.168  1.00 51.42 ? 5   GLN D NE2 1 
ATOM   816  N  N   . LEU D 1 6  ? -13.483 -4.489  17.116  1.00 32.23 ? 6   LEU D N   1 
ATOM   817  C  CA  . LEU D 1 6  ? -12.197 -4.004  16.516  1.00 32.80 ? 6   LEU D CA  1 
ATOM   818  C  C   . LEU D 1 6  ? -11.447 -5.171  15.875  1.00 32.32 ? 6   LEU D C   1 
ATOM   819  O  O   . LEU D 1 6  ? -10.779 -5.016  14.833  1.00 32.60 ? 6   LEU D O   1 
ATOM   820  C  CB  . LEU D 1 6  ? -11.343 -3.298  17.575  1.00 31.98 ? 6   LEU D CB  1 
ATOM   821  C  CG  . LEU D 1 6  ? -11.901 -1.933  18.020  1.00 33.57 ? 6   LEU D CG  1 
ATOM   822  C  CD1 . LEU D 1 6  ? -11.322 -1.467  19.342  1.00 33.88 ? 6   LEU D CD1 1 
ATOM   823  C  CD2 . LEU D 1 6  ? -11.695 -0.875  16.937  1.00 36.78 ? 6   LEU D CD2 1 
ATOM   824  N  N   . ALA D 1 7  ? -11.525 -6.347  16.488  1.00 32.52 ? 7   ALA D N   1 
ATOM   825  C  CA  . ALA D 1 7  ? -10.878 -7.530  15.886  1.00 32.93 ? 7   ALA D CA  1 
ATOM   826  C  C   . ALA D 1 7  ? -11.495 -7.841  14.530  1.00 33.59 ? 7   ALA D C   1 
ATOM   827  O  O   . ALA D 1 7  ? -10.795 -8.104  13.566  1.00 33.60 ? 7   ALA D O   1 
ATOM   828  C  CB  . ALA D 1 7  ? -10.989 -8.731  16.820  1.00 34.93 ? 7   ALA D CB  1 
ATOM   829  N  N   . ASP D 1 8  ? -12.809 -7.776  14.434  1.00 34.13 ? 8   ASP D N   1 
ATOM   830  C  CA  . ASP D 1 8  ? -13.477 -7.955  13.143  1.00 33.39 ? 8   ASP D CA  1 
ATOM   831  C  C   . ASP D 1 8  ? -13.082 -6.872  12.163  1.00 33.38 ? 8   ASP D C   1 
ATOM   832  O  O   . ASP D 1 8  ? -12.914 -7.143  10.967  1.00 33.65 ? 8   ASP D O   1 
ATOM   833  C  CB  . ASP D 1 8  ? -14.966 -7.911  13.374  1.00 34.39 ? 8   ASP D CB  1 
ATOM   834  C  CG  . ASP D 1 8  ? -15.482 -9.170  14.066  1.00 34.83 ? 8   ASP D CG  1 
ATOM   835  O  OD1 . ASP D 1 8  ? -14.764 -10.197 13.983  1.00 39.62 ? 8   ASP D OD1 1 
ATOM   836  O  OD2 . ASP D 1 8  ? -16.614 -9.161  14.587  1.00 35.74 ? 8   ASP D OD2 1 
ATOM   837  N  N   . LYS D 1 9  ? -12.938 -5.648  12.639  1.00 32.31 ? 9   LYS D N   1 
ATOM   838  C  CA  . LYS D 1 9  ? -12.459 -4.553  11.746  1.00 32.30 ? 9   LYS D CA  1 
ATOM   839  C  C   . LYS D 1 9  ? -11.045 -4.807  11.201  1.00 31.65 ? 9   LYS D C   1 
ATOM   840  O  O   . LYS D 1 9  ? -10.782 -4.601  10.032  1.00 32.62 ? 9   LYS D O   1 
ATOM   841  C  CB  . LYS D 1 9  ? -12.518 -3.212  12.482  1.00 32.41 ? 9   LYS D CB  1 
ATOM   842  C  CG  . LYS D 1 9  ? -12.080 -1.981  11.661  1.00 32.70 ? 9   LYS D CG  1 
ATOM   843  C  CD  . LYS D 1 9  ? -12.927 -1.715  10.400  1.00 35.70 ? 9   LYS D CD  1 
ATOM   844  C  CE  . LYS D 1 9  ? -14.425 -1.489  10.713  1.00 40.56 ? 9   LYS D CE  1 
ATOM   845  N  NZ  . LYS D 1 9  ? -15.115 -1.260  9.391   1.00 43.45 ? 9   LYS D NZ  1 
ATOM   846  N  N   . VAL D 1 10 ? -10.146 -5.269  12.062  1.00 31.62 ? 10  VAL D N   1 
ATOM   847  C  CA  . VAL D 1 10 ? -8.796  -5.671  11.606  1.00 33.42 ? 10  VAL D CA  1 
ATOM   848  C  C   . VAL D 1 10 ? -8.904  -6.688  10.460  1.00 34.22 ? 10  VAL D C   1 
ATOM   849  O  O   . VAL D 1 10 ? -8.242  -6.546  9.406   1.00 35.37 ? 10  VAL D O   1 
ATOM   850  C  CB  . VAL D 1 10 ? -7.992  -6.237  12.791  1.00 34.19 ? 10  VAL D CB  1 
ATOM   851  C  CG1 . VAL D 1 10 ? -6.718  -6.946  12.257  1.00 34.20 ? 10  VAL D CG1 1 
ATOM   852  C  CG2 . VAL D 1 10 ? -7.580  -5.063  13.705  1.00 33.76 ? 10  VAL D CG2 1 
ATOM   853  N  N   . GLU D 1 11 ? -9.752  -7.700  10.644  1.00 33.86 ? 11  GLU D N   1 
ATOM   854  C  CA  . GLU D 1 11 ? -9.925  -8.757  9.613   1.00 34.71 ? 11  GLU D CA  1 
ATOM   855  C  C   . GLU D 1 11 ? -10.497 -8.211  8.313   1.00 34.30 ? 11  GLU D C   1 
ATOM   856  O  O   . GLU D 1 11 ? -10.078 -8.605  7.211   1.00 34.23 ? 11  GLU D O   1 
ATOM   857  C  CB  . GLU D 1 11 ? -10.747 -9.899  10.197  1.00 35.23 ? 11  GLU D CB  1 
ATOM   858  C  CG  . GLU D 1 11 ? -10.008 -10.449 11.410  1.00 39.75 ? 11  GLU D CG  1 
ATOM   859  C  CD  . GLU D 1 11 ? -10.348 -11.881 11.726  1.00 47.89 ? 11  GLU D CD  1 
ATOM   860  O  OE1 . GLU D 1 11 ? -9.586  -12.490 12.517  1.00 47.67 ? 11  GLU D OE1 1 
ATOM   861  O  OE2 . GLU D 1 11 ? -11.354 -12.401 11.170  1.00 52.65 ? 11  GLU D OE2 1 
ATOM   862  N  N   . GLU D 1 12 ? -11.461 -7.303  8.438   1.00 33.03 ? 12  GLU D N   1 
ATOM   863  C  CA  . GLU D 1 12 ? -12.062 -6.669  7.258   1.00 32.55 ? 12  GLU D CA  1 
ATOM   864  C  C   . GLU D 1 12 ? -10.972 -5.934  6.474   1.00 34.00 ? 12  GLU D C   1 
ATOM   865  O  O   . GLU D 1 12 ? -10.868 -6.046  5.238   1.00 34.49 ? 12  GLU D O   1 
ATOM   866  C  CB  . GLU D 1 12 ? -13.147 -5.681  7.733   1.00 33.17 ? 12  GLU D CB  1 
ATOM   867  C  CG  . GLU D 1 12 ? -13.716 -4.841  6.548   1.00 33.26 ? 12  GLU D CG  1 
ATOM   868  C  CD  . GLU D 1 12 ? -14.589 -3.682  7.016   1.00 36.76 ? 12  GLU D CD  1 
ATOM   869  O  OE1 . GLU D 1 12 ? -15.036 -3.637  8.179   1.00 37.27 ? 12  GLU D OE1 1 
ATOM   870  O  OE2 . GLU D 1 12 ? -14.859 -2.822  6.143   1.00 42.46 ? 12  GLU D OE2 1 
ATOM   871  N  N   . LEU D 1 13 ? -10.193 -5.143  7.184   1.00 32.78 ? 13  LEU D N   1 
ATOM   872  C  CA  . LEU D 1 13 ? -9.190  -4.300  6.510   1.00 33.41 ? 13  LEU D CA  1 
ATOM   873  C  C   . LEU D 1 13 ? -8.061  -5.161  5.937   1.00 33.66 ? 13  LEU D C   1 
ATOM   874  O  O   . LEU D 1 13 ? -7.467  -4.821  4.878   1.00 35.57 ? 13  LEU D O   1 
ATOM   875  C  CB  . LEU D 1 13 ? -8.662  -3.249  7.489   1.00 32.42 ? 13  LEU D CB  1 
ATOM   876  C  CG  . LEU D 1 13 ? -9.703  -2.225  7.986   1.00 32.36 ? 13  LEU D CG  1 
ATOM   877  C  CD1 . LEU D 1 13 ? -9.067  -1.230  8.939   1.00 33.78 ? 13  LEU D CD1 1 
ATOM   878  C  CD2 . LEU D 1 13 ? -10.310 -1.493  6.794   1.00 35.11 ? 13  LEU D CD2 1 
ATOM   879  N  N   . LEU D 1 14 ? -7.725  -6.266  6.609   1.00 34.81 ? 14  LEU D N   1 
ATOM   880  C  CA  . LEU D 1 14 ? -6.708  -7.203  6.065   1.00 35.61 ? 14  LEU D CA  1 
ATOM   881  C  C   . LEU D 1 14 ? -7.189  -7.874  4.794   1.00 35.23 ? 14  LEU D C   1 
ATOM   882  O  O   . LEU D 1 14 ? -6.419  -8.057  3.846   1.00 36.36 ? 14  LEU D O   1 
ATOM   883  C  CB  . LEU D 1 14 ? -6.337  -8.262  7.110   1.00 34.92 ? 14  LEU D CB  1 
ATOM   884  C  CG  . LEU D 1 14 ? -5.380  -7.830  8.213   1.00 36.33 ? 14  LEU D CG  1 
ATOM   885  C  CD1 . LEU D 1 14 ? -5.150  -9.015  9.193   1.00 38.93 ? 14  LEU D CD1 1 
ATOM   886  C  CD2 . LEU D 1 14 ? -3.978  -7.317  7.665   1.00 39.77 ? 14  LEU D CD2 1 
ATOM   887  N  N   . SER D 1 15 ? -8.473  -8.172  4.732   1.00 34.54 ? 15  SER D N   1 
ATOM   888  C  CA  . SER D 1 15 ? -9.018  -8.779  3.502   1.00 34.14 ? 15  SER D CA  1 
ATOM   889  C  C   . SER D 1 15 ? -8.843  -7.801  2.359   1.00 34.77 ? 15  SER D C   1 
ATOM   890  O  O   . SER D 1 15 ? -8.403  -8.181  1.254   1.00 35.83 ? 15  SER D O   1 
ATOM   891  C  CB  . SER D 1 15 ? -10.505 -9.160  3.700   1.00 34.51 ? 15  SER D CB  1 
ATOM   892  O  OG  . SER D 1 15 ? -11.000 -9.749  2.509   1.00 34.55 ? 15  SER D OG  1 
ATOM   893  N  N   . LYS D 1 16 ? -9.138  -6.528  2.597   1.00 34.42 ? 16  LYS D N   1 
ATOM   894  C  CA  . LYS D 1 16 ? -8.922  -5.518  1.528   1.00 34.18 ? 16  LYS D CA  1 
ATOM   895  C  C   . LYS D 1 16 ? -7.416  -5.388  1.201   1.00 35.74 ? 16  LYS D C   1 
ATOM   896  O  O   . LYS D 1 16 ? -7.051  -5.286  0.019   1.00 34.48 ? 16  LYS D O   1 
ATOM   897  C  CB  . LYS D 1 16 ? -9.549  -4.173  1.955   1.00 33.84 ? 16  LYS D CB  1 
ATOM   898  C  CG  . LYS D 1 16 ? -9.371  -3.076  0.892   1.00 38.37 ? 16  LYS D CG  1 
ATOM   899  C  CD  . LYS D 1 16 ? -9.969  -1.798  1.400   1.00 45.87 ? 16  LYS D CD  1 
ATOM   900  C  CE  . LYS D 1 16 ? -9.352  -0.595  0.635   1.00 47.19 ? 16  LYS D CE  1 
ATOM   901  N  NZ  . LYS D 1 16 ? -9.837  0.707   1.140   1.00 49.65 ? 16  LYS D NZ  1 
ATOM   902  N  N   . ASN D 1 17 ? -6.552  -5.388  2.216   1.00 33.65 ? 17  ASN D N   1 
ATOM   903  C  CA  . ASN D 1 17 ? -5.120  -5.357  1.992   1.00 33.90 ? 17  ASN D CA  1 
ATOM   904  C  C   . ASN D 1 17 ? -4.679  -6.447  1.026   1.00 34.66 ? 17  ASN D C   1 
ATOM   905  O  O   . ASN D 1 17 ? -3.899  -6.203  0.107   1.00 34.17 ? 17  ASN D O   1 
ATOM   906  C  CB  . ASN D 1 17 ? -4.387  -5.484  3.345   1.00 34.54 ? 17  ASN D CB  1 
ATOM   907  C  CG  . ASN D 1 17 ? -2.974  -5.063  3.230   1.00 37.26 ? 17  ASN D CG  1 
ATOM   908  O  OD1 . ASN D 1 17 ? -2.110  -5.852  2.831   1.00 37.03 ? 17  ASN D OD1 1 
ATOM   909  N  ND2 . ASN D 1 17 ? -2.720  -3.780  3.487   1.00 41.97 ? 17  ASN D ND2 1 
ATOM   910  N  N   . TYR D 1 18 ? -5.168  -7.666  1.235   1.00 33.40 ? 18  TYR D N   1 
ATOM   911  C  CA  . TYR D 1 18 ? -4.747  -8.776  0.401   1.00 33.55 ? 18  TYR D CA  1 
ATOM   912  C  C   . TYR D 1 18 ? -5.168  -8.566  -1.036  1.00 33.55 ? 18  TYR D C   1 
ATOM   913  O  O   . TYR D 1 18 ? -4.399  -8.879  -1.942  1.00 33.41 ? 18  TYR D O   1 
ATOM   914  C  CB  . TYR D 1 18 ? -5.366  -10.057 0.925   1.00 33.80 ? 18  TYR D CB  1 
ATOM   915  C  CG  . TYR D 1 18 ? -4.667  -10.611 2.138   1.00 35.98 ? 18  TYR D CG  1 
ATOM   916  C  CD1 . TYR D 1 18 ? -3.336  -11.066 2.064   1.00 38.38 ? 18  TYR D CD1 1 
ATOM   917  C  CD2 . TYR D 1 18 ? -5.357  -10.813 3.352   1.00 40.80 ? 18  TYR D CD2 1 
ATOM   918  C  CE1 . TYR D 1 18 ? -2.715  -11.638 3.151   1.00 39.55 ? 18  TYR D CE1 1 
ATOM   919  C  CE2 . TYR D 1 18 ? -4.723  -11.366 4.437   1.00 39.89 ? 18  TYR D CE2 1 
ATOM   920  C  CZ  . TYR D 1 18 ? -3.423  -11.794 4.338   1.00 40.28 ? 18  TYR D CZ  1 
ATOM   921  O  OH  . TYR D 1 18 ? -2.808  -12.382 5.432   1.00 42.54 ? 18  TYR D OH  1 
ATOM   922  N  N   . HIS D 1 19 ? -6.384  -8.055  -1.250  1.00 33.68 ? 19  HIS D N   1 
ATOM   923  C  CA  . HIS D 1 19 ? -6.843  -7.775  -2.629  1.00 33.69 ? 19  HIS D CA  1 
ATOM   924  C  C   . HIS D 1 19 ? -5.998  -6.685  -3.265  1.00 34.49 ? 19  HIS D C   1 
ATOM   925  O  O   . HIS D 1 19 ? -5.562  -6.829  -4.426  1.00 33.31 ? 19  HIS D O   1 
ATOM   926  C  CB  . HIS D 1 19 ? -8.322  -7.343  -2.618  1.00 34.01 ? 19  HIS D CB  1 
ATOM   927  C  CG  . HIS D 1 19 ? -8.812  -6.851  -3.953  1.00 32.45 ? 19  HIS D CG  1 
ATOM   928  N  ND1 . HIS D 1 19 ? -8.722  -7.613  -5.095  1.00 34.04 ? 19  HIS D ND1 1 
ATOM   929  C  CD2 . HIS D 1 19 ? -9.418  -5.697  -4.320  1.00 33.57 ? 19  HIS D CD2 1 
ATOM   930  C  CE1 . HIS D 1 19 ? -9.230  -6.945  -6.123  1.00 34.46 ? 19  HIS D CE1 1 
ATOM   931  N  NE2 . HIS D 1 19 ? -9.689  -5.789  -5.673  1.00 34.17 ? 19  HIS D NE2 1 
ATOM   932  N  N   . LEU D 1 20 ? -5.778  -5.590  -2.536  1.00 33.62 ? 20  LEU D N   1 
ATOM   933  C  CA  . LEU D 1 20 ? -4.964  -4.476  -3.110  1.00 31.52 ? 20  LEU D CA  1 
ATOM   934  C  C   . LEU D 1 20 ? -3.564  -4.959  -3.470  1.00 32.30 ? 20  LEU D C   1 
ATOM   935  O  O   . LEU D 1 20 ? -3.022  -4.563  -4.511  1.00 31.97 ? 20  LEU D O   1 
ATOM   936  C  CB  . LEU D 1 20 ? -4.915  -3.264  -2.162  1.00 32.61 ? 20  LEU D CB  1 
ATOM   937  C  CG  . LEU D 1 20 ? -6.292  -2.623  -1.972  1.00 31.92 ? 20  LEU D CG  1 
ATOM   938  C  CD1 . LEU D 1 20 ? -6.125  -1.657  -0.769  1.00 35.34 ? 20  LEU D CD1 1 
ATOM   939  C  CD2 . LEU D 1 20 ? -6.782  -1.919  -3.221  1.00 32.87 ? 20  LEU D CD2 1 
ATOM   940  N  N   . ALA D 1 21 ? -2.957  -5.765  -2.594  1.00 31.21 ? 21  ALA D N   1 
ATOM   941  C  CA  . ALA D 1 21 ? -1.622  -6.296  -2.876  1.00 32.25 ? 21  ALA D CA  1 
ATOM   942  C  C   . ALA D 1 21 ? -1.660  -7.202  -4.112  1.00 32.33 ? 21  ALA D C   1 
ATOM   943  O  O   . ALA D 1 21 ? -0.789  -7.159  -4.931  1.00 31.50 ? 21  ALA D O   1 
ATOM   944  C  CB  . ALA D 1 21 ? -1.068  -7.049  -1.661  1.00 32.36 ? 21  ALA D CB  1 
ATOM   945  N  N   . ASN D 1 22 ? -2.711  -8.001  -4.237  1.00 31.69 ? 22  ASN D N   1 
ATOM   946  C  CA  . ASN D 1 22 ? -2.847  -8.867  -5.452  1.00 32.62 ? 22  ASN D CA  1 
ATOM   947  C  C   . ASN D 1 22 ? -2.993  -8.017  -6.704  1.00 32.53 ? 22  ASN D C   1 
ATOM   948  O  O   . ASN D 1 22 ? -2.488  -8.369  -7.793  1.00 32.36 ? 22  ASN D O   1 
ATOM   949  C  CB  . ASN D 1 22 ? -4.101  -9.746  -5.259  1.00 33.18 ? 22  ASN D CB  1 
ATOM   950  C  CG  . ASN D 1 22 ? -3.890  -10.911 -4.256  1.00 40.90 ? 22  ASN D CG  1 
ATOM   951  O  OD1 . ASN D 1 22 ? -2.766  -11.309 -3.911  1.00 44.41 ? 22  ASN D OD1 1 
ATOM   952  N  ND2 . ASN D 1 22 ? -5.017  -11.490 -3.811  1.00 47.36 ? 22  ASN D ND2 1 
ATOM   953  N  N   . GLU D 1 23 ? -3.697  -6.897  -6.566  1.00 32.33 ? 23  GLU D N   1 
ATOM   954  C  CA  . GLU D 1 23 ? -3.870  -5.988  -7.744  1.00 31.76 ? 23  GLU D CA  1 
ATOM   955  C  C   . GLU D 1 23 ? -2.544  -5.319  -8.111  1.00 31.08 ? 23  GLU D C   1 
ATOM   956  O  O   . GLU D 1 23 ? -2.197  -5.204  -9.297  1.00 31.30 ? 23  GLU D O   1 
ATOM   957  C  CB  . GLU D 1 23 ? -4.902  -4.925  -7.391  1.00 31.37 ? 23  GLU D CB  1 
ATOM   958  C  CG  . GLU D 1 23 ? -6.348  -5.508  -7.366  1.00 31.51 ? 23  GLU D CG  1 
ATOM   959  C  CD  . GLU D 1 23 ? -6.765  -5.858  -8.759  1.00 33.02 ? 23  GLU D CD  1 
ATOM   960  O  OE1 . GLU D 1 23 ? -7.320  -4.965  -9.435  1.00 34.60 ? 23  GLU D OE1 1 
ATOM   961  O  OE2 . GLU D 1 23 ? -6.503  -7.016  -9.214  1.00 33.67 ? 23  GLU D OE2 1 
ATOM   962  N  N   . VAL D 1 24 ? -1.781  -4.881  -7.120  1.00 30.16 ? 24  VAL D N   1 
ATOM   963  C  CA  . VAL D 1 24 ? -0.455  -4.241  -7.425  1.00 30.34 ? 24  VAL D CA  1 
ATOM   964  C  C   . VAL D 1 24 ? 0.367   -5.255  -8.212  1.00 31.54 ? 24  VAL D C   1 
ATOM   965  O  O   . VAL D 1 24 ? 1.028   -4.912  -9.218  1.00 31.06 ? 24  VAL D O   1 
ATOM   966  C  CB  . VAL D 1 24 ? 0.322   -3.816  -6.124  1.00 31.40 ? 24  VAL D CB  1 
ATOM   967  C  CG1 . VAL D 1 24 ? 1.759   -3.331  -6.527  1.00 31.68 ? 24  VAL D CG1 1 
ATOM   968  C  CG2 . VAL D 1 24 ? -0.401  -2.722  -5.421  1.00 30.04 ? 24  VAL D CG2 1 
ATOM   969  N  N   . ALA D 1 25 ? 0.304   -6.516  -7.759  1.00 32.04 ? 25  ALA D N   1 
ATOM   970  C  CA  . ALA D 1 25 ? 1.094   -7.612  -8.374  1.00 32.62 ? 25  ALA D CA  1 
ATOM   971  C  C   . ALA D 1 25 ? 0.665   -7.873  -9.807  1.00 32.49 ? 25  ALA D C   1 
ATOM   972  O  O   . ALA D 1 25 ? 1.511   -7.979  -10.727 1.00 33.69 ? 25  ALA D O   1 
ATOM   973  C  CB  . ALA D 1 25 ? 0.924   -8.890  -7.541  1.00 33.34 ? 25  ALA D CB  1 
ATOM   974  N  N   . ARG D 1 26 ? -0.648  -8.005  -9.994  1.00 32.76 ? 26  ARG D N   1 
ATOM   975  C  CA  . ARG D 1 26 ? -1.239  -8.143  -11.329 1.00 32.56 ? 26  ARG D CA  1 
ATOM   976  C  C   . ARG D 1 26 ? -0.807  -7.004  -12.259 1.00 33.62 ? 26  ARG D C   1 
ATOM   977  O  O   . ARG D 1 26 ? -0.354  -7.246  -13.400 1.00 34.99 ? 26  ARG D O   1 
ATOM   978  C  CB  . ARG D 1 26 ? -2.788  -8.208  -11.204 1.00 32.21 ? 26  ARG D CB  1 
ATOM   979  C  CG  . ARG D 1 26 ? -3.497  -8.378  -12.569 1.00 33.29 ? 26  ARG D CG  1 
ATOM   980  C  CD  . ARG D 1 26 ? -5.013  -8.354  -12.398 1.00 33.17 ? 26  ARG D CD  1 
ATOM   981  N  NE  . ARG D 1 26 ? -5.540  -7.081  -11.878 1.00 30.15 ? 26  ARG D NE  1 
ATOM   982  C  CZ  . ARG D 1 26 ? -5.726  -5.989  -12.626 1.00 32.56 ? 26  ARG D CZ  1 
ATOM   983  N  NH1 . ARG D 1 26 ? -5.459  -6.018  -13.920 1.00 31.85 ? 26  ARG D NH1 1 
ATOM   984  N  NH2 . ARG D 1 26 ? -6.227  -4.880  -12.070 1.00 33.03 ? 26  ARG D NH2 1 
ATOM   985  N  N   . LEU D 1 27 ? -0.918  -5.764  -11.778 1.00 35.30 ? 27  LEU D N   1 
ATOM   986  C  CA  . LEU D 1 27 ? -0.664  -4.586  -12.624 1.00 34.99 ? 27  LEU D CA  1 
ATOM   987  C  C   . LEU D 1 27 ? 0.822   -4.357  -12.849 1.00 35.51 ? 27  LEU D C   1 
ATOM   988  O  O   . LEU D 1 27 ? 1.266   -3.965  -13.962 1.00 35.65 ? 27  LEU D O   1 
ATOM   989  C  CB  . LEU D 1 27 ? -1.266  -3.340  -11.974 1.00 33.55 ? 27  LEU D CB  1 
ATOM   990  C  CG  . LEU D 1 27 ? -2.786  -3.225  -11.988 1.00 34.55 ? 27  LEU D CG  1 
ATOM   991  C  CD1 . LEU D 1 27 ? -3.248  -2.225  -10.927 1.00 34.81 ? 27  LEU D CD1 1 
ATOM   992  C  CD2 . LEU D 1 27 ? -3.330  -2.874  -13.378 1.00 33.59 ? 27  LEU D CD2 1 
ATOM   993  N  N   . ALA D 1 28 ? 1.623   -4.597  -11.812 1.00 35.88 ? 28  ALA D N   1 
ATOM   994  C  CA  . ALA D 1 28 ? 3.084   -4.512  -12.000 1.00 38.02 ? 28  ALA D CA  1 
ATOM   995  C  C   . ALA D 1 28 ? 3.554   -5.410  -13.150 1.00 39.21 ? 28  ALA D C   1 
ATOM   996  O  O   . ALA D 1 28 ? 4.447   -5.031  -13.926 1.00 39.58 ? 28  ALA D O   1 
ATOM   997  C  CB  . ALA D 1 28 ? 3.839   -4.830  -10.706 1.00 37.29 ? 28  ALA D CB  1 
ATOM   998  N  N   . LYS D 1 29 ? 2.958   -6.591  -13.294 1.00 40.21 ? 29  LYS D N   1 
ATOM   999  C  CA  . LYS D 1 29 ? 3.395   -7.516  -14.358 1.00 41.29 ? 29  LYS D CA  1 
ATOM   1000 C  C   . LYS D 1 29 ? 3.034   -7.046  -15.755 1.00 41.95 ? 29  LYS D C   1 
ATOM   1001 O  O   . LYS D 1 29 ? 3.645   -7.500  -16.735 1.00 42.75 ? 29  LYS D O   1 
ATOM   1002 C  CB  . LYS D 1 29 ? 2.857   -8.924  -14.138 1.00 42.02 ? 29  LYS D CB  1 
ATOM   1003 C  CG  . LYS D 1 29 ? 3.259   -9.552  -12.818 1.00 42.34 ? 29  LYS D CG  1 
ATOM   1004 C  CD  . LYS D 1 29 ? 3.248   -11.060 -12.952 1.00 45.14 ? 29  LYS D CD  1 
ATOM   1005 C  CE  . LYS D 1 29 ? 4.587   -11.667 -12.535 1.00 44.29 ? 29  LYS D CE  1 
ATOM   1006 N  NZ  . LYS D 1 29 ? 4.894   -12.903 -13.357 1.00 47.84 ? 29  LYS D NZ  1 
ATOM   1007 N  N   . LEU D 1 30 ? 2.070   -6.132  -15.848 1.00 42.28 ? 30  LEU D N   1 
ATOM   1008 C  CA  . LEU D 1 30 ? 1.626   -5.619  -17.148 1.00 43.19 ? 30  LEU D CA  1 
ATOM   1009 C  C   . LEU D 1 30 ? 2.398   -4.370  -17.534 1.00 43.99 ? 30  LEU D C   1 
ATOM   1010 O  O   . LEU D 1 30 ? 2.641   -4.146  -18.696 1.00 42.91 ? 30  LEU D O   1 
ATOM   1011 C  CB  . LEU D 1 30 ? 0.157   -5.252  -17.120 1.00 43.20 ? 30  LEU D CB  1 
ATOM   1012 C  CG  . LEU D 1 30 ? -0.870  -6.329  -16.813 1.00 43.73 ? 30  LEU D CG  1 
ATOM   1013 C  CD1 . LEU D 1 30 ? -2.198  -5.633  -16.796 1.00 44.37 ? 30  LEU D CD1 1 
ATOM   1014 C  CD2 . LEU D 1 30 ? -0.838  -7.398  -17.898 1.00 45.73 ? 30  LEU D CD2 1 
ATOM   1015 N  N   . VAL D 1 31 ? 2.687   -3.524  -16.541 1.00 45.63 ? 31  VAL D N   1 
ATOM   1016 C  CA  . VAL D 1 31 ? 3.511   -2.335  -16.762 1.00 46.88 ? 31  VAL D CA  1 
ATOM   1017 C  C   . VAL D 1 31 ? 4.920   -2.772  -17.180 1.00 47.72 ? 31  VAL D C   1 
ATOM   1018 O  O   . VAL D 1 31 ? 5.390   -2.516  -18.337 1.00 47.29 ? 31  VAL D O   1 
ATOM   1019 C  CB  . VAL D 1 31 ? 3.542   -1.446  -15.492 1.00 47.16 ? 31  VAL D CB  1 
ATOM   1020 C  CG1 . VAL D 1 31 ? 2.134   -1.026  -15.082 1.00 47.37 ? 31  VAL D CG1 1 
ATOM   1021 C  CG2 . VAL D 1 31 ? 4.193   -2.152  -14.313 1.00 46.69 ? 31  VAL D CG2 1 
ATOM   1022 N  N   . GLY D 1 32 ? 5.583   -3.475  -16.247 1.00 48.80 ? 32  GLY D N   1 
ATOM   1023 C  CA  . GLY D 1 32 ? 6.907   -4.029  -16.503 1.00 49.07 ? 32  GLY D CA  1 
ATOM   1024 C  C   . GLY D 1 32 ? 6.978   -4.772  -17.850 1.00 49.92 ? 32  GLY D C   1 
ATOM   1025 O  O   . GLY D 1 32 ? 7.700   -4.110  -18.795 1.00 50.20 ? 32  GLY D O   1 
ATOM   1026 N  N   . VAL E 2 3  ? 13.722  19.422  -32.564 1.00 38.24 ? 3   VAL E N   1 
ATOM   1027 C  CA  . VAL E 2 3  ? 12.672  18.391  -32.340 1.00 38.91 ? 3   VAL E CA  1 
ATOM   1028 C  C   . VAL E 2 3  ? 12.881  17.715  -30.990 1.00 38.41 ? 3   VAL E C   1 
ATOM   1029 O  O   . VAL E 2 3  ? 11.924  17.458  -30.282 1.00 38.55 ? 3   VAL E O   1 
ATOM   1030 C  CB  . VAL E 2 3  ? 12.653  17.327  -33.461 1.00 38.60 ? 3   VAL E CB  1 
ATOM   1031 C  CG1 . VAL E 2 3  ? 11.575  16.263  -33.188 1.00 39.92 ? 3   VAL E CG1 1 
ATOM   1032 C  CG2 . VAL E 2 3  ? 12.402  17.984  -34.804 1.00 40.13 ? 3   VAL E CG2 1 
ATOM   1033 N  N   . LYS E 2 4  ? 14.140  17.424  -30.656 1.00 38.74 ? 4   LYS E N   1 
ATOM   1034 C  CA  . LYS E 2 4  ? 14.504  16.803  -29.383 1.00 38.57 ? 4   LYS E CA  1 
ATOM   1035 C  C   . LYS E 2 4  ? 14.052  17.650  -28.191 1.00 38.48 ? 4   LYS E C   1 
ATOM   1036 O  O   . LYS E 2 4  ? 13.476  17.113  -27.239 1.00 38.05 ? 4   LYS E O   1 
ATOM   1037 C  CB  . LYS E 2 4  ? 16.020  16.544  -29.328 1.00 39.06 ? 4   LYS E CB  1 
ATOM   1038 C  CG  . LYS E 2 4  ? 16.468  15.591  -28.208 1.00 39.57 ? 4   LYS E CG  1 
ATOM   1039 C  CD  . LYS E 2 4  ? 16.833  14.202  -28.749 1.00 41.31 ? 4   LYS E CD  1 
ATOM   1040 C  CE  . LYS E 2 4  ? 18.216  14.205  -29.420 1.00 40.51 ? 4   LYS E CE  1 
ATOM   1041 N  NZ  . LYS E 2 4  ? 18.516  12.972  -30.228 1.00 41.32 ? 4   LYS E NZ  1 
ATOM   1042 N  N   . GLN E 2 5  ? 14.299  18.963  -28.254 1.00 38.19 ? 5   GLN E N   1 
ATOM   1043 C  CA  . GLN E 2 5  ? 13.881  19.882  -27.190 1.00 37.46 ? 5   GLN E CA  1 
ATOM   1044 C  C   . GLN E 2 5  ? 12.366  19.954  -27.062 1.00 37.37 ? 5   GLN E C   1 
ATOM   1045 O  O   . GLN E 2 5  ? 11.839  19.976  -25.954 1.00 36.65 ? 5   GLN E O   1 
ATOM   1046 C  CB  . GLN E 2 5  ? 14.389  21.297  -27.417 1.00 37.67 ? 5   GLN E CB  1 
ATOM   1047 C  CG  . GLN E 2 5  ? 15.852  21.509  -27.181 1.00 39.11 ? 5   GLN E CG  1 
ATOM   1048 C  CD  . GLN E 2 5  ? 16.224  22.969  -27.353 1.00 41.73 ? 5   GLN E CD  1 
ATOM   1049 O  OE1 . GLN E 2 5  ? 15.569  23.863  -26.804 1.00 43.14 ? 5   GLN E OE1 1 
ATOM   1050 N  NE2 . GLN E 2 5  ? 17.259  23.220  -28.126 1.00 42.06 ? 5   GLN E NE2 1 
ATOM   1051 N  N   . LEU E 2 6  ? 11.680  20.021  -28.203 1.00 36.12 ? 6   LEU E N   1 
ATOM   1052 C  CA  . LEU E 2 6  ? 10.227  19.911  -28.215 1.00 35.26 ? 6   LEU E CA  1 
ATOM   1053 C  C   . LEU E 2 6  ? 9.797   18.601  -27.570 1.00 34.46 ? 6   LEU E C   1 
ATOM   1054 O  O   . LEU E 2 6  ? 8.891   18.588  -26.767 1.00 33.59 ? 6   LEU E O   1 
ATOM   1055 C  CB  . LEU E 2 6  ? 9.691   20.013  -29.657 1.00 35.37 ? 6   LEU E CB  1 
ATOM   1056 C  CG  . LEU E 2 6  ? 8.197   20.156  -29.956 1.00 38.11 ? 6   LEU E CG  1 
ATOM   1057 C  CD1 . LEU E 2 6  ? 7.634   21.444  -29.365 1.00 41.50 ? 6   LEU E CD1 1 
ATOM   1058 C  CD2 . LEU E 2 6  ? 7.936   20.110  -31.477 1.00 38.22 ? 6   LEU E CD2 1 
ATOM   1059 N  N   . GLU E 2 7  ? 10.448  17.493  -27.914 1.00 33.56 ? 7   GLU E N   1 
ATOM   1060 C  CA  . GLU E 2 7  ? 10.076  16.199  -27.326 1.00 33.74 ? 7   GLU E CA  1 
ATOM   1061 C  C   . GLU E 2 7  ? 10.330  16.169  -25.826 1.00 33.96 ? 7   GLU E C   1 
ATOM   1062 O  O   . GLU E 2 7  ? 9.558   15.566  -25.066 1.00 33.11 ? 7   GLU E O   1 
ATOM   1063 C  CB  . GLU E 2 7  ? 10.804  15.040  -28.045 1.00 34.24 ? 7   GLU E CB  1 
ATOM   1064 C  CG  . GLU E 2 7  ? 10.302  14.827  -29.475 1.00 36.36 ? 7   GLU E CG  1 
ATOM   1065 C  CD  . GLU E 2 7  ? 10.948  13.634  -30.171 1.00 41.64 ? 7   GLU E CD  1 
ATOM   1066 O  OE1 . GLU E 2 7  ? 12.121  13.743  -30.609 1.00 43.00 ? 7   GLU E OE1 1 
ATOM   1067 O  OE2 . GLU E 2 7  ? 10.262  12.593  -30.322 1.00 44.97 ? 7   GLU E OE2 1 
ATOM   1068 N  N   . ASP E 2 8  ? 11.416  16.819  -25.395 1.00 33.84 ? 8   ASP E N   1 
ATOM   1069 C  CA  . ASP E 2 8  ? 11.740  16.958  -23.967 1.00 33.26 ? 8   ASP E CA  1 
ATOM   1070 C  C   . ASP E 2 8  ? 10.651  17.731  -23.212 1.00 33.76 ? 8   ASP E C   1 
ATOM   1071 O  O   . ASP E 2 8  ? 10.284  17.367  -22.099 1.00 34.06 ? 8   ASP E O   1 
ATOM   1072 C  CB  . ASP E 2 8  ? 13.102  17.632  -23.780 1.00 33.38 ? 8   ASP E CB  1 
ATOM   1073 C  CG  . ASP E 2 8  ? 14.265  16.694  -24.077 1.00 35.39 ? 8   ASP E CG  1 
ATOM   1074 O  OD1 . ASP E 2 8  ? 14.011  15.507  -24.373 1.00 37.17 ? 8   ASP E OD1 1 
ATOM   1075 O  OD2 . ASP E 2 8  ? 15.444  17.129  -24.002 1.00 33.60 ? 8   ASP E OD2 1 
ATOM   1076 N  N   . ALA E 2 9  ? 10.148  18.789  -23.836 1.00 33.83 ? 9   ALA E N   1 
ATOM   1077 C  CA  . ALA E 2 9  ? 9.054   19.585  -23.283 1.00 33.92 ? 9   ALA E CA  1 
ATOM   1078 C  C   . ALA E 2 9  ? 7.781   18.771  -23.176 1.00 34.31 ? 9   ALA E C   1 
ATOM   1079 O  O   . ALA E 2 9  ? 7.053   18.904  -22.197 1.00 34.83 ? 9   ALA E O   1 
ATOM   1080 C  CB  . ALA E 2 9  ? 8.821   20.834  -24.112 1.00 35.04 ? 9   ALA E CB  1 
ATOM   1081 N  N   . VAL E 2 10 ? 7.484   17.951  -24.190 1.00 34.15 ? 10  VAL E N   1 
ATOM   1082 C  CA  . VAL E 2 10 ? 6.288   17.078  -24.108 1.00 33.73 ? 10  VAL E CA  1 
ATOM   1083 C  C   . VAL E 2 10 ? 6.434   16.057  -22.980 1.00 34.36 ? 10  VAL E C   1 
ATOM   1084 O  O   . VAL E 2 10 ? 5.484   15.821  -22.213 1.00 34.81 ? 10  VAL E O   1 
ATOM   1085 C  CB  . VAL E 2 10 ? 6.012   16.375  -25.453 1.00 33.23 ? 10  VAL E CB  1 
ATOM   1086 C  CG1 . VAL E 2 10 ? 4.961   15.280  -25.303 1.00 32.21 ? 10  VAL E CG1 1 
ATOM   1087 C  CG2 . VAL E 2 10 ? 5.577   17.399  -26.471 1.00 31.95 ? 10  VAL E CG2 1 
ATOM   1088 N  N   . GLU E 2 11 ? 7.625   15.473  -22.828 1.00 34.03 ? 11  GLU E N   1 
ATOM   1089 C  CA  . GLU E 2 11 ? 7.811   14.589  -21.700 1.00 35.76 ? 11  GLU E CA  1 
ATOM   1090 C  C   . GLU E 2 11 ? 7.583   15.293  -20.360 1.00 35.58 ? 11  GLU E C   1 
ATOM   1091 O  O   . GLU E 2 11 ? 7.011   14.683  -19.449 1.00 36.46 ? 11  GLU E O   1 
ATOM   1092 C  CB  . GLU E 2 11 ? 9.172   13.881  -21.720 1.00 36.59 ? 11  GLU E CB  1 
ATOM   1093 C  CG  . GLU E 2 11 ? 9.104   12.535  -20.979 1.00 42.48 ? 11  GLU E CG  1 
ATOM   1094 C  CD  . GLU E 2 11 ? 8.274   11.460  -21.733 1.00 48.93 ? 11  GLU E CD  1 
ATOM   1095 O  OE1 . GLU E 2 11 ? 8.120   11.564  -22.978 1.00 50.96 ? 11  GLU E OE1 1 
ATOM   1096 O  OE2 . GLU E 2 11 ? 7.785   10.505  -21.080 1.00 51.35 ? 11  GLU E OE2 1 
ATOM   1097 N  N   . GLU E 2 12 ? 8.004   16.552  -20.221 1.00 35.03 ? 12  GLU E N   1 
ATOM   1098 C  CA  . GLU E 2 12 ? 7.788   17.246  -18.927 1.00 36.47 ? 12  GLU E CA  1 
ATOM   1099 C  C   . GLU E 2 12 ? 6.273   17.418  -18.722 1.00 35.38 ? 12  GLU E C   1 
ATOM   1100 O  O   . GLU E 2 12 ? 5.756   17.251  -17.615 1.00 36.57 ? 12  GLU E O   1 
ATOM   1101 C  CB  . GLU E 2 12 ? 8.447   18.631  -18.868 1.00 36.62 ? 12  GLU E CB  1 
ATOM   1102 C  CG  . GLU E 2 12 ? 9.935   18.684  -18.657 1.00 41.09 ? 12  GLU E CG  1 
ATOM   1103 C  CD  . GLU E 2 12 ? 10.379  18.267  -17.254 1.00 44.95 ? 12  GLU E CD  1 
ATOM   1104 O  OE1 . GLU E 2 12 ? 9.860   18.771  -16.206 1.00 40.78 ? 12  GLU E OE1 1 
ATOM   1105 O  OE2 . GLU E 2 12 ? 11.273  17.405  -17.192 1.00 47.67 ? 12  GLU E OE2 1 
ATOM   1106 N  N   . LEU E 2 13 ? 5.560   17.770  -19.795 1.00 35.26 ? 13  LEU E N   1 
ATOM   1107 C  CA  . LEU E 2 13 ? 4.097   17.939  -19.726 1.00 34.20 ? 13  LEU E CA  1 
ATOM   1108 C  C   . LEU E 2 13 ? 3.349   16.645  -19.419 1.00 35.07 ? 13  LEU E C   1 
ATOM   1109 O  O   . LEU E 2 13 ? 2.343   16.641  -18.695 1.00 34.93 ? 13  LEU E O   1 
ATOM   1110 C  CB  . LEU E 2 13 ? 3.585   18.565  -21.014 1.00 34.23 ? 13  LEU E CB  1 
ATOM   1111 C  CG  . LEU E 2 13 ? 4.112   19.991  -21.212 1.00 33.48 ? 13  LEU E CG  1 
ATOM   1112 C  CD1 . LEU E 2 13 ? 3.749   20.458  -22.600 1.00 35.07 ? 13  LEU E CD1 1 
ATOM   1113 C  CD2 . LEU E 2 13 ? 3.517   20.927  -20.163 1.00 35.10 ? 13  LEU E CD2 1 
ATOM   1114 N  N   . LEU E 2 14 ? 3.870   15.534  -19.906 1.00 33.78 ? 14  LEU E N   1 
ATOM   1115 C  CA  . LEU E 2 14 ? 3.306   14.248  -19.521 1.00 35.11 ? 14  LEU E CA  1 
ATOM   1116 C  C   . LEU E 2 14 ? 3.480   14.005  -18.016 1.00 34.97 ? 14  LEU E C   1 
ATOM   1117 O  O   . LEU E 2 14 ? 2.582   13.439  -17.357 1.00 33.89 ? 14  LEU E O   1 
ATOM   1118 C  CB  . LEU E 2 14 ? 3.938   13.127  -20.361 1.00 34.36 ? 14  LEU E CB  1 
ATOM   1119 C  CG  . LEU E 2 14 ? 3.464   13.171  -21.815 1.00 35.56 ? 14  LEU E CG  1 
ATOM   1120 C  CD1 . LEU E 2 14 ? 4.069   12.010  -22.606 1.00 34.39 ? 14  LEU E CD1 1 
ATOM   1121 C  CD2 . LEU E 2 14 ? 1.939   13.164  -21.941 1.00 34.19 ? 14  LEU E CD2 1 
ATOM   1122 N  N   . SER E 2 15 ? 4.613   14.443  -17.461 1.00 34.53 ? 15  SER E N   1 
ATOM   1123 C  CA  . SER E 2 15 ? 4.849   14.298  -16.011 1.00 34.87 ? 15  SER E CA  1 
ATOM   1124 C  C   . SER E 2 15 ? 3.891   15.204  -15.251 1.00 34.53 ? 15  SER E C   1 
ATOM   1125 O  O   . SER E 2 15 ? 3.295   14.813  -14.239 1.00 34.89 ? 15  SER E O   1 
ATOM   1126 C  CB  . SER E 2 15 ? 6.284   14.642  -15.650 1.00 34.97 ? 15  SER E CB  1 
ATOM   1127 O  OG  . SER E 2 15 ? 7.159   13.637  -16.129 1.00 37.85 ? 15  SER E OG  1 
ATOM   1128 N  N   . ALA E 2 16 ? 3.694   16.415  -15.755 1.00 33.01 ? 16  ALA E N   1 
ATOM   1129 C  CA  . ALA E 2 16 ? 2.737   17.312  -15.089 1.00 33.21 ? 16  ALA E CA  1 
ATOM   1130 C  C   . ALA E 2 16 ? 1.331   16.715  -15.069 1.00 33.30 ? 16  ALA E C   1 
ATOM   1131 O  O   . ALA E 2 16 ? 0.625   16.795  -14.057 1.00 32.75 ? 16  ALA E O   1 
ATOM   1132 C  CB  . ALA E 2 16 ? 2.692   18.671  -15.788 1.00 32.39 ? 16  ALA E CB  1 
ATOM   1133 N  N   . ASN E 2 17 ? 0.901   16.185  -16.204 1.00 32.99 ? 17  ASN E N   1 
ATOM   1134 C  CA  . ASN E 2 17 ? -0.447  15.643  -16.348 1.00 34.05 ? 17  ASN E CA  1 
ATOM   1135 C  C   . ASN E 2 17 ? -0.675  14.452  -15.416 1.00 34.54 ? 17  ASN E C   1 
ATOM   1136 O  O   . ASN E 2 17 ? -1.749  14.291  -14.818 1.00 33.63 ? 17  ASN E O   1 
ATOM   1137 C  CB  . ASN E 2 17 ? -0.632  15.220  -17.796 1.00 35.56 ? 17  ASN E CB  1 
ATOM   1138 C  CG  . ASN E 2 17 ? -2.053  14.849  -18.132 1.00 38.39 ? 17  ASN E CG  1 
ATOM   1139 O  OD1 . ASN E 2 17 ? -3.010  15.487  -17.692 1.00 41.83 ? 17  ASN E OD1 1 
ATOM   1140 N  ND2 . ASN E 2 17 ? -2.194  13.814  -18.937 1.00 42.16 ? 17  ASN E ND2 1 
ATOM   1141 N  N   . TYR E 2 18 ? 0.337   13.606  -15.318 1.00 32.72 ? 18  TYR E N   1 
ATOM   1142 C  CA  . TYR E 2 18 ? 0.274   12.411  -14.425 1.00 32.27 ? 18  TYR E CA  1 
ATOM   1143 C  C   . TYR E 2 18 ? 0.004   12.852  -12.995 1.00 33.27 ? 18  TYR E C   1 
ATOM   1144 O  O   . TYR E 2 18 ? -0.936  12.367  -12.339 1.00 34.45 ? 18  TYR E O   1 
ATOM   1145 C  CB  . TYR E 2 18 ? 1.591   11.690  -14.536 1.00 32.25 ? 18  TYR E CB  1 
ATOM   1146 C  CG  . TYR E 2 18 ? 1.919   10.683  -13.457 1.00 30.65 ? 18  TYR E CG  1 
ATOM   1147 C  CD1 . TYR E 2 18 ? 1.264   9.446   -13.393 1.00 30.63 ? 18  TYR E CD1 1 
ATOM   1148 C  CD2 . TYR E 2 18 ? 2.958   10.928  -12.567 1.00 33.70 ? 18  TYR E CD2 1 
ATOM   1149 C  CE1 . TYR E 2 18 ? 1.614   8.492   -12.434 1.00 30.52 ? 18  TYR E CE1 1 
ATOM   1150 C  CE2 . TYR E 2 18 ? 3.318   9.995   -11.626 1.00 30.77 ? 18  TYR E CE2 1 
ATOM   1151 C  CZ  . TYR E 2 18 ? 2.641   8.778   -11.550 1.00 31.51 ? 18  TYR E CZ  1 
ATOM   1152 O  OH  . TYR E 2 18 ? 3.018   7.855   -10.606 1.00 32.07 ? 18  TYR E OH  1 
ATOM   1153 N  N   . HIS E 2 19 ? 0.785   13.817  -12.522 1.00 33.13 ? 19  HIS E N   1 
ATOM   1154 C  CA  . HIS E 2 19 ? 0.624   14.328  -11.142 1.00 32.37 ? 19  HIS E CA  1 
ATOM   1155 C  C   . HIS E 2 19 ? -0.702  15.061  -10.933 1.00 32.90 ? 19  HIS E C   1 
ATOM   1156 O  O   . HIS E 2 19 ? -1.364  14.900  -9.909  1.00 33.05 ? 19  HIS E O   1 
ATOM   1157 C  CB  . HIS E 2 19 ? 1.806   15.222  -10.753 1.00 32.17 ? 19  HIS E CB  1 
ATOM   1158 C  CG  . HIS E 2 19 ? 3.112   14.484  -10.623 1.00 32.45 ? 19  HIS E CG  1 
ATOM   1159 N  ND1 . HIS E 2 19 ? 3.362   13.580  -9.608  1.00 31.47 ? 19  HIS E ND1 1 
ATOM   1160 C  CD2 . HIS E 2 19 ? 4.234   14.510  -11.384 1.00 33.37 ? 19  HIS E CD2 1 
ATOM   1161 C  CE1 . HIS E 2 19 ? 4.582   13.084  -9.749  1.00 31.53 ? 19  HIS E CE1 1 
ATOM   1162 N  NE2 . HIS E 2 19 ? 5.137   13.643  -10.813 1.00 33.29 ? 19  HIS E NE2 1 
ATOM   1163 N  N   . LEU E 2 20 ? -1.100  15.853  -11.923 1.00 32.85 ? 20  LEU E N   1 
ATOM   1164 C  CA  . LEU E 2 20 ? -2.357  16.583  -11.823 1.00 32.65 ? 20  LEU E CA  1 
ATOM   1165 C  C   . LEU E 2 20 ? -3.543  15.637  -11.706 1.00 34.12 ? 20  LEU E C   1 
ATOM   1166 O  O   . LEU E 2 20 ? -4.467  15.847  -10.875 1.00 33.88 ? 20  LEU E O   1 
ATOM   1167 C  CB  . LEU E 2 20 ? -2.500  17.429  -13.083 1.00 32.61 ? 20  LEU E CB  1 
ATOM   1168 C  CG  . LEU E 2 20 ? -3.746  18.304  -13.208 1.00 31.86 ? 20  LEU E CG  1 
ATOM   1169 C  CD1 . LEU E 2 20 ? -3.907  19.166  -11.988 1.00 34.16 ? 20  LEU E CD1 1 
ATOM   1170 C  CD2 . LEU E 2 20 ? -3.611  19.214  -14.451 1.00 32.40 ? 20  LEU E CD2 1 
ATOM   1171 N  N   . GLU E 2 21 ? -3.536  14.595  -12.537 1.00 34.23 ? 21  GLU E N   1 
ATOM   1172 C  CA  . GLU E 2 21 ? -4.653  13.656  -12.533 1.00 34.80 ? 21  GLU E CA  1 
ATOM   1173 C  C   . GLU E 2 21 ? -4.690  12.801  -11.278 1.00 35.00 ? 21  GLU E C   1 
ATOM   1174 O  O   . GLU E 2 21 ? -5.764  12.443  -10.823 1.00 34.27 ? 21  GLU E O   1 
ATOM   1175 C  CB  . GLU E 2 21 ? -4.630  12.776  -13.780 1.00 35.29 ? 21  GLU E CB  1 
ATOM   1176 C  CG  . GLU E 2 21 ? -5.077  13.553  -15.002 1.00 36.51 ? 21  GLU E CG  1 
ATOM   1177 C  CD  . GLU E 2 21 ? -5.115  12.727  -16.280 1.00 40.99 ? 21  GLU E CD  1 
ATOM   1178 O  OE1 . GLU E 2 21 ? -4.370  11.726  -16.403 1.00 42.58 ? 21  GLU E OE1 1 
ATOM   1179 O  OE2 . GLU E 2 21 ? -5.887  13.106  -17.186 1.00 42.14 ? 21  GLU E OE2 1 
ATOM   1180 N  N   . ASN E 2 22 ? -3.511  12.474  -10.749 1.00 34.74 ? 22  ASN E N   1 
ATOM   1181 C  CA  . ASN E 2 22 ? -3.380  11.789  -9.452  1.00 34.84 ? 22  ASN E CA  1 
ATOM   1182 C  C   . ASN E 2 22 ? -4.093  12.610  -8.389  1.00 34.53 ? 22  ASN E C   1 
ATOM   1183 O  O   . ASN E 2 22 ? -4.893  12.072  -7.635  1.00 34.72 ? 22  ASN E O   1 
ATOM   1184 C  CB  . ASN E 2 22 ? -1.907  11.635  -9.052  1.00 35.42 ? 22  ASN E CB  1 
ATOM   1185 C  CG  . ASN E 2 22 ? -1.168  10.589  -9.876  1.00 37.15 ? 22  ASN E CG  1 
ATOM   1186 O  OD1 . ASN E 2 22 ? -1.778  9.790   -10.597 1.00 39.00 ? 22  ASN E OD1 1 
ATOM   1187 N  ND2 . ASN E 2 22 ? 0.166   10.592  -9.773  1.00 38.73 ? 22  ASN E ND2 1 
ATOM   1188 N  N   . ALA E 2 23 ? -3.786  13.908  -8.353  1.00 34.19 ? 23  ALA E N   1 
ATOM   1189 C  CA  . ALA E 2 23 ? -4.343  14.824  -7.344  1.00 34.02 ? 23  ALA E CA  1 
ATOM   1190 C  C   . ALA E 2 23 ? -5.838  14.967  -7.479  1.00 33.45 ? 23  ALA E C   1 
ATOM   1191 O  O   . ALA E 2 23 ? -6.549  14.940  -6.477  1.00 32.82 ? 23  ALA E O   1 
ATOM   1192 C  CB  . ALA E 2 23 ? -3.703  16.179  -7.418  1.00 34.55 ? 23  ALA E CB  1 
ATOM   1193 N  N   . VAL E 2 24 ? -6.323  15.086  -8.705  1.00 32.22 ? 24  VAL E N   1 
ATOM   1194 C  CA  . VAL E 2 24 ? -7.791  15.153  -8.915  1.00 31.62 ? 24  VAL E CA  1 
ATOM   1195 C  C   . VAL E 2 24 ? -8.491  13.894  -8.431  1.00 32.81 ? 24  VAL E C   1 
ATOM   1196 O  O   . VAL E 2 24 ? -9.560  13.968  -7.829  1.00 31.79 ? 24  VAL E O   1 
ATOM   1197 C  CB  . VAL E 2 24 ? -8.134  15.436  -10.389 1.00 31.96 ? 24  VAL E CB  1 
ATOM   1198 C  CG1 . VAL E 2 24 ? -9.638  15.277  -10.621 1.00 33.23 ? 24  VAL E CG1 1 
ATOM   1199 C  CG2 . VAL E 2 24 ? -7.704  16.832  -10.729 1.00 31.37 ? 24  VAL E CG2 1 
ATOM   1200 N  N   . ALA E 2 25 ? -7.893  12.740  -8.688  1.00 32.85 ? 25  ALA E N   1 
ATOM   1201 C  CA  . ALA E 2 25 ? -8.482  11.482  -8.230  1.00 33.29 ? 25  ALA E CA  1 
ATOM   1202 C  C   . ALA E 2 25 ? -8.511  11.444  -6.703  1.00 33.85 ? 25  ALA E C   1 
ATOM   1203 O  O   . ALA E 2 25 ? -9.507  11.018  -6.087  1.00 34.39 ? 25  ALA E O   1 
ATOM   1204 C  CB  . ALA E 2 25 ? -7.688  10.307  -8.786  1.00 33.40 ? 25  ALA E CB  1 
ATOM   1205 N  N   . ARG E 2 26 ? -7.421  11.901  -6.099  1.00 34.45 ? 26  ARG E N   1 
ATOM   1206 C  CA  . ARG E 2 26 ? -7.280  11.975  -4.634  1.00 35.97 ? 26  ARG E CA  1 
ATOM   1207 C  C   . ARG E 2 26 ? -8.350  12.888  -3.992  1.00 34.82 ? 26  ARG E C   1 
ATOM   1208 O  O   . ARG E 2 26 ? -8.883  12.575  -2.914  1.00 35.16 ? 26  ARG E O   1 
ATOM   1209 C  CB  . ARG E 2 26 ? -5.864  12.479  -4.295  1.00 37.19 ? 26  ARG E CB  1 
ATOM   1210 C  CG  . ARG E 2 26 ? -4.707  11.438  -4.542  1.00 41.42 ? 26  ARG E CG  1 
ATOM   1211 C  CD  . ARG E 2 26 ? -3.308  12.114  -4.488  1.00 45.25 ? 26  ARG E CD  1 
ATOM   1212 N  NE  . ARG E 2 26 ? -2.178  11.180  -4.401  1.00 46.34 ? 26  ARG E NE  1 
ATOM   1213 C  CZ  . ARG E 2 26 ? -1.738  10.618  -3.277  1.00 46.90 ? 26  ARG E CZ  1 
ATOM   1214 N  NH1 . ARG E 2 26 ? -2.339  10.851  -2.118  1.00 47.79 ? 26  ARG E NH1 1 
ATOM   1215 N  NH2 . ARG E 2 26 ? -0.695  9.800   -3.305  1.00 47.10 ? 26  ARG E NH2 1 
ATOM   1216 N  N   . LEU E 2 27 ? -8.652  14.006  -4.653  1.00 34.15 ? 27  LEU E N   1 
ATOM   1217 C  CA  . LEU E 2 27 ? -9.626  14.977  -4.133  1.00 34.15 ? 27  LEU E CA  1 
ATOM   1218 C  C   . LEU E 2 27 ? -11.080 14.558  -4.393  1.00 34.32 ? 27  LEU E C   1 
ATOM   1219 O  O   . LEU E 2 27 ? -11.949 14.791  -3.560  1.00 35.01 ? 27  LEU E O   1 
ATOM   1220 C  CB  . LEU E 2 27 ? -9.329  16.376  -4.698  1.00 33.75 ? 27  LEU E CB  1 
ATOM   1221 C  CG  . LEU E 2 27 ? -7.966  16.993  -4.302  1.00 33.62 ? 27  LEU E CG  1 
ATOM   1222 C  CD1 . LEU E 2 27 ? -7.637  18.176  -5.199  1.00 33.49 ? 27  LEU E CD1 1 
ATOM   1223 C  CD2 . LEU E 2 27 ? -7.980  17.406  -2.820  1.00 33.93 ? 27  LEU E CD2 1 
ATOM   1224 N  N   . LYS E 2 28 ? -11.352 13.958  -5.553  1.00 35.29 ? 28  LYS E N   1 
ATOM   1225 C  CA  . LYS E 2 28 ? -12.712 13.468  -5.845  1.00 35.75 ? 28  LYS E CA  1 
ATOM   1226 C  C   . LYS E 2 28 ? -13.137 12.382  -4.860  1.00 36.54 ? 28  LYS E C   1 
ATOM   1227 O  O   . LYS E 2 28 ? -14.308 12.299  -4.435  1.00 36.10 ? 28  LYS E O   1 
ATOM   1228 C  CB  . LYS E 2 28 ? -12.817 12.959  -7.288  1.00 35.96 ? 28  LYS E CB  1 
ATOM   1229 C  CG  . LYS E 2 28 ? -13.038 14.063  -8.300  1.00 35.79 ? 28  LYS E CG  1 
ATOM   1230 C  CD  . LYS E 2 28 ? -12.994 13.553  -9.739  1.00 37.62 ? 28  LYS E CD  1 
ATOM   1231 C  CE  . LYS E 2 28 ? -13.182 14.702  -10.736 1.00 40.10 ? 28  LYS E CE  1 
ATOM   1232 N  NZ  . LYS E 2 28 ? -13.636 14.266  -12.110 1.00 41.80 ? 28  LYS E NZ  1 
ATOM   1233 N  N   . LYS E 2 29 ? -12.170 11.557  -4.491  1.00 37.52 ? 29  LYS E N   1 
ATOM   1234 C  CA  . LYS E 2 29 ? -12.398 10.466  -3.563  1.00 39.26 ? 29  LYS E CA  1 
ATOM   1235 C  C   . LYS E 2 29 ? -12.598 11.025  -2.157  1.00 39.45 ? 29  LYS E C   1 
ATOM   1236 O  O   . LYS E 2 29 ? -13.391 10.491  -1.380  1.00 39.89 ? 29  LYS E O   1 
ATOM   1237 C  CB  . LYS E 2 29 ? -11.239 9.462   -3.653  1.00 39.67 ? 29  LYS E CB  1 
ATOM   1238 C  CG  . LYS E 2 29 ? -11.260 8.576   -4.931  1.00 40.61 ? 29  LYS E CG  1 
ATOM   1239 C  CD  . LYS E 2 29 ? -11.321 9.392   -6.260  1.00 41.35 ? 29  LYS E CD  1 
ATOM   1240 C  CE  . LYS E 2 29 ? -11.244 8.516   -7.501  1.00 41.59 ? 29  LYS E CE  1 
ATOM   1241 N  NZ  . LYS E 2 29 ? -11.228 9.316   -8.768  1.00 42.27 ? 29  LYS E NZ  1 
ATOM   1242 N  N   . LEU E 2 30 ? -11.907 12.128  -1.857  1.00 40.14 ? 30  LEU E N   1 
ATOM   1243 C  CA  . LEU E 2 30 ? -12.097 12.860  -0.599  1.00 40.16 ? 30  LEU E CA  1 
ATOM   1244 C  C   . LEU E 2 30 ? -13.493 13.486  -0.540  1.00 40.60 ? 30  LEU E C   1 
ATOM   1245 O  O   . LEU E 2 30 ? -14.101 13.523  0.533   1.00 40.88 ? 30  LEU E O   1 
ATOM   1246 C  CB  . LEU E 2 30 ? -11.031 13.943  -0.429  1.00 40.35 ? 30  LEU E CB  1 
ATOM   1247 C  CG  . LEU E 2 30 ? -10.218 14.171  0.848   1.00 39.78 ? 30  LEU E CG  1 
ATOM   1248 C  CD1 . LEU E 2 30 ? -9.696  15.602  0.869   1.00 39.23 ? 30  LEU E CD1 1 
ATOM   1249 C  CD2 . LEU E 2 30 ? -10.989 13.877  2.142   1.00 39.12 ? 30  LEU E CD2 1 
ATOM   1250 N  N   . VAL E 2 31 ? -14.004 13.972  -1.677  1.00 40.98 ? 31  VAL E N   1 
ATOM   1251 C  CA  . VAL E 2 31 ? -15.429 14.362  -1.773  1.00 41.41 ? 31  VAL E CA  1 
ATOM   1252 C  C   . VAL E 2 31 ? -16.290 13.102  -1.938  1.00 41.23 ? 31  VAL E C   1 
ATOM   1253 O  O   . VAL E 2 31 ? -17.275 12.894  -1.215  1.00 41.80 ? 31  VAL E O   1 
ATOM   1254 C  CB  . VAL E 2 31 ? -15.742 15.363  -2.946  1.00 41.51 ? 31  VAL E CB  1 
ATOM   1255 C  CG1 . VAL E 2 31 ? -14.641 16.418  -3.126  1.00 41.52 ? 31  VAL E CG1 1 
ATOM   1256 C  CG2 . VAL E 2 31 ? -15.944 14.636  -4.267  1.00 41.84 ? 31  VAL E CG2 1 
HETATM 1257 NA NA  . NA  F 3 .  ? 1.231   6.912   5.560   1.00 35.33 ? 35  NA  B NA  1 
HETATM 1258 O  O   . HOH G 4 .  ? 12.001  -9.809  -6.662  1.00 21.85 ? 35  HOH A O   1 
HETATM 1259 O  O   . HOH G 4 .  ? 10.815  -9.115  1.010   1.00 19.26 ? 36  HOH A O   1 
HETATM 1260 O  O   . HOH G 4 .  ? 6.808   -14.568 12.792  1.00 20.79 ? 37  HOH A O   1 
HETATM 1261 O  O   . HOH G 4 .  ? 9.458   -2.472  3.244   1.00 25.38 ? 38  HOH A O   1 
HETATM 1262 O  O   . HOH G 4 .  ? 4.147   -15.254 6.492   1.00 19.92 ? 39  HOH A O   1 
HETATM 1263 O  O   . HOH G 4 .  ? 6.763   -10.526 13.054  1.00 29.42 ? 40  HOH A O   1 
HETATM 1264 O  O   . HOH G 4 .  ? 11.594  -13.719 -8.826  1.00 31.52 ? 41  HOH A O   1 
HETATM 1265 O  O   . HOH G 4 .  ? -3.262  -17.008 15.816  1.00 30.39 ? 42  HOH A O   1 
HETATM 1266 O  O   . HOH G 4 .  ? 14.511  -6.272  -5.544  1.00 29.07 ? 43  HOH A O   1 
HETATM 1267 O  O   . HOH G 4 .  ? 5.873   -11.065 -4.471  1.00 27.97 ? 44  HOH A O   1 
HETATM 1268 O  O   . HOH G 4 .  ? -1.740  -15.841 9.715   1.00 31.95 ? 45  HOH A O   1 
HETATM 1269 O  O   . HOH G 4 .  ? 15.456  -4.641  -7.538  1.00 33.72 ? 46  HOH A O   1 
HETATM 1270 O  O   . HOH G 4 .  ? 12.771  -7.372  1.765   1.00 36.73 ? 47  HOH A O   1 
HETATM 1271 O  O   . HOH G 4 .  ? -0.715  -18.004 11.545  1.00 33.05 ? 48  HOH A O   1 
HETATM 1272 O  O   . HOH G 4 .  ? -0.070  -2.754  3.185   1.00 28.37 ? 49  HOH A O   1 
HETATM 1273 O  O   . HOH G 4 .  ? 4.198   -10.814 -6.489  1.00 45.26 ? 50  HOH A O   1 
HETATM 1274 O  O   . HOH G 4 .  ? -0.609  -9.685  0.137   1.00 29.61 ? 51  HOH A O   1 
HETATM 1275 O  O   . HOH G 4 .  ? 1.519   -10.537 -1.931  1.00 39.33 ? 52  HOH A O   1 
HETATM 1276 O  O   . HOH G 4 .  ? 4.804   -12.666 -2.633  1.00 38.15 ? 53  HOH A O   1 
HETATM 1277 O  O   . HOH G 4 .  ? 17.409  -6.281  -9.008  1.00 50.03 ? 54  HOH A O   1 
HETATM 1278 O  O   . HOH G 4 .  ? 13.788  -1.458  -0.144  1.00 42.98 ? 55  HOH A O   1 
HETATM 1279 O  O   . HOH G 4 .  ? -3.304  -17.966 12.984  1.00 43.63 ? 56  HOH A O   1 
HETATM 1280 O  O   . HOH G 4 .  ? 12.066  -2.601  2.542   1.00 33.45 ? 57  HOH A O   1 
HETATM 1281 O  O   . HOH G 4 .  ? 8.774   -11.230 10.938  1.00 40.30 ? 58  HOH A O   1 
HETATM 1282 O  O   . HOH G 4 .  ? 7.670   -8.726  11.825  1.00 55.72 ? 59  HOH A O   1 
HETATM 1283 O  O   . HOH G 4 .  ? 16.354  -4.812  -0.702  1.00 53.02 ? 60  HOH A O   1 
HETATM 1284 O  O   . HOH G 4 .  ? -9.314  -12.112 18.769  1.00 40.11 ? 61  HOH A O   1 
HETATM 1285 O  O   . HOH G 4 .  ? 4.425   -14.165 -7.430  1.00 52.33 ? 62  HOH A O   1 
HETATM 1286 O  O   . HOH G 4 .  ? -16.224 -11.542 25.785  1.00 42.48 ? 63  HOH A O   1 
HETATM 1287 O  O   . HOH G 4 .  ? 9.909   -9.259  -11.728 1.00 61.78 ? 64  HOH A O   1 
HETATM 1288 O  O   . HOH G 4 .  ? 10.563  -11.138 -8.721  1.00 38.67 ? 65  HOH A O   1 
HETATM 1289 O  O   . HOH G 4 .  ? 9.803   -14.319 -8.493  1.00 42.77 ? 66  HOH A O   1 
HETATM 1290 O  O   . HOH G 4 .  ? 10.664  -12.083 12.242  1.00 45.91 ? 67  HOH A O   1 
HETATM 1291 O  O   . HOH G 4 .  ? -1.940  -16.334 3.404   1.00 44.99 ? 68  HOH A O   1 
HETATM 1292 O  O   . HOH G 4 .  ? 7.990   -6.278  11.617  1.00 40.75 ? 69  HOH A O   1 
HETATM 1293 O  O   . HOH G 4 .  ? 11.943  -13.835 -11.435 1.00 42.32 ? 70  HOH A O   1 
HETATM 1294 O  O   . HOH H 4 .  ? 9.063   0.272   4.360   1.00 22.84 ? 36  HOH B O   1 
HETATM 1295 O  O   . HOH H 4 .  ? 11.077  4.753   -5.707  1.00 26.57 ? 37  HOH B O   1 
HETATM 1296 O  O   . HOH H 4 .  ? 4.218   7.671   0.735   1.00 40.03 ? 38  HOH B O   1 
HETATM 1297 O  O   . HOH H 4 .  ? 7.442   -5.812  15.595  1.00 36.13 ? 39  HOH B O   1 
HETATM 1298 O  O   . HOH H 4 .  ? 9.596   0.323   7.055   1.00 35.39 ? 40  HOH B O   1 
HETATM 1299 O  O   . HOH H 4 .  ? 6.096   -4.682  19.574  1.00 36.15 ? 41  HOH B O   1 
HETATM 1300 O  O   . HOH H 4 .  ? 13.149  3.026   -6.438  1.00 39.39 ? 42  HOH B O   1 
HETATM 1301 O  O   . HOH H 4 .  ? 7.483   0.548   10.824  1.00 36.30 ? 43  HOH B O   1 
HETATM 1302 O  O   . HOH H 4 .  ? 0.675   9.064   -0.550  1.00 48.46 ? 44  HOH B O   1 
HETATM 1303 O  O   . HOH H 4 .  ? 6.926   -4.575  13.385  1.00 36.91 ? 45  HOH B O   1 
HETATM 1304 O  O   . HOH H 4 .  ? 7.510   10.833  -9.269  1.00 47.51 ? 46  HOH B O   1 
HETATM 1305 O  O   . HOH H 4 .  ? 14.021  0.761   -5.740  1.00 45.29 ? 47  HOH B O   1 
HETATM 1306 O  O   . HOH H 4 .  ? 9.514   -5.919  9.128   1.00 43.30 ? 48  HOH B O   1 
HETATM 1307 O  O   . HOH H 4 .  ? 15.166  -0.708  -7.693  1.00 50.88 ? 49  HOH B O   1 
HETATM 1308 O  O   . HOH H 4 .  ? 7.154   -0.262  13.711  1.00 38.60 ? 50  HOH B O   1 
HETATM 1309 O  O   . HOH H 4 .  ? 6.083   -10.282 28.041  1.00 52.26 ? 51  HOH B O   1 
HETATM 1310 O  O   . HOH H 4 .  ? 11.500  1.583   4.145   1.00 36.92 ? 52  HOH B O   1 
HETATM 1311 O  O   . HOH H 4 .  ? 4.390   8.099   -4.545  1.00 47.82 ? 53  HOH B O   1 
HETATM 1312 O  O   . HOH H 4 .  ? 0.596   7.014   -18.030 1.00 49.21 ? 54  HOH B O   1 
HETATM 1313 O  O   . HOH H 4 .  ? 3.416   0.772   16.481  1.00 43.10 ? 55  HOH B O   1 
HETATM 1314 O  O   . HOH H 4 .  ? 7.786   8.294   0.620   1.00 50.51 ? 56  HOH B O   1 
HETATM 1315 O  O   . HOH H 4 .  ? 9.546   7.335   -16.808 1.00 42.52 ? 57  HOH B O   1 
HETATM 1316 O  O   . HOH H 4 .  ? 10.463  5.704   -18.528 1.00 48.27 ? 58  HOH B O   1 
HETATM 1317 O  O   . HOH H 4 .  ? 11.347  7.686   -6.070  1.00 49.62 ? 59  HOH B O   1 
HETATM 1318 O  O   . HOH H 4 .  ? 11.495  8.213   -15.962 1.00 45.90 ? 60  HOH B O   1 
HETATM 1319 O  O   . HOH H 4 .  ? 13.950  2.009   -3.418  1.00 57.00 ? 61  HOH B O   1 
HETATM 1320 O  O   . HOH H 4 .  ? 8.964   8.538   -6.434  1.00 44.10 ? 62  HOH B O   1 
HETATM 1321 O  O   . HOH H 4 .  ? 0.999   5.818   11.435  1.00 34.51 ? 63  HOH B O   1 
HETATM 1322 O  O   . HOH H 4 .  ? 7.802   5.746   1.004   1.00 35.09 ? 64  HOH B O   1 
HETATM 1323 O  O   . HOH I 4 .  ? -0.376  8.105   5.290   1.00 29.92 ? 35  HOH C O   1 
HETATM 1324 O  O   . HOH I 4 .  ? -9.178  3.322   14.981  1.00 29.84 ? 36  HOH C O   1 
HETATM 1325 O  O   . HOH I 4 .  ? -7.902  3.289   3.934   1.00 25.59 ? 37  HOH C O   1 
HETATM 1326 O  O   . HOH I 4 .  ? -5.306  6.021   9.516   1.00 28.34 ? 38  HOH C O   1 
HETATM 1327 O  O   . HOH I 4 .  ? -6.833  2.587   -6.221  1.00 33.90 ? 39  HOH C O   1 
HETATM 1328 O  O   . HOH I 4 .  ? -5.560  5.169   20.662  1.00 39.14 ? 40  HOH C O   1 
HETATM 1329 O  O   . HOH I 4 .  ? -7.737  2.407   -8.748  1.00 38.72 ? 41  HOH C O   1 
HETATM 1330 O  O   . HOH I 4 .  ? -6.797  6.682   6.922   1.00 40.12 ? 42  HOH C O   1 
HETATM 1331 O  O   . HOH I 4 .  ? -8.103  4.725   1.697   1.00 40.39 ? 43  HOH C O   1 
HETATM 1332 O  O   . HOH I 4 .  ? -1.812  4.438   14.736  1.00 32.90 ? 44  HOH C O   1 
HETATM 1333 O  O   . HOH I 4 .  ? -1.597  5.932   10.394  1.00 33.81 ? 45  HOH C O   1 
HETATM 1334 O  O   . HOH I 4 .  ? -10.101 0.564   -3.055  1.00 46.78 ? 47  HOH C O   1 
HETATM 1335 O  O   . HOH I 4 .  ? -6.180  8.654   -2.341  1.00 41.78 ? 49  HOH C O   1 
HETATM 1336 O  O   . HOH I 4 .  ? -7.109  8.243   -5.410  1.00 49.97 ? 50  HOH C O   1 
HETATM 1337 O  O   . HOH I 4 .  ? -9.104  7.456   10.141  1.00 42.32 ? 51  HOH C O   1 
HETATM 1338 O  O   . HOH I 4 .  ? 0.738   2.112   16.253  1.00 46.84 ? 52  HOH C O   1 
HETATM 1339 O  O   . HOH I 4 .  ? 0.071   3.052   18.436  1.00 42.29 ? 53  HOH C O   1 
HETATM 1340 O  O   . HOH I 4 .  ? -3.027  7.163   12.473  1.00 43.02 ? 54  HOH C O   1 
HETATM 1341 O  O   . HOH I 4 .  ? -5.223  4.893   -11.978 1.00 46.88 ? 55  HOH C O   1 
HETATM 1342 O  O   . HOH I 4 .  ? -10.510 3.182   25.362  1.00 41.08 ? 56  HOH C O   1 
HETATM 1343 O  O   . HOH I 4 .  ? -9.246  -1.495  27.211  1.00 41.68 ? 57  HOH C O   1 
HETATM 1344 O  O   . HOH I 4 .  ? -3.120  7.663   5.994   1.00 47.04 ? 58  HOH C O   1 
HETATM 1345 O  O   . HOH I 4 .  ? -8.290  1.231   26.100  1.00 43.20 ? 59  HOH C O   1 
HETATM 1346 O  O   . HOH I 4 .  ? -12.672 -2.329  27.824  1.00 49.71 ? 60  HOH C O   1 
HETATM 1347 O  O   . HOH I 4 .  ? -6.063  6.237   -1.798  1.00 39.75 ? 61  HOH C O   1 
HETATM 1348 O  O   . HOH I 4 .  ? -6.192  0.418   -17.446 1.00 44.03 ? 62  HOH C O   1 
HETATM 1349 O  O   . HOH I 4 .  ? -5.431  8.786   5.591   1.00 58.59 ? 63  HOH C O   1 
HETATM 1350 O  O   . HOH J 4 .  ? -7.829  -10.312 -5.084  1.00 18.79 ? 35  HOH D O   1 
HETATM 1351 O  O   . HOH J 4 .  ? -14.518 -9.078  9.795   1.00 23.65 ? 36  HOH D O   1 
HETATM 1352 O  O   . HOH J 4 .  ? -9.345  0.441   3.828   1.00 24.96 ? 37  HOH D O   1 
HETATM 1353 O  O   . HOH J 4 .  ? -7.929  -11.142 -2.532  1.00 30.98 ? 38  HOH D O   1 
HETATM 1354 O  O   . HOH J 4 .  ? -7.041  -2.772  -13.816 1.00 33.07 ? 39  HOH D O   1 
HETATM 1355 O  O   . HOH J 4 .  ? -8.320  -2.594  -8.632  1.00 33.11 ? 40  HOH D O   1 
HETATM 1356 O  O   . HOH J 4 .  ? -8.995  -11.243 6.753   1.00 31.01 ? 41  HOH D O   1 
HETATM 1357 O  O   . HOH J 4 .  ? -15.676 -4.955  10.480  1.00 27.82 ? 42  HOH D O   1 
HETATM 1358 O  O   . HOH J 4 .  ? -13.898 -11.216 11.254  1.00 28.97 ? 43  HOH D O   1 
HETATM 1359 O  O   . HOH J 4 .  ? -2.292  -10.894 -8.839  1.00 32.09 ? 44  HOH D O   1 
HETATM 1360 O  O   . HOH J 4 .  ? -13.714 -3.181  3.526   1.00 36.83 ? 45  HOH D O   1 
HETATM 1361 O  O   . HOH J 4 .  ? -8.103  -12.200 4.447   1.00 37.12 ? 46  HOH D O   1 
HETATM 1362 O  O   . HOH J 4 .  ? -7.104  -12.862 11.863  1.00 49.37 ? 48  HOH D O   1 
HETATM 1363 O  O   . HOH J 4 .  ? 5.612   -7.538  -18.430 1.00 44.84 ? 49  HOH D O   1 
HETATM 1364 O  O   . HOH J 4 .  ? -5.830  -3.849  -15.627 1.00 39.04 ? 50  HOH D O   1 
HETATM 1365 O  O   . HOH J 4 .  ? -10.897 -3.510  -6.735  1.00 44.55 ? 51  HOH D O   1 
HETATM 1366 O  O   . HOH J 4 .  ? -3.788  -11.775 -10.961 1.00 39.83 ? 52  HOH D O   1 
HETATM 1367 O  O   . HOH J 4 .  ? -16.919 -1.172  6.635   1.00 42.66 ? 53  HOH D O   1 
HETATM 1368 O  O   . HOH J 4 .  ? -7.013  -12.061 8.159   1.00 50.84 ? 54  HOH D O   1 
HETATM 1369 O  O   . HOH J 4 .  ? -18.037 -1.314  10.074  1.00 47.70 ? 55  HOH D O   1 
HETATM 1370 O  O   . HOH J 4 .  ? -8.805  -1.653  -6.459  1.00 50.88 ? 56  HOH D O   1 
HETATM 1371 O  O   . HOH J 4 .  ? -16.228 -3.969  13.072  1.00 32.48 ? 57  HOH D O   1 
HETATM 1372 O  O   . HOH J 4 .  ? -5.141  -14.188 -6.834  1.00 52.30 ? 58  HOH D O   1 
HETATM 1373 O  O   . HOH J 4 .  ? 6.942   -6.684  -15.659 1.00 40.97 ? 59  HOH D O   1 
HETATM 1374 O  O   . HOH J 4 .  ? -17.410 -14.293 15.156  1.00 51.45 ? 60  HOH D O   1 
HETATM 1375 O  O   . HOH J 4 .  ? -18.518 -5.481  13.889  1.00 52.70 ? 61  HOH D O   1 
HETATM 1376 O  O   . HOH J 4 .  ? -17.861 -1.257  18.844  1.00 52.58 ? 62  HOH D O   1 
HETATM 1377 O  O   . HOH J 4 .  ? -5.354  -11.157 -7.283  1.00 37.00 ? 63  HOH D O   1 
HETATM 1378 O  O   . HOH J 4 .  ? -6.613  -14.693 4.531   1.00 50.33 ? 64  HOH D O   1 
HETATM 1379 O  O   . HOH J 4 .  ? -0.432  -10.819 -3.423  1.00 42.18 ? 65  HOH D O   1 
HETATM 1380 O  O   . HOH J 4 .  ? -13.095 1.869   7.594   1.00 48.99 ? 66  HOH D O   1 
HETATM 1381 O  O   . HOH J 4 .  ? -5.755  -15.027 2.019   1.00 51.29 ? 67  HOH D O   1 
HETATM 1382 O  O   . HOH J 4 .  ? -4.645  -13.827 -0.812  1.00 53.73 ? 68  HOH D O   1 
HETATM 1383 O  O   . HOH K 4 .  ? 0.734   11.783  -18.218 1.00 43.17 ? 67  HOH E O   1 
HETATM 1384 O  O   . HOH K 4 .  ? 9.632   14.155  -16.747 1.00 50.45 ? 73  HOH E O   1 
HETATM 1385 O  O   . HOH K 4 .  ? 11.981  16.033  -20.444 1.00 38.60 ? 88  HOH E O   1 
HETATM 1386 O  O   . HOH K 4 .  ? 13.121  21.465  -23.764 1.00 44.78 ? 108 HOH E O   1 
HETATM 1387 O  O   . HOH K 4 .  ? 14.249  23.981  -24.374 1.00 48.13 ? 118 HOH E O   1 
# 
loop_
_pdbx_poly_seq_scheme.asym_id 
_pdbx_poly_seq_scheme.entity_id 
_pdbx_poly_seq_scheme.seq_id 
_pdbx_poly_seq_scheme.mon_id 
_pdbx_poly_seq_scheme.ndb_seq_num 
_pdbx_poly_seq_scheme.pdb_seq_num 
_pdbx_poly_seq_scheme.auth_seq_num 
_pdbx_poly_seq_scheme.pdb_mon_id 
_pdbx_poly_seq_scheme.auth_mon_id 
_pdbx_poly_seq_scheme.pdb_strand_id 
_pdbx_poly_seq_scheme.pdb_ins_code 
_pdbx_poly_seq_scheme.hetero 
A 1 1  MET 1  1  1  MET MET A . n 
A 1 2  LYS 2  2  2  LYS LYS A . n 
A 1 3  VAL 3  3  3  VAL VAL A . n 
A 1 4  LYS 4  4  4  LYS LYS A . n 
A 1 5  GLN 5  5  5  GLN GLN A . n 
A 1 6  LEU 6  6  6  LEU LEU A . n 
A 1 7  ALA 7  7  7  ALA ALA A . n 
A 1 8  ASP 8  8  8  ASP ASP A . n 
A 1 9  LYS 9  9  9  LYS LYS A . n 
A 1 10 VAL 10 10 10 VAL VAL A . n 
A 1 11 GLU 11 11 11 GLU GLU A . n 
A 1 12 GLU 12 12 12 GLU GLU A . n 
A 1 13 LEU 13 13 13 LEU LEU A . n 
A 1 14 LEU 14 14 14 LEU LEU A . n 
A 1 15 SER 15 15 15 SER SER A . n 
A 1 16 LYS 16 16 16 LYS LYS A . n 
A 1 17 ASN 17 17 17 ASN ASN A . n 
A 1 18 TYR 18 18 18 TYR TYR A . n 
A 1 19 HIS 19 19 19 HIS HIS A . n 
A 1 20 LEU 20 20 20 LEU LEU A . n 
A 1 21 ALA 21 21 21 ALA ALA A . n 
A 1 22 ASN 22 22 22 ASN ASN A . n 
A 1 23 GLU 23 23 23 GLU GLU A . n 
A 1 24 VAL 24 24 24 VAL VAL A . n 
A 1 25 ALA 25 25 25 ALA ALA A . n 
A 1 26 ARG 26 26 26 ARG ARG A . n 
A 1 27 LEU 27 27 27 LEU LEU A . n 
A 1 28 ALA 28 28 28 ALA ALA A . n 
A 1 29 LYS 29 29 29 LYS LYS A . n 
A 1 30 LEU 30 30 30 LEU LEU A . n 
A 1 31 VAL 31 31 31 VAL VAL A . n 
A 1 32 GLY 32 32 32 GLY GLY A . n 
A 1 33 GLU 33 33 ?  ?   ?   A . n 
A 1 34 ARG 34 34 ?  ?   ?   A . n 
B 2 1  MET 1  1  1  MET MET B . n 
B 2 2  LYS 2  2  2  LYS LYS B . n 
B 2 3  VAL 3  3  3  VAL VAL B . n 
B 2 4  LYS 4  4  4  LYS LYS B . n 
B 2 5  GLN 5  5  5  GLN GLN B . n 
B 2 6  LEU 6  6  6  LEU LEU B . n 
B 2 7  GLU 7  7  7  GLU GLU B . n 
B 2 8  ASP 8  8  8  ASP ASP B . n 
B 2 9  ALA 9  9  9  ALA ALA B . n 
B 2 10 VAL 10 10 10 VAL VAL B . n 
B 2 11 GLU 11 11 11 GLU GLU B . n 
B 2 12 GLU 12 12 12 GLU GLU B . n 
B 2 13 LEU 13 13 13 LEU LEU B . n 
B 2 14 LEU 14 14 14 LEU LEU B . n 
B 2 15 SER 15 15 15 SER SER B . n 
B 2 16 ALA 16 16 16 ALA ALA B . n 
B 2 17 ASN 17 17 17 ASN ASN B . n 
B 2 18 TYR 18 18 18 TYR TYR B . n 
B 2 19 HIS 19 19 19 HIS HIS B . n 
B 2 20 LEU 20 20 20 LEU LEU B . n 
B 2 21 GLU 21 21 21 GLU GLU B . n 
B 2 22 ASN 22 22 22 ASN ASN B . n 
B 2 23 ALA 23 23 23 ALA ALA B . n 
B 2 24 VAL 24 24 24 VAL VAL B . n 
B 2 25 ALA 25 25 25 ALA ALA B . n 
B 2 26 ARG 26 26 26 ARG ARG B . n 
B 2 27 LEU 27 27 27 LEU LEU B . n 
B 2 28 LYS 28 28 28 LYS LYS B . n 
B 2 29 LYS 29 29 29 LYS LYS B . n 
B 2 30 LEU 30 30 30 LEU LEU B . n 
B 2 31 VAL 31 31 31 VAL VAL B . n 
B 2 32 GLY 32 32 32 GLY GLY B . n 
B 2 33 GLU 33 33 33 GLU GLU B . n 
B 2 34 ARG 34 34 34 ARG ARG B . n 
C 2 1  MET 1  1  1  MET MET C . n 
C 2 2  LYS 2  2  2  LYS LYS C . n 
C 2 3  VAL 3  3  3  VAL VAL C . n 
C 2 4  LYS 4  4  4  LYS LYS C . n 
C 2 5  GLN 5  5  5  GLN GLN C . n 
C 2 6  LEU 6  6  6  LEU LEU C . n 
C 2 7  GLU 7  7  7  GLU GLU C . n 
C 2 8  ASP 8  8  8  ASP ASP C . n 
C 2 9  ALA 9  9  9  ALA ALA C . n 
C 2 10 VAL 10 10 10 VAL VAL C . n 
C 2 11 GLU 11 11 11 GLU GLU C . n 
C 2 12 GLU 12 12 12 GLU GLU C . n 
C 2 13 LEU 13 13 13 LEU LEU C . n 
C 2 14 LEU 14 14 14 LEU LEU C . n 
C 2 15 SER 15 15 15 SER SER C . n 
C 2 16 ALA 16 16 16 ALA ALA C . n 
C 2 17 ASN 17 17 17 ASN ASN C . n 
C 2 18 TYR 18 18 18 TYR TYR C . n 
C 2 19 HIS 19 19 19 HIS HIS C . n 
C 2 20 LEU 20 20 20 LEU LEU C . n 
C 2 21 GLU 21 21 21 GLU GLU C . n 
C 2 22 ASN 22 22 22 ASN ASN C . n 
C 2 23 ALA 23 23 23 ALA ALA C . n 
C 2 24 VAL 24 24 24 VAL VAL C . n 
C 2 25 ALA 25 25 25 ALA ALA C . n 
C 2 26 ARG 26 26 26 ARG ARG C . n 
C 2 27 LEU 27 27 27 LEU LEU C . n 
C 2 28 LYS 28 28 28 LYS LYS C . n 
C 2 29 LYS 29 29 29 LYS LYS C . n 
C 2 30 LEU 30 30 30 LEU LEU C . n 
C 2 31 VAL 31 31 31 VAL VAL C . n 
C 2 32 GLY 32 32 ?  ?   ?   C . n 
C 2 33 GLU 33 33 ?  ?   ?   C . n 
C 2 34 ARG 34 34 ?  ?   ?   C . n 
D 1 1  MET 1  1  1  MET MET D . n 
D 1 2  LYS 2  2  2  LYS LYS D . n 
D 1 3  VAL 3  3  3  VAL VAL D . n 
D 1 4  LYS 4  4  4  LYS LYS D . n 
D 1 5  GLN 5  5  5  GLN GLN D . n 
D 1 6  LEU 6  6  6  LEU LEU D . n 
D 1 7  ALA 7  7  7  ALA ALA D . n 
D 1 8  ASP 8  8  8  ASP ASP D . n 
D 1 9  LYS 9  9  9  LYS LYS D . n 
D 1 10 VAL 10 10 10 VAL VAL D . n 
D 1 11 GLU 11 11 11 GLU GLU D . n 
D 1 12 GLU 12 12 12 GLU GLU D . n 
D 1 13 LEU 13 13 13 LEU LEU D . n 
D 1 14 LEU 14 14 14 LEU LEU D . n 
D 1 15 SER 15 15 15 SER SER D . n 
D 1 16 LYS 16 16 16 LYS LYS D . n 
D 1 17 ASN 17 17 17 ASN ASN D . n 
D 1 18 TYR 18 18 18 TYR TYR D . n 
D 1 19 HIS 19 19 19 HIS HIS D . n 
D 1 20 LEU 20 20 20 LEU LEU D . n 
D 1 21 ALA 21 21 21 ALA ALA D . n 
D 1 22 ASN 22 22 22 ASN ASN D . n 
D 1 23 GLU 23 23 23 GLU GLU D . n 
D 1 24 VAL 24 24 24 VAL VAL D . n 
D 1 25 ALA 25 25 25 ALA ALA D . n 
D 1 26 ARG 26 26 26 ARG ARG D . n 
D 1 27 LEU 27 27 27 LEU LEU D . n 
D 1 28 ALA 28 28 28 ALA ALA D . n 
D 1 29 LYS 29 29 29 LYS LYS D . n 
D 1 30 LEU 30 30 30 LEU LEU D . n 
D 1 31 VAL 31 31 31 VAL VAL D . n 
D 1 32 GLY 32 32 32 GLY GLY D . n 
D 1 33 GLU 33 33 ?  ?   ?   D . n 
D 1 34 ARG 34 34 ?  ?   ?   D . n 
E 2 1  MET 1  1  ?  ?   ?   E . n 
E 2 2  LYS 2  2  ?  ?   ?   E . n 
E 2 3  VAL 3  3  3  VAL VAL E . n 
E 2 4  LYS 4  4  4  LYS LYS E . n 
E 2 5  GLN 5  5  5  GLN GLN E . n 
E 2 6  LEU 6  6  6  LEU LEU E . n 
E 2 7  GLU 7  7  7  GLU GLU E . n 
E 2 8  ASP 8  8  8  ASP ASP E . n 
E 2 9  ALA 9  9  9  ALA ALA E . n 
E 2 10 VAL 10 10 10 VAL VAL E . n 
E 2 11 GLU 11 11 11 GLU GLU E . n 
E 2 12 GLU 12 12 12 GLU GLU E . n 
E 2 13 LEU 13 13 13 LEU LEU E . n 
E 2 14 LEU 14 14 14 LEU LEU E . n 
E 2 15 SER 15 15 15 SER SER E . n 
E 2 16 ALA 16 16 16 ALA ALA E . n 
E 2 17 ASN 17 17 17 ASN ASN E . n 
E 2 18 TYR 18 18 18 TYR TYR E . n 
E 2 19 HIS 19 19 19 HIS HIS E . n 
E 2 20 LEU 20 20 20 LEU LEU E . n 
E 2 21 GLU 21 21 21 GLU GLU E . n 
E 2 22 ASN 22 22 22 ASN ASN E . n 
E 2 23 ALA 23 23 23 ALA ALA E . n 
E 2 24 VAL 24 24 24 VAL VAL E . n 
E 2 25 ALA 25 25 25 ALA ALA E . n 
E 2 26 ARG 26 26 26 ARG ARG E . n 
E 2 27 LEU 27 27 27 LEU LEU E . n 
E 2 28 LYS 28 28 28 LYS LYS E . n 
E 2 29 LYS 29 29 29 LYS LYS E . n 
E 2 30 LEU 30 30 30 LEU LEU E . n 
E 2 31 VAL 31 31 31 VAL VAL E . n 
E 2 32 GLY 32 32 ?  ?   ?   E . n 
E 2 33 GLU 33 33 ?  ?   ?   E . n 
E 2 34 ARG 34 34 ?  ?   ?   E . n 
# 
loop_
_pdbx_nonpoly_scheme.asym_id 
_pdbx_nonpoly_scheme.entity_id 
_pdbx_nonpoly_scheme.mon_id 
_pdbx_nonpoly_scheme.ndb_seq_num 
_pdbx_nonpoly_scheme.pdb_seq_num 
_pdbx_nonpoly_scheme.auth_seq_num 
_pdbx_nonpoly_scheme.pdb_mon_id 
_pdbx_nonpoly_scheme.auth_mon_id 
_pdbx_nonpoly_scheme.pdb_strand_id 
_pdbx_nonpoly_scheme.pdb_ins_code 
F 3 NA  1  35  1   NA  NA  B . 
G 4 HOH 1  35  1   HOH HOH A . 
G 4 HOH 2  36  4   HOH HOH A . 
G 4 HOH 3  37  5   HOH HOH A . 
G 4 HOH 4  38  6   HOH HOH A . 
G 4 HOH 5  39  8   HOH HOH A . 
G 4 HOH 6  40  13  HOH HOH A . 
G 4 HOH 7  41  15  HOH HOH A . 
G 4 HOH 8  42  19  HOH HOH A . 
G 4 HOH 9  43  20  HOH HOH A . 
G 4 HOH 10 44  24  HOH HOH A . 
G 4 HOH 11 45  26  HOH HOH A . 
G 4 HOH 12 46  34  HOH HOH A . 
G 4 HOH 13 47  39  HOH HOH A . 
G 4 HOH 14 48  40  HOH HOH A . 
G 4 HOH 15 49  42  HOH HOH A . 
G 4 HOH 16 50  48  HOH HOH A . 
G 4 HOH 17 51  49  HOH HOH A . 
G 4 HOH 18 52  50  HOH HOH A . 
G 4 HOH 19 53  51  HOH HOH A . 
G 4 HOH 20 54  53  HOH HOH A . 
G 4 HOH 21 55  54  HOH HOH A . 
G 4 HOH 22 56  72  HOH HOH A . 
G 4 HOH 23 57  77  HOH HOH A . 
G 4 HOH 24 58  82  HOH HOH A . 
G 4 HOH 25 59  84  HOH HOH A . 
G 4 HOH 26 60  87  HOH HOH A . 
G 4 HOH 27 61  99  HOH HOH A . 
G 4 HOH 28 62  103 HOH HOH A . 
G 4 HOH 29 63  104 HOH HOH A . 
G 4 HOH 30 64  109 HOH HOH A . 
G 4 HOH 31 65  113 HOH HOH A . 
G 4 HOH 32 66  120 HOH HOH A . 
G 4 HOH 33 67  123 HOH HOH A . 
G 4 HOH 34 68  129 HOH HOH A . 
G 4 HOH 35 69  58  HOH HOH A . 
G 4 HOH 36 70  45  HOH HOH A . 
H 4 HOH 1  36  9   HOH HOH B . 
H 4 HOH 2  37  12  HOH HOH B . 
H 4 HOH 3  38  30  HOH HOH B . 
H 4 HOH 4  39  31  HOH HOH B . 
H 4 HOH 5  40  32  HOH HOH B . 
H 4 HOH 6  41  33  HOH HOH B . 
H 4 HOH 7  42  35  HOH HOH B . 
H 4 HOH 8  43  43  HOH HOH B . 
H 4 HOH 9  44  47  HOH HOH B . 
H 4 HOH 10 45  52  HOH HOH B . 
H 4 HOH 11 46  62  HOH HOH B . 
H 4 HOH 12 47  70  HOH HOH B . 
H 4 HOH 13 48  75  HOH HOH B . 
H 4 HOH 14 49  76  HOH HOH B . 
H 4 HOH 15 50  80  HOH HOH B . 
H 4 HOH 16 51  85  HOH HOH B . 
H 4 HOH 17 52  89  HOH HOH B . 
H 4 HOH 18 53  92  HOH HOH B . 
H 4 HOH 19 54  96  HOH HOH B . 
H 4 HOH 20 55  97  HOH HOH B . 
H 4 HOH 21 56  100 HOH HOH B . 
H 4 HOH 22 57  105 HOH HOH B . 
H 4 HOH 23 58  106 HOH HOH B . 
H 4 HOH 24 59  107 HOH HOH B . 
H 4 HOH 25 60  117 HOH HOH B . 
H 4 HOH 26 61  119 HOH HOH B . 
H 4 HOH 27 62  125 HOH HOH B . 
H 4 HOH 28 63  57  HOH HOH B . 
H 4 HOH 29 64  63  HOH HOH B . 
I 4 HOH 1  35  7   HOH HOH C . 
I 4 HOH 2  36  14  HOH HOH C . 
I 4 HOH 3  37  16  HOH HOH C . 
I 4 HOH 4  38  21  HOH HOH C . 
I 4 HOH 5  39  27  HOH HOH C . 
I 4 HOH 6  40  37  HOH HOH C . 
I 4 HOH 7  41  38  HOH HOH C . 
I 4 HOH 8  42  41  HOH HOH C . 
I 4 HOH 9  43  44  HOH HOH C . 
I 4 HOH 10 44  46  HOH HOH C . 
I 4 HOH 11 45  55  HOH HOH C . 
I 4 HOH 12 47  61  HOH HOH C . 
I 4 HOH 13 49  64  HOH HOH C . 
I 4 HOH 14 50  78  HOH HOH C . 
I 4 HOH 15 51  79  HOH HOH C . 
I 4 HOH 16 52  90  HOH HOH C . 
I 4 HOH 17 53  94  HOH HOH C . 
I 4 HOH 18 54  95  HOH HOH C . 
I 4 HOH 19 55  101 HOH HOH C . 
I 4 HOH 20 56  102 HOH HOH C . 
I 4 HOH 21 57  110 HOH HOH C . 
I 4 HOH 22 58  111 HOH HOH C . 
I 4 HOH 23 59  115 HOH HOH C . 
I 4 HOH 24 60  116 HOH HOH C . 
I 4 HOH 25 61  121 HOH HOH C . 
I 4 HOH 26 62  124 HOH HOH C . 
I 4 HOH 27 63  126 HOH HOH C . 
J 4 HOH 1  35  2   HOH HOH D . 
J 4 HOH 2  36  3   HOH HOH D . 
J 4 HOH 3  37  10  HOH HOH D . 
J 4 HOH 4  38  11  HOH HOH D . 
J 4 HOH 5  39  17  HOH HOH D . 
J 4 HOH 6  40  18  HOH HOH D . 
J 4 HOH 7  41  22  HOH HOH D . 
J 4 HOH 8  42  23  HOH HOH D . 
J 4 HOH 9  43  25  HOH HOH D . 
J 4 HOH 10 44  28  HOH HOH D . 
J 4 HOH 11 45  29  HOH HOH D . 
J 4 HOH 12 46  36  HOH HOH D . 
J 4 HOH 13 48  56  HOH HOH D . 
J 4 HOH 14 49  59  HOH HOH D . 
J 4 HOH 15 50  60  HOH HOH D . 
J 4 HOH 16 51  65  HOH HOH D . 
J 4 HOH 17 52  66  HOH HOH D . 
J 4 HOH 18 53  68  HOH HOH D . 
J 4 HOH 19 54  69  HOH HOH D . 
J 4 HOH 20 55  71  HOH HOH D . 
J 4 HOH 21 56  74  HOH HOH D . 
J 4 HOH 22 57  81  HOH HOH D . 
J 4 HOH 23 58  83  HOH HOH D . 
J 4 HOH 24 59  86  HOH HOH D . 
J 4 HOH 25 60  91  HOH HOH D . 
J 4 HOH 26 61  93  HOH HOH D . 
J 4 HOH 27 62  98  HOH HOH D . 
J 4 HOH 28 63  112 HOH HOH D . 
J 4 HOH 29 64  114 HOH HOH D . 
J 4 HOH 30 65  122 HOH HOH D . 
J 4 HOH 31 66  127 HOH HOH D . 
J 4 HOH 32 67  130 HOH HOH D . 
J 4 HOH 33 68  128 HOH HOH D . 
K 4 HOH 1  67  67  HOH HOH E . 
K 4 HOH 2  73  73  HOH HOH E . 
K 4 HOH 3  88  88  HOH HOH E . 
K 4 HOH 4  108 108 HOH HOH E . 
K 4 HOH 5  118 118 HOH HOH E . 
# 
loop_
_pdbx_struct_assembly.id 
_pdbx_struct_assembly.details 
_pdbx_struct_assembly.method_details 
_pdbx_struct_assembly.oligomeric_details 
_pdbx_struct_assembly.oligomeric_count 
1 author_and_software_defined_assembly PISA tetrameric 4 
2 author_and_software_defined_assembly PISA tetrameric 4 
# 
loop_
_pdbx_struct_assembly_gen.assembly_id 
_pdbx_struct_assembly_gen.oper_expression 
_pdbx_struct_assembly_gen.asym_id_list 
1 1       A,B,C,D,F,G,H,I,J 
2 1,2,3,4 E,K               
# 
loop_
_pdbx_struct_assembly_prop.biol_id 
_pdbx_struct_assembly_prop.type 
_pdbx_struct_assembly_prop.value 
_pdbx_struct_assembly_prop.details 
1 'ABSA (A^2)' 6080  ? 
1 MORE         -60.7 ? 
1 'SSA (A^2)'  7010  ? 
2 'ABSA (A^2)' 5530  ? 
2 MORE         -57.4 ? 
2 'SSA (A^2)'  6760  ? 
# 
loop_
_pdbx_struct_oper_list.id 
_pdbx_struct_oper_list.type 
_pdbx_struct_oper_list.name 
_pdbx_struct_oper_list.symmetry_operation 
_pdbx_struct_oper_list.matrix[1][1] 
_pdbx_struct_oper_list.matrix[1][2] 
_pdbx_struct_oper_list.matrix[1][3] 
_pdbx_struct_oper_list.vector[1] 
_pdbx_struct_oper_list.matrix[2][1] 
_pdbx_struct_oper_list.matrix[2][2] 
_pdbx_struct_oper_list.matrix[2][3] 
_pdbx_struct_oper_list.vector[2] 
_pdbx_struct_oper_list.matrix[3][1] 
_pdbx_struct_oper_list.matrix[3][2] 
_pdbx_struct_oper_list.matrix[3][3] 
_pdbx_struct_oper_list.vector[3] 
1 'identity operation'         1_555 x,y,z        1.0000000000  0.0000000000  0.0000000000  0.0000000000   0.0000000000  1.0000000000  0.0000000000  0.0000000000  0.0000000000  0.0000000000  1.0000000000  0.0000000000   
2 'crystal symmetry operation' 8_665 -y+1,-x+1,-z -0.5220969255 0.7662488356  0.3745364097  -12.2497774696 0.7662488356  0.2285697864  0.6005152576  26.0983365647 0.3745364097  0.6005152576  -0.7064728609 -37.7629873155 
3 'crystal symmetry operation' 2_665 -x+1,-y+1,z  -0.5295793887 0.1172458641  -0.8401184907 -16.5412834016 0.1172458641  -0.9707780817 -0.2093879733 38.8676714988 -0.8401184907 -0.2093879733 0.5003574705  -3.8378954330  
4 'crystal symmetry operation' 7_555 y,x,-z       0.0516763143  -0.8834946997 0.4655820809  24.7312521921  -0.8834946997 -0.2577917047 -0.3911272843 20.0028580265 0.4655820809  -0.3911272843 -0.7938846096 -17.9063014839 
# 
loop_
_pdbx_struct_conn_angle.id 
_pdbx_struct_conn_angle.ptnr1_label_atom_id 
_pdbx_struct_conn_angle.ptnr1_label_alt_id 
_pdbx_struct_conn_angle.ptnr1_label_asym_id 
_pdbx_struct_conn_angle.ptnr1_label_comp_id 
_pdbx_struct_conn_angle.ptnr1_label_seq_id 
_pdbx_struct_conn_angle.ptnr1_auth_atom_id 
_pdbx_struct_conn_angle.ptnr1_auth_asym_id 
_pdbx_struct_conn_angle.ptnr1_auth_comp_id 
_pdbx_struct_conn_angle.ptnr1_auth_seq_id 
_pdbx_struct_conn_angle.ptnr1_PDB_ins_code 
_pdbx_struct_conn_angle.ptnr1_symmetry 
_pdbx_struct_conn_angle.ptnr2_label_atom_id 
_pdbx_struct_conn_angle.ptnr2_label_alt_id 
_pdbx_struct_conn_angle.ptnr2_label_asym_id 
_pdbx_struct_conn_angle.ptnr2_label_comp_id 
_pdbx_struct_conn_angle.ptnr2_label_seq_id 
_pdbx_struct_conn_angle.ptnr2_auth_atom_id 
_pdbx_struct_conn_angle.ptnr2_auth_asym_id 
_pdbx_struct_conn_angle.ptnr2_auth_comp_id 
_pdbx_struct_conn_angle.ptnr2_auth_seq_id 
_pdbx_struct_conn_angle.ptnr2_PDB_ins_code 
_pdbx_struct_conn_angle.ptnr2_symmetry 
_pdbx_struct_conn_angle.ptnr3_label_atom_id 
_pdbx_struct_conn_angle.ptnr3_label_alt_id 
_pdbx_struct_conn_angle.ptnr3_label_asym_id 
_pdbx_struct_conn_angle.ptnr3_label_comp_id 
_pdbx_struct_conn_angle.ptnr3_label_seq_id 
_pdbx_struct_conn_angle.ptnr3_auth_atom_id 
_pdbx_struct_conn_angle.ptnr3_auth_asym_id 
_pdbx_struct_conn_angle.ptnr3_auth_comp_id 
_pdbx_struct_conn_angle.ptnr3_auth_seq_id 
_pdbx_struct_conn_angle.ptnr3_PDB_ins_code 
_pdbx_struct_conn_angle.ptnr3_symmetry 
_pdbx_struct_conn_angle.value 
_pdbx_struct_conn_angle.value_esd 
1 NE2 ? B HIS 19 ? B HIS 19 ? 1_555 NA ? F NA . ? B NA 35 ? 1_555 NE2 ? C HIS 19 ? C HIS 19 ? 1_555 114.1 ? 
2 NE2 ? B HIS 19 ? B HIS 19 ? 1_555 NA ? F NA . ? B NA 35 ? 1_555 O   ? I HOH .  ? C HOH 35 ? 1_555 131.2 ? 
3 NE2 ? C HIS 19 ? C HIS 19 ? 1_555 NA ? F NA . ? B NA 35 ? 1_555 O   ? I HOH .  ? C HOH 35 ? 1_555 83.7  ? 
# 
loop_
_pdbx_audit_revision_history.ordinal 
_pdbx_audit_revision_history.data_content_type 
_pdbx_audit_revision_history.major_revision 
_pdbx_audit_revision_history.minor_revision 
_pdbx_audit_revision_history.revision_date 
1 'Structure model' 1 0 2008-10-07 
2 'Structure model' 1 1 2011-07-13 
3 'Structure model' 1 2 2021-10-20 
4 'Structure model' 1 3 2023-08-30 
# 
_pdbx_audit_revision_details.ordinal             1 
_pdbx_audit_revision_details.revision_ordinal    1 
_pdbx_audit_revision_details.data_content_type   'Structure model' 
_pdbx_audit_revision_details.provider            repository 
_pdbx_audit_revision_details.type                'Initial release' 
_pdbx_audit_revision_details.description         ? 
_pdbx_audit_revision_details.details             ? 
# 
loop_
_pdbx_audit_revision_group.ordinal 
_pdbx_audit_revision_group.revision_ordinal 
_pdbx_audit_revision_group.data_content_type 
_pdbx_audit_revision_group.group 
1 2 'Structure model' Advisory                    
2 2 'Structure model' 'Version format compliance' 
3 3 'Structure model' 'Database references'       
4 3 'Structure model' 'Derived calculations'      
5 4 'Structure model' 'Data collection'           
6 4 'Structure model' 'Refinement description'    
# 
loop_
_pdbx_audit_revision_category.ordinal 
_pdbx_audit_revision_category.revision_ordinal 
_pdbx_audit_revision_category.data_content_type 
_pdbx_audit_revision_category.category 
1 3 'Structure model' database_2                    
2 3 'Structure model' struct_conn                   
3 3 'Structure model' struct_ref_seq_dif            
4 3 'Structure model' struct_site                   
5 4 'Structure model' chem_comp_atom                
6 4 'Structure model' chem_comp_bond                
7 4 'Structure model' pdbx_initial_refinement_model 
# 
loop_
_pdbx_audit_revision_item.ordinal 
_pdbx_audit_revision_item.revision_ordinal 
_pdbx_audit_revision_item.data_content_type 
_pdbx_audit_revision_item.item 
1  3 'Structure model' '_database_2.pdbx_DOI'                
2  3 'Structure model' '_database_2.pdbx_database_accession' 
3  3 'Structure model' '_struct_conn.ptnr1_auth_asym_id'     
4  3 'Structure model' '_struct_conn.ptnr1_auth_comp_id'     
5  3 'Structure model' '_struct_conn.ptnr1_auth_seq_id'      
6  3 'Structure model' '_struct_conn.ptnr1_label_asym_id'    
7  3 'Structure model' '_struct_conn.ptnr1_label_atom_id'    
8  3 'Structure model' '_struct_conn.ptnr1_label_comp_id'    
9  3 'Structure model' '_struct_conn.ptnr1_label_seq_id'     
10 3 'Structure model' '_struct_conn.ptnr2_auth_asym_id'     
11 3 'Structure model' '_struct_conn.ptnr2_auth_comp_id'     
12 3 'Structure model' '_struct_conn.ptnr2_auth_seq_id'      
13 3 'Structure model' '_struct_conn.ptnr2_label_asym_id'    
14 3 'Structure model' '_struct_conn.ptnr2_label_atom_id'    
15 3 'Structure model' '_struct_conn.ptnr2_label_comp_id'    
16 3 'Structure model' '_struct_conn.ptnr2_label_seq_id'     
17 3 'Structure model' '_struct_ref_seq_dif.details'         
18 3 'Structure model' '_struct_site.pdbx_auth_asym_id'      
19 3 'Structure model' '_struct_site.pdbx_auth_comp_id'      
20 3 'Structure model' '_struct_site.pdbx_auth_seq_id'       
# 
loop_
_pdbx_refine_tls.id 
_pdbx_refine_tls.details 
_pdbx_refine_tls.method 
_pdbx_refine_tls.origin_x 
_pdbx_refine_tls.origin_y 
_pdbx_refine_tls.origin_z 
_pdbx_refine_tls.T[1][1] 
_pdbx_refine_tls.T[2][2] 
_pdbx_refine_tls.T[3][3] 
_pdbx_refine_tls.T[1][2] 
_pdbx_refine_tls.T[1][3] 
_pdbx_refine_tls.T[2][3] 
_pdbx_refine_tls.L[1][1] 
_pdbx_refine_tls.L[2][2] 
_pdbx_refine_tls.L[3][3] 
_pdbx_refine_tls.L[1][2] 
_pdbx_refine_tls.L[1][3] 
_pdbx_refine_tls.L[2][3] 
_pdbx_refine_tls.S[1][1] 
_pdbx_refine_tls.S[1][2] 
_pdbx_refine_tls.S[1][3] 
_pdbx_refine_tls.S[2][1] 
_pdbx_refine_tls.S[2][2] 
_pdbx_refine_tls.S[2][3] 
_pdbx_refine_tls.S[3][1] 
_pdbx_refine_tls.S[3][2] 
_pdbx_refine_tls.S[3][3] 
_pdbx_refine_tls.pdbx_refine_id 
1 ? refined 3.8457  -8.3157 3.5125   -0.2580 -0.2456 -0.2649 0.0133  0.0416 0.0180  4.2423  6.1467 15.2421 1.9007  -6.0052  -7.0537 -0.0342 0.0743  0.0223  0.0446  0.2196  0.2781  0.0175  -0.1882 -0.1854 'X-RAY DIFFRACTION' 
2 ? refined 4.8104  -0.5516 5.0600   -0.2422 -0.2375 -0.2344 -0.0042 0.0416 -0.0140 3.1626  2.4400 9.4530  -0.1225 -2.9894  -1.2817 -0.0684 -0.1044 0.0039  0.0148  -0.0573 -0.0623 0.0242  0.2973  0.1257  'X-RAY DIFFRACTION' 
3 ? refined -3.8592 1.7353  4.7342   -0.2433 -0.2162 -0.2502 -0.0047 0.0239 -0.0029 3.2020  3.8111 12.0857 2.1978  -3.3139  -1.1088 -0.1053 0.2404  0.0564  -0.0943 0.1108  0.0184  -0.3573 -0.4097 -0.0056 'X-RAY DIFFRACTION' 
4 ? refined -7.0333 -6.0942 2.3746   -0.2603 -0.1899 -0.2927 -0.0318 0.0230 0.0034  3.8339  1.7251 18.1882 0.6640  -1.7719  1.5613  0.0293  0.0212  -0.0493 0.0524  0.1117  0.0064  0.0820  0.2000  -0.1410 'X-RAY DIFFRACTION' 
5 ? refined 0.9820  15.0040 -15.5228 -0.0870 -0.1189 -0.1477 0.1042  0.0374 0.0701  14.3329 2.7412 17.1803 2.0888  -12.5609 -1.3815 -0.4095 0.0638  -0.4330 0.0354  0.2152  0.0604  0.9621  0.0215  0.1942  'X-RAY DIFFRACTION' 
# 
loop_
_pdbx_refine_tls_group.id 
_pdbx_refine_tls_group.refine_tls_id 
_pdbx_refine_tls_group.beg_auth_asym_id 
_pdbx_refine_tls_group.beg_auth_seq_id 
_pdbx_refine_tls_group.beg_label_asym_id 
_pdbx_refine_tls_group.beg_label_seq_id 
_pdbx_refine_tls_group.end_auth_asym_id 
_pdbx_refine_tls_group.end_auth_seq_id 
_pdbx_refine_tls_group.end_label_asym_id 
_pdbx_refine_tls_group.end_label_seq_id 
_pdbx_refine_tls_group.selection 
_pdbx_refine_tls_group.pdbx_refine_id 
_pdbx_refine_tls_group.selection_details 
1 1 A 1 A 1 A 32 A 32 ? 'X-RAY DIFFRACTION' ? 
2 2 B 1 B 1 B 34 B 34 ? 'X-RAY DIFFRACTION' ? 
3 3 C 1 C 1 C 31 C 31 ? 'X-RAY DIFFRACTION' ? 
4 4 D 1 D 1 D 32 D 32 ? 'X-RAY DIFFRACTION' ? 
5 5 E 3 E 3 E 31 E 31 ? 'X-RAY DIFFRACTION' ? 
# 
loop_
_software.name 
_software.classification 
_software.version 
_software.citation_id 
_software.pdbx_ordinal 
REFMAC    refinement        5.2.0019 ? 1 
MAR345dtb 'data collection' .        ? 2 
DENZO     'data reduction'  .        ? 3 
SCALEPACK 'data scaling'    .        ? 4 
PHASER    phasing           .        ? 5 
# 
_pdbx_validate_close_contact.id               1 
_pdbx_validate_close_contact.PDB_model_num    1 
_pdbx_validate_close_contact.auth_atom_id_1   O 
_pdbx_validate_close_contact.auth_asym_id_1   A 
_pdbx_validate_close_contact.auth_comp_id_1   HOH 
_pdbx_validate_close_contact.auth_seq_id_1    41 
_pdbx_validate_close_contact.PDB_ins_code_1   ? 
_pdbx_validate_close_contact.label_alt_id_1   ? 
_pdbx_validate_close_contact.auth_atom_id_2   O 
_pdbx_validate_close_contact.auth_asym_id_2   A 
_pdbx_validate_close_contact.auth_comp_id_2   HOH 
_pdbx_validate_close_contact.auth_seq_id_2    66 
_pdbx_validate_close_contact.PDB_ins_code_2   ? 
_pdbx_validate_close_contact.label_alt_id_2   ? 
_pdbx_validate_close_contact.dist             1.92 
# 
_pdbx_validate_rmsd_bond.id                        1 
_pdbx_validate_rmsd_bond.PDB_model_num             1 
_pdbx_validate_rmsd_bond.auth_atom_id_1            C 
_pdbx_validate_rmsd_bond.auth_asym_id_1            D 
_pdbx_validate_rmsd_bond.auth_comp_id_1            GLY 
_pdbx_validate_rmsd_bond.auth_seq_id_1             32 
_pdbx_validate_rmsd_bond.PDB_ins_code_1            ? 
_pdbx_validate_rmsd_bond.label_alt_id_1            ? 
_pdbx_validate_rmsd_bond.auth_atom_id_2            O 
_pdbx_validate_rmsd_bond.auth_asym_id_2            D 
_pdbx_validate_rmsd_bond.auth_comp_id_2            GLY 
_pdbx_validate_rmsd_bond.auth_seq_id_2             32 
_pdbx_validate_rmsd_bond.PDB_ins_code_2            ? 
_pdbx_validate_rmsd_bond.label_alt_id_2            ? 
_pdbx_validate_rmsd_bond.bond_value                1.361 
_pdbx_validate_rmsd_bond.bond_target_value         1.232 
_pdbx_validate_rmsd_bond.bond_deviation            0.129 
_pdbx_validate_rmsd_bond.bond_standard_deviation   0.016 
_pdbx_validate_rmsd_bond.linker_flag               N 
# 
loop_
_pdbx_unobs_or_zero_occ_residues.id 
_pdbx_unobs_or_zero_occ_residues.PDB_model_num 
_pdbx_unobs_or_zero_occ_residues.polymer_flag 
_pdbx_unobs_or_zero_occ_residues.occupancy_flag 
_pdbx_unobs_or_zero_occ_residues.auth_asym_id 
_pdbx_unobs_or_zero_occ_residues.auth_comp_id 
_pdbx_unobs_or_zero_occ_residues.auth_seq_id 
_pdbx_unobs_or_zero_occ_residues.PDB_ins_code 
_pdbx_unobs_or_zero_occ_residues.label_asym_id 
_pdbx_unobs_or_zero_occ_residues.label_comp_id 
_pdbx_unobs_or_zero_occ_residues.label_seq_id 
1  1 Y 1 A GLU 33 ? A GLU 33 
2  1 Y 1 A ARG 34 ? A ARG 34 
3  1 Y 1 C GLY 32 ? C GLY 32 
4  1 Y 1 C GLU 33 ? C GLU 33 
5  1 Y 1 C ARG 34 ? C ARG 34 
6  1 Y 1 D GLU 33 ? D GLU 33 
7  1 Y 1 D ARG 34 ? D ARG 34 
8  1 Y 1 E MET 1  ? E MET 1  
9  1 Y 1 E LYS 2  ? E LYS 2  
10 1 Y 1 E GLY 32 ? E GLY 32 
11 1 Y 1 E GLU 33 ? E GLU 33 
12 1 Y 1 E ARG 34 ? E ARG 34 
# 
loop_
_chem_comp_atom.comp_id 
_chem_comp_atom.atom_id 
_chem_comp_atom.type_symbol 
_chem_comp_atom.pdbx_aromatic_flag 
_chem_comp_atom.pdbx_stereo_config 
_chem_comp_atom.pdbx_ordinal 
ALA N    N  N N 1   
ALA CA   C  N S 2   
ALA C    C  N N 3   
ALA O    O  N N 4   
ALA CB   C  N N 5   
ALA OXT  O  N N 6   
ALA H    H  N N 7   
ALA H2   H  N N 8   
ALA HA   H  N N 9   
ALA HB1  H  N N 10  
ALA HB2  H  N N 11  
ALA HB3  H  N N 12  
ALA HXT  H  N N 13  
ARG N    N  N N 14  
ARG CA   C  N S 15  
ARG C    C  N N 16  
ARG O    O  N N 17  
ARG CB   C  N N 18  
ARG CG   C  N N 19  
ARG CD   C  N N 20  
ARG NE   N  N N 21  
ARG CZ   C  N N 22  
ARG NH1  N  N N 23  
ARG NH2  N  N N 24  
ARG OXT  O  N N 25  
ARG H    H  N N 26  
ARG H2   H  N N 27  
ARG HA   H  N N 28  
ARG HB2  H  N N 29  
ARG HB3  H  N N 30  
ARG HG2  H  N N 31  
ARG HG3  H  N N 32  
ARG HD2  H  N N 33  
ARG HD3  H  N N 34  
ARG HE   H  N N 35  
ARG HH11 H  N N 36  
ARG HH12 H  N N 37  
ARG HH21 H  N N 38  
ARG HH22 H  N N 39  
ARG HXT  H  N N 40  
ASN N    N  N N 41  
ASN CA   C  N S 42  
ASN C    C  N N 43  
ASN O    O  N N 44  
ASN CB   C  N N 45  
ASN CG   C  N N 46  
ASN OD1  O  N N 47  
ASN ND2  N  N N 48  
ASN OXT  O  N N 49  
ASN H    H  N N 50  
ASN H2   H  N N 51  
ASN HA   H  N N 52  
ASN HB2  H  N N 53  
ASN HB3  H  N N 54  
ASN HD21 H  N N 55  
ASN HD22 H  N N 56  
ASN HXT  H  N N 57  
ASP N    N  N N 58  
ASP CA   C  N S 59  
ASP C    C  N N 60  
ASP O    O  N N 61  
ASP CB   C  N N 62  
ASP CG   C  N N 63  
ASP OD1  O  N N 64  
ASP OD2  O  N N 65  
ASP OXT  O  N N 66  
ASP H    H  N N 67  
ASP H2   H  N N 68  
ASP HA   H  N N 69  
ASP HB2  H  N N 70  
ASP HB3  H  N N 71  
ASP HD2  H  N N 72  
ASP HXT  H  N N 73  
GLN N    N  N N 74  
GLN CA   C  N S 75  
GLN C    C  N N 76  
GLN O    O  N N 77  
GLN CB   C  N N 78  
GLN CG   C  N N 79  
GLN CD   C  N N 80  
GLN OE1  O  N N 81  
GLN NE2  N  N N 82  
GLN OXT  O  N N 83  
GLN H    H  N N 84  
GLN H2   H  N N 85  
GLN HA   H  N N 86  
GLN HB2  H  N N 87  
GLN HB3  H  N N 88  
GLN HG2  H  N N 89  
GLN HG3  H  N N 90  
GLN HE21 H  N N 91  
GLN HE22 H  N N 92  
GLN HXT  H  N N 93  
GLU N    N  N N 94  
GLU CA   C  N S 95  
GLU C    C  N N 96  
GLU O    O  N N 97  
GLU CB   C  N N 98  
GLU CG   C  N N 99  
GLU CD   C  N N 100 
GLU OE1  O  N N 101 
GLU OE2  O  N N 102 
GLU OXT  O  N N 103 
GLU H    H  N N 104 
GLU H2   H  N N 105 
GLU HA   H  N N 106 
GLU HB2  H  N N 107 
GLU HB3  H  N N 108 
GLU HG2  H  N N 109 
GLU HG3  H  N N 110 
GLU HE2  H  N N 111 
GLU HXT  H  N N 112 
GLY N    N  N N 113 
GLY CA   C  N N 114 
GLY C    C  N N 115 
GLY O    O  N N 116 
GLY OXT  O  N N 117 
GLY H    H  N N 118 
GLY H2   H  N N 119 
GLY HA2  H  N N 120 
GLY HA3  H  N N 121 
GLY HXT  H  N N 122 
HIS N    N  N N 123 
HIS CA   C  N S 124 
HIS C    C  N N 125 
HIS O    O  N N 126 
HIS CB   C  N N 127 
HIS CG   C  Y N 128 
HIS ND1  N  Y N 129 
HIS CD2  C  Y N 130 
HIS CE1  C  Y N 131 
HIS NE2  N  Y N 132 
HIS OXT  O  N N 133 
HIS H    H  N N 134 
HIS H2   H  N N 135 
HIS HA   H  N N 136 
HIS HB2  H  N N 137 
HIS HB3  H  N N 138 
HIS HD1  H  N N 139 
HIS HD2  H  N N 140 
HIS HE1  H  N N 141 
HIS HE2  H  N N 142 
HIS HXT  H  N N 143 
HOH O    O  N N 144 
HOH H1   H  N N 145 
HOH H2   H  N N 146 
LEU N    N  N N 147 
LEU CA   C  N S 148 
LEU C    C  N N 149 
LEU O    O  N N 150 
LEU CB   C  N N 151 
LEU CG   C  N N 152 
LEU CD1  C  N N 153 
LEU CD2  C  N N 154 
LEU OXT  O  N N 155 
LEU H    H  N N 156 
LEU H2   H  N N 157 
LEU HA   H  N N 158 
LEU HB2  H  N N 159 
LEU HB3  H  N N 160 
LEU HG   H  N N 161 
LEU HD11 H  N N 162 
LEU HD12 H  N N 163 
LEU HD13 H  N N 164 
LEU HD21 H  N N 165 
LEU HD22 H  N N 166 
LEU HD23 H  N N 167 
LEU HXT  H  N N 168 
LYS N    N  N N 169 
LYS CA   C  N S 170 
LYS C    C  N N 171 
LYS O    O  N N 172 
LYS CB   C  N N 173 
LYS CG   C  N N 174 
LYS CD   C  N N 175 
LYS CE   C  N N 176 
LYS NZ   N  N N 177 
LYS OXT  O  N N 178 
LYS H    H  N N 179 
LYS H2   H  N N 180 
LYS HA   H  N N 181 
LYS HB2  H  N N 182 
LYS HB3  H  N N 183 
LYS HG2  H  N N 184 
LYS HG3  H  N N 185 
LYS HD2  H  N N 186 
LYS HD3  H  N N 187 
LYS HE2  H  N N 188 
LYS HE3  H  N N 189 
LYS HZ1  H  N N 190 
LYS HZ2  H  N N 191 
LYS HZ3  H  N N 192 
LYS HXT  H  N N 193 
MET N    N  N N 194 
MET CA   C  N S 195 
MET C    C  N N 196 
MET O    O  N N 197 
MET CB   C  N N 198 
MET CG   C  N N 199 
MET SD   S  N N 200 
MET CE   C  N N 201 
MET OXT  O  N N 202 
MET H    H  N N 203 
MET H2   H  N N 204 
MET HA   H  N N 205 
MET HB2  H  N N 206 
MET HB3  H  N N 207 
MET HG2  H  N N 208 
MET HG3  H  N N 209 
MET HE1  H  N N 210 
MET HE2  H  N N 211 
MET HE3  H  N N 212 
MET HXT  H  N N 213 
NA  NA   NA N N 214 
SER N    N  N N 215 
SER CA   C  N S 216 
SER C    C  N N 217 
SER O    O  N N 218 
SER CB   C  N N 219 
SER OG   O  N N 220 
SER OXT  O  N N 221 
SER H    H  N N 222 
SER H2   H  N N 223 
SER HA   H  N N 224 
SER HB2  H  N N 225 
SER HB3  H  N N 226 
SER HG   H  N N 227 
SER HXT  H  N N 228 
TYR N    N  N N 229 
TYR CA   C  N S 230 
TYR C    C  N N 231 
TYR O    O  N N 232 
TYR CB   C  N N 233 
TYR CG   C  Y N 234 
TYR CD1  C  Y N 235 
TYR CD2  C  Y N 236 
TYR CE1  C  Y N 237 
TYR CE2  C  Y N 238 
TYR CZ   C  Y N 239 
TYR OH   O  N N 240 
TYR OXT  O  N N 241 
TYR H    H  N N 242 
TYR H2   H  N N 243 
TYR HA   H  N N 244 
TYR HB2  H  N N 245 
TYR HB3  H  N N 246 
TYR HD1  H  N N 247 
TYR HD2  H  N N 248 
TYR HE1  H  N N 249 
TYR HE2  H  N N 250 
TYR HH   H  N N 251 
TYR HXT  H  N N 252 
VAL N    N  N N 253 
VAL CA   C  N S 254 
VAL C    C  N N 255 
VAL O    O  N N 256 
VAL CB   C  N N 257 
VAL CG1  C  N N 258 
VAL CG2  C  N N 259 
VAL OXT  O  N N 260 
VAL H    H  N N 261 
VAL H2   H  N N 262 
VAL HA   H  N N 263 
VAL HB   H  N N 264 
VAL HG11 H  N N 265 
VAL HG12 H  N N 266 
VAL HG13 H  N N 267 
VAL HG21 H  N N 268 
VAL HG22 H  N N 269 
VAL HG23 H  N N 270 
VAL HXT  H  N N 271 
# 
loop_
_chem_comp_bond.comp_id 
_chem_comp_bond.atom_id_1 
_chem_comp_bond.atom_id_2 
_chem_comp_bond.value_order 
_chem_comp_bond.pdbx_aromatic_flag 
_chem_comp_bond.pdbx_stereo_config 
_chem_comp_bond.pdbx_ordinal 
ALA N   CA   sing N N 1   
ALA N   H    sing N N 2   
ALA N   H2   sing N N 3   
ALA CA  C    sing N N 4   
ALA CA  CB   sing N N 5   
ALA CA  HA   sing N N 6   
ALA C   O    doub N N 7   
ALA C   OXT  sing N N 8   
ALA CB  HB1  sing N N 9   
ALA CB  HB2  sing N N 10  
ALA CB  HB3  sing N N 11  
ALA OXT HXT  sing N N 12  
ARG N   CA   sing N N 13  
ARG N   H    sing N N 14  
ARG N   H2   sing N N 15  
ARG CA  C    sing N N 16  
ARG CA  CB   sing N N 17  
ARG CA  HA   sing N N 18  
ARG C   O    doub N N 19  
ARG C   OXT  sing N N 20  
ARG CB  CG   sing N N 21  
ARG CB  HB2  sing N N 22  
ARG CB  HB3  sing N N 23  
ARG CG  CD   sing N N 24  
ARG CG  HG2  sing N N 25  
ARG CG  HG3  sing N N 26  
ARG CD  NE   sing N N 27  
ARG CD  HD2  sing N N 28  
ARG CD  HD3  sing N N 29  
ARG NE  CZ   sing N N 30  
ARG NE  HE   sing N N 31  
ARG CZ  NH1  sing N N 32  
ARG CZ  NH2  doub N N 33  
ARG NH1 HH11 sing N N 34  
ARG NH1 HH12 sing N N 35  
ARG NH2 HH21 sing N N 36  
ARG NH2 HH22 sing N N 37  
ARG OXT HXT  sing N N 38  
ASN N   CA   sing N N 39  
ASN N   H    sing N N 40  
ASN N   H2   sing N N 41  
ASN CA  C    sing N N 42  
ASN CA  CB   sing N N 43  
ASN CA  HA   sing N N 44  
ASN C   O    doub N N 45  
ASN C   OXT  sing N N 46  
ASN CB  CG   sing N N 47  
ASN CB  HB2  sing N N 48  
ASN CB  HB3  sing N N 49  
ASN CG  OD1  doub N N 50  
ASN CG  ND2  sing N N 51  
ASN ND2 HD21 sing N N 52  
ASN ND2 HD22 sing N N 53  
ASN OXT HXT  sing N N 54  
ASP N   CA   sing N N 55  
ASP N   H    sing N N 56  
ASP N   H2   sing N N 57  
ASP CA  C    sing N N 58  
ASP CA  CB   sing N N 59  
ASP CA  HA   sing N N 60  
ASP C   O    doub N N 61  
ASP C   OXT  sing N N 62  
ASP CB  CG   sing N N 63  
ASP CB  HB2  sing N N 64  
ASP CB  HB3  sing N N 65  
ASP CG  OD1  doub N N 66  
ASP CG  OD2  sing N N 67  
ASP OD2 HD2  sing N N 68  
ASP OXT HXT  sing N N 69  
GLN N   CA   sing N N 70  
GLN N   H    sing N N 71  
GLN N   H2   sing N N 72  
GLN CA  C    sing N N 73  
GLN CA  CB   sing N N 74  
GLN CA  HA   sing N N 75  
GLN C   O    doub N N 76  
GLN C   OXT  sing N N 77  
GLN CB  CG   sing N N 78  
GLN CB  HB2  sing N N 79  
GLN CB  HB3  sing N N 80  
GLN CG  CD   sing N N 81  
GLN CG  HG2  sing N N 82  
GLN CG  HG3  sing N N 83  
GLN CD  OE1  doub N N 84  
GLN CD  NE2  sing N N 85  
GLN NE2 HE21 sing N N 86  
GLN NE2 HE22 sing N N 87  
GLN OXT HXT  sing N N 88  
GLU N   CA   sing N N 89  
GLU N   H    sing N N 90  
GLU N   H2   sing N N 91  
GLU CA  C    sing N N 92  
GLU CA  CB   sing N N 93  
GLU CA  HA   sing N N 94  
GLU C   O    doub N N 95  
GLU C   OXT  sing N N 96  
GLU CB  CG   sing N N 97  
GLU CB  HB2  sing N N 98  
GLU CB  HB3  sing N N 99  
GLU CG  CD   sing N N 100 
GLU CG  HG2  sing N N 101 
GLU CG  HG3  sing N N 102 
GLU CD  OE1  doub N N 103 
GLU CD  OE2  sing N N 104 
GLU OE2 HE2  sing N N 105 
GLU OXT HXT  sing N N 106 
GLY N   CA   sing N N 107 
GLY N   H    sing N N 108 
GLY N   H2   sing N N 109 
GLY CA  C    sing N N 110 
GLY CA  HA2  sing N N 111 
GLY CA  HA3  sing N N 112 
GLY C   O    doub N N 113 
GLY C   OXT  sing N N 114 
GLY OXT HXT  sing N N 115 
HIS N   CA   sing N N 116 
HIS N   H    sing N N 117 
HIS N   H2   sing N N 118 
HIS CA  C    sing N N 119 
HIS CA  CB   sing N N 120 
HIS CA  HA   sing N N 121 
HIS C   O    doub N N 122 
HIS C   OXT  sing N N 123 
HIS CB  CG   sing N N 124 
HIS CB  HB2  sing N N 125 
HIS CB  HB3  sing N N 126 
HIS CG  ND1  sing Y N 127 
HIS CG  CD2  doub Y N 128 
HIS ND1 CE1  doub Y N 129 
HIS ND1 HD1  sing N N 130 
HIS CD2 NE2  sing Y N 131 
HIS CD2 HD2  sing N N 132 
HIS CE1 NE2  sing Y N 133 
HIS CE1 HE1  sing N N 134 
HIS NE2 HE2  sing N N 135 
HIS OXT HXT  sing N N 136 
HOH O   H1   sing N N 137 
HOH O   H2   sing N N 138 
LEU N   CA   sing N N 139 
LEU N   H    sing N N 140 
LEU N   H2   sing N N 141 
LEU CA  C    sing N N 142 
LEU CA  CB   sing N N 143 
LEU CA  HA   sing N N 144 
LEU C   O    doub N N 145 
LEU C   OXT  sing N N 146 
LEU CB  CG   sing N N 147 
LEU CB  HB2  sing N N 148 
LEU CB  HB3  sing N N 149 
LEU CG  CD1  sing N N 150 
LEU CG  CD2  sing N N 151 
LEU CG  HG   sing N N 152 
LEU CD1 HD11 sing N N 153 
LEU CD1 HD12 sing N N 154 
LEU CD1 HD13 sing N N 155 
LEU CD2 HD21 sing N N 156 
LEU CD2 HD22 sing N N 157 
LEU CD2 HD23 sing N N 158 
LEU OXT HXT  sing N N 159 
LYS N   CA   sing N N 160 
LYS N   H    sing N N 161 
LYS N   H2   sing N N 162 
LYS CA  C    sing N N 163 
LYS CA  CB   sing N N 164 
LYS CA  HA   sing N N 165 
LYS C   O    doub N N 166 
LYS C   OXT  sing N N 167 
LYS CB  CG   sing N N 168 
LYS CB  HB2  sing N N 169 
LYS CB  HB3  sing N N 170 
LYS CG  CD   sing N N 171 
LYS CG  HG2  sing N N 172 
LYS CG  HG3  sing N N 173 
LYS CD  CE   sing N N 174 
LYS CD  HD2  sing N N 175 
LYS CD  HD3  sing N N 176 
LYS CE  NZ   sing N N 177 
LYS CE  HE2  sing N N 178 
LYS CE  HE3  sing N N 179 
LYS NZ  HZ1  sing N N 180 
LYS NZ  HZ2  sing N N 181 
LYS NZ  HZ3  sing N N 182 
LYS OXT HXT  sing N N 183 
MET N   CA   sing N N 184 
MET N   H    sing N N 185 
MET N   H2   sing N N 186 
MET CA  C    sing N N 187 
MET CA  CB   sing N N 188 
MET CA  HA   sing N N 189 
MET C   O    doub N N 190 
MET C   OXT  sing N N 191 
MET CB  CG   sing N N 192 
MET CB  HB2  sing N N 193 
MET CB  HB3  sing N N 194 
MET CG  SD   sing N N 195 
MET CG  HG2  sing N N 196 
MET CG  HG3  sing N N 197 
MET SD  CE   sing N N 198 
MET CE  HE1  sing N N 199 
MET CE  HE2  sing N N 200 
MET CE  HE3  sing N N 201 
MET OXT HXT  sing N N 202 
SER N   CA   sing N N 203 
SER N   H    sing N N 204 
SER N   H2   sing N N 205 
SER CA  C    sing N N 206 
SER CA  CB   sing N N 207 
SER CA  HA   sing N N 208 
SER C   O    doub N N 209 
SER C   OXT  sing N N 210 
SER CB  OG   sing N N 211 
SER CB  HB2  sing N N 212 
SER CB  HB3  sing N N 213 
SER OG  HG   sing N N 214 
SER OXT HXT  sing N N 215 
TYR N   CA   sing N N 216 
TYR N   H    sing N N 217 
TYR N   H2   sing N N 218 
TYR CA  C    sing N N 219 
TYR CA  CB   sing N N 220 
TYR CA  HA   sing N N 221 
TYR C   O    doub N N 222 
TYR C   OXT  sing N N 223 
TYR CB  CG   sing N N 224 
TYR CB  HB2  sing N N 225 
TYR CB  HB3  sing N N 226 
TYR CG  CD1  doub Y N 227 
TYR CG  CD2  sing Y N 228 
TYR CD1 CE1  sing Y N 229 
TYR CD1 HD1  sing N N 230 
TYR CD2 CE2  doub Y N 231 
TYR CD2 HD2  sing N N 232 
TYR CE1 CZ   doub Y N 233 
TYR CE1 HE1  sing N N 234 
TYR CE2 CZ   sing Y N 235 
TYR CE2 HE2  sing N N 236 
TYR CZ  OH   sing N N 237 
TYR OH  HH   sing N N 238 
TYR OXT HXT  sing N N 239 
VAL N   CA   sing N N 240 
VAL N   H    sing N N 241 
VAL N   H2   sing N N 242 
VAL CA  C    sing N N 243 
VAL CA  CB   sing N N 244 
VAL CA  HA   sing N N 245 
VAL C   O    doub N N 246 
VAL C   OXT  sing N N 247 
VAL CB  CG1  sing N N 248 
VAL CB  CG2  sing N N 249 
VAL CB  HB   sing N N 250 
VAL CG1 HG11 sing N N 251 
VAL CG1 HG12 sing N N 252 
VAL CG1 HG13 sing N N 253 
VAL CG2 HG21 sing N N 254 
VAL CG2 HG22 sing N N 255 
VAL CG2 HG23 sing N N 256 
VAL OXT HXT  sing N N 257 
# 
loop_
_pdbx_entity_nonpoly.entity_id 
_pdbx_entity_nonpoly.name 
_pdbx_entity_nonpoly.comp_id 
3 'SODIUM ION' NA  
4 water        HOH 
# 
_pdbx_initial_refinement_model.id               1 
_pdbx_initial_refinement_model.entity_id_list   ? 
_pdbx_initial_refinement_model.type             'experimental model' 
_pdbx_initial_refinement_model.source_name      PDB 
_pdbx_initial_refinement_model.accession_code   2NRN 
_pdbx_initial_refinement_model.details          'PDB ENTRY 2NRN' 
# 
